data_4MJI
#
_entry.id   4MJI
#
_cell.length_a   45.510
_cell.length_b   88.870
_cell.length_c   129.270
_cell.angle_alpha   102.910
_cell.angle_beta   95.920
_cell.angle_gamma   90.090
#
_symmetry.space_group_name_H-M   'P 1'
#
loop_
_entity.id
_entity.type
_entity.pdbx_description
1 polymer 'HLA class I histocompatibility antigen, B-51 alpha chain'
2 polymer Beta-2-microglobulin
3 polymer 'HIV Reverse Transcriptase peptide Marker'
4 polymer 'T-Cell Receptor Chain alpha'
5 polymer 'T-cell Receptor Beta chain'
#
loop_
_entity_poly.entity_id
_entity_poly.type
_entity_poly.pdbx_seq_one_letter_code
_entity_poly.pdbx_strand_id
1 'polypeptide(L)'
;GSHSMRYFYTAMSRPGRGEPRFIAVGYVDDTQFVRFDSDAASPRTEPRAPWIEQEGPEYWDRNTQIFKTNTQTYRENLRI
ALRYYNQSEAGSHTWQTMYGCDVGPDGRLLRGHNQYAYDGKDYIALNEDLSSWTAADTAAQITQRKWEAAREAEQLRAYL
EGLCVEWLRRHLENGKETLQRADPPKTHVTHHPVSDHEATLRCWALGFYPAEITLTWQRDGEDQTQDTELVETRPAGDRT
FQKWAAVVVPSGEEQRYTCHVQHEGLPKPLTLRWEP
;
A,F
2 'polypeptide(L)'
;IQRTPKIQVYSRHPAENGKSNFLNCYVSGFHPSDIEVDLLKNGERIEKVEHSDLSFSKDWSFYLLYYTEFTPTEKDEYAC
RVNHVTLSQPKIVKWDRDM
;
B,G
3 'polypeptide(L)' TAFTIPSI C,H
4 'polypeptide(L)'
;GEEDPQALSIQEGENATMNCSYKTSINNLQWYRQNSGRGLVHLILIRSNEREKHSGRLRVTLDTSKKSSSLLITASRAAD
TASYFCATDDDSARQLTFGSGTQLTVLPDIQNPDPAVYQLRDSKSSDKSVCLFTDFDSQTNVSQSKDSDVYITDKCVLDM
RSMDFKSNSAVAWSNKSDFACANAFNNSIIPEDTF
;
D,I
5 'polypeptide(L)'
;AGVSQTPSNKVTEKGKYVELRCDPISGHTALYWYRQSLGQGPEFLIYFQGTGAADDSGLPNDRFFAVRPEGSVSTLKIQR
TERGDSAVYLCASSLTGGGELFFGEGSRLTVLEDLKNVFPPEVAVFEPSEAEISHTQKATLVCLATGFYPDHVELSWWVN
GKEVHSGVCTDPQPLKEQPALNDSRYALSSRLRVSATFWQDPRNHFRCQVQFYGLSENDEWTQDRAKPVTQIVSAEAWGR
AD
;
E,J
#
# COMPACT_ATOMS: atom_id res chain seq x y z
N GLY A 1 50.09 2.56 -9.48
CA GLY A 1 49.37 2.01 -10.67
C GLY A 1 48.23 1.09 -10.27
N SER A 2 47.49 0.62 -11.27
CA SER A 2 46.53 -0.49 -11.18
C SER A 2 45.67 -0.66 -9.92
N HIS A 3 45.19 0.42 -9.33
CA HIS A 3 44.14 0.28 -8.33
C HIS A 3 42.79 0.16 -9.01
N SER A 4 41.74 -0.17 -8.26
CA SER A 4 40.43 -0.41 -8.83
C SER A 4 39.31 -0.28 -7.79
N MET A 5 38.12 0.14 -8.22
CA MET A 5 36.92 0.09 -7.37
C MET A 5 35.86 -0.73 -8.06
N ARG A 6 35.32 -1.73 -7.35
CA ARG A 6 34.37 -2.67 -7.94
C ARG A 6 33.17 -2.86 -7.05
N TYR A 7 32.01 -2.92 -7.69
CA TYR A 7 30.79 -3.20 -7.00
C TYR A 7 30.25 -4.52 -7.56
N PHE A 8 29.52 -5.27 -6.73
CA PHE A 8 29.02 -6.58 -7.09
C PHE A 8 27.57 -6.62 -6.60
N TYR A 9 26.67 -6.91 -7.54
CA TYR A 9 25.22 -6.84 -7.32
C TYR A 9 24.63 -8.21 -7.50
N THR A 10 23.77 -8.62 -6.56
CA THR A 10 23.04 -9.87 -6.73
C THR A 10 21.59 -9.67 -6.34
N ALA A 11 20.66 -10.05 -7.21
CA ALA A 11 19.24 -9.96 -6.93
C ALA A 11 18.49 -11.22 -7.32
N MET A 12 17.53 -11.65 -6.52
CA MET A 12 16.82 -12.84 -6.94
C MET A 12 15.39 -12.90 -6.55
N SER A 13 14.65 -13.63 -7.37
CA SER A 13 13.30 -14.00 -7.10
C SER A 13 13.26 -14.91 -5.94
N ARG A 14 12.14 -14.92 -5.23
CA ARG A 14 11.89 -15.97 -4.26
C ARG A 14 10.40 -16.36 -4.30
N PRO A 15 9.91 -16.82 -5.50
CA PRO A 15 8.52 -17.22 -5.57
C PRO A 15 8.25 -18.25 -4.51
N GLY A 16 7.11 -18.14 -3.84
CA GLY A 16 6.72 -19.08 -2.79
C GLY A 16 7.20 -18.66 -1.43
N ARG A 17 8.21 -17.80 -1.38
CA ARG A 17 8.79 -17.42 -0.10
C ARG A 17 8.69 -15.93 0.20
N GLY A 18 9.01 -15.08 -0.77
CA GLY A 18 8.90 -13.63 -0.59
C GLY A 18 9.38 -12.74 -1.73
N GLU A 19 9.43 -11.43 -1.44
CA GLU A 19 9.85 -10.40 -2.39
C GLU A 19 11.21 -10.62 -2.92
N PRO A 20 11.45 -10.25 -4.20
CA PRO A 20 12.80 -10.38 -4.70
C PRO A 20 13.71 -9.74 -3.69
N ARG A 21 15.01 -9.90 -3.86
CA ARG A 21 15.92 -9.44 -2.83
C ARG A 21 17.17 -8.97 -3.52
N PHE A 22 17.84 -7.98 -2.95
CA PHE A 22 18.89 -7.32 -3.69
C PHE A 22 20.00 -7.03 -2.74
N ILE A 23 21.21 -7.37 -3.16
CA ILE A 23 22.39 -7.27 -2.31
C ILE A 23 23.51 -6.73 -3.12
N ALA A 24 24.27 -5.86 -2.50
CA ALA A 24 25.37 -5.17 -3.14
C ALA A 24 26.57 -5.04 -2.18
N VAL A 25 27.75 -5.14 -2.76
CA VAL A 25 28.97 -5.14 -2.01
C VAL A 25 30.00 -4.36 -2.81
N GLY A 26 30.74 -3.46 -2.18
CA GLY A 26 31.83 -2.77 -2.85
C GLY A 26 33.22 -3.03 -2.25
N TYR A 27 34.19 -3.18 -3.15
CA TYR A 27 35.58 -3.40 -2.79
C TYR A 27 36.43 -2.29 -3.38
N VAL A 28 37.60 -2.08 -2.78
CA VAL A 28 38.68 -1.35 -3.37
C VAL A 28 39.77 -2.39 -3.44
N ASP A 29 40.12 -2.80 -4.67
CA ASP A 29 41.07 -3.88 -4.86
C ASP A 29 40.49 -5.10 -4.14
N ASP A 30 41.17 -5.59 -3.10
CA ASP A 30 40.72 -6.79 -2.38
C ASP A 30 40.22 -6.51 -0.97
N THR A 31 39.92 -5.25 -0.71
CA THR A 31 39.33 -4.87 0.56
C THR A 31 37.90 -4.42 0.33
N GLN A 32 36.92 -5.21 0.77
CA GLN A 32 35.53 -4.77 0.77
C GLN A 32 35.33 -3.58 1.72
N PHE A 33 34.54 -2.58 1.29
CA PHE A 33 34.32 -1.40 2.12
C PHE A 33 32.89 -1.03 2.44
N VAL A 34 31.91 -1.54 1.70
CA VAL A 34 30.51 -1.11 1.87
C VAL A 34 29.57 -2.28 1.63
N ARG A 35 28.37 -2.26 2.23
CA ARG A 35 27.35 -3.27 1.91
C ARG A 35 25.92 -2.70 1.94
N PHE A 36 25.01 -3.39 1.25
CA PHE A 36 23.60 -3.05 1.27
C PHE A 36 22.80 -4.33 1.11
N ASP A 37 21.73 -4.50 1.88
CA ASP A 37 20.92 -5.72 1.81
C ASP A 37 19.44 -5.39 1.88
N SER A 38 18.73 -5.59 0.77
CA SER A 38 17.31 -5.31 0.65
C SER A 38 16.48 -5.78 1.81
N ASP A 39 16.80 -6.97 2.36
CA ASP A 39 15.94 -7.59 3.40
C ASP A 39 16.11 -6.99 4.76
N ALA A 40 16.90 -5.93 4.87
CA ALA A 40 17.22 -5.39 6.17
C ALA A 40 15.92 -4.86 6.74
N ALA A 41 15.90 -4.65 8.06
CA ALA A 41 14.77 -3.99 8.72
C ALA A 41 14.32 -2.81 7.83
N SER A 42 15.15 -1.76 7.80
CA SER A 42 15.02 -0.62 6.89
C SER A 42 16.33 -0.53 6.13
N PRO A 43 16.39 -1.12 4.94
CA PRO A 43 17.64 -1.23 4.22
C PRO A 43 18.47 0.04 4.26
N ARG A 44 19.74 -0.06 4.63
CA ARG A 44 20.61 1.11 4.59
C ARG A 44 22.03 0.70 4.19
N THR A 45 22.78 1.64 3.63
CA THR A 45 24.13 1.39 3.20
C THR A 45 25.00 1.42 4.44
N GLU A 46 25.74 0.33 4.68
CA GLU A 46 26.59 0.22 5.87
C GLU A 46 28.06 0.02 5.53
N PRO A 47 28.95 0.49 6.41
CA PRO A 47 30.37 0.38 6.11
C PRO A 47 30.89 -1.01 6.42
N ARG A 48 32.09 -1.33 5.89
CA ARG A 48 32.74 -2.63 6.02
C ARG A 48 34.22 -2.48 6.24
N ALA A 49 34.78 -1.39 5.76
CA ALA A 49 36.14 -1.02 6.16
C ALA A 49 36.12 0.17 7.14
N PRO A 50 37.01 0.17 8.15
CA PRO A 50 37.07 1.33 9.06
C PRO A 50 37.18 2.69 8.34
N TRP A 51 37.89 2.73 7.22
CA TRP A 51 38.34 4.00 6.66
C TRP A 51 37.28 4.82 5.93
N ILE A 52 36.13 4.21 5.68
CA ILE A 52 35.02 4.87 5.02
C ILE A 52 34.08 5.41 6.09
N GLU A 53 34.22 4.97 7.31
CA GLU A 53 33.27 5.39 8.36
C GLU A 53 33.36 6.91 8.56
N GLN A 54 34.28 7.54 7.84
CA GLN A 54 34.60 8.96 8.04
C GLN A 54 33.78 9.96 7.19
N GLU A 55 33.25 9.48 6.08
CA GLU A 55 32.33 10.27 5.23
C GLU A 55 31.11 10.78 6.01
N GLY A 56 30.64 11.99 5.70
CA GLY A 56 29.43 12.54 6.31
C GLY A 56 28.16 11.91 5.75
N PRO A 57 27.01 12.19 6.38
CA PRO A 57 25.77 11.50 6.04
C PRO A 57 25.45 11.48 4.54
N GLU A 58 25.58 12.64 3.87
CA GLU A 58 25.34 12.74 2.43
C GLU A 58 25.81 11.48 1.67
N TYR A 59 27.01 11.00 1.96
CA TYR A 59 27.42 9.71 1.38
C TYR A 59 26.43 8.55 1.63
N TRP A 60 26.09 8.25 2.89
CA TRP A 60 25.14 7.17 3.22
C TRP A 60 23.75 7.34 2.62
N ASP A 61 23.15 8.51 2.85
CA ASP A 61 21.86 8.90 2.25
C ASP A 61 21.87 8.72 0.76
N ARG A 62 22.95 9.13 0.10
CA ARG A 62 22.99 9.10 -1.35
C ARG A 62 23.02 7.66 -1.91
N ASN A 63 23.89 6.84 -1.34
CA ASN A 63 24.05 5.47 -1.83
C ASN A 63 22.85 4.60 -1.43
N THR A 64 22.29 4.91 -0.27
CA THR A 64 21.02 4.34 0.11
C THR A 64 19.90 4.69 -0.90
N GLN A 65 19.93 5.89 -1.46
CA GLN A 65 19.00 6.21 -2.53
C GLN A 65 19.23 5.36 -3.77
N ILE A 66 20.48 5.39 -4.27
CA ILE A 66 20.89 4.57 -5.40
C ILE A 66 20.63 3.07 -5.20
N PHE A 67 20.67 2.60 -3.97
CA PHE A 67 20.43 1.17 -3.80
C PHE A 67 18.93 0.86 -3.74
N LYS A 68 18.16 1.71 -3.08
CA LYS A 68 16.71 1.63 -3.13
C LYS A 68 16.19 1.75 -4.58
N THR A 69 16.84 2.60 -5.37
CA THR A 69 16.56 2.63 -6.78
C THR A 69 16.97 1.27 -7.37
N ASN A 70 18.26 0.94 -7.28
CA ASN A 70 18.79 -0.36 -7.74
C ASN A 70 18.01 -1.58 -7.23
N THR A 71 17.39 -1.48 -6.05
CA THR A 71 16.50 -2.54 -5.56
C THR A 71 15.35 -2.71 -6.53
N GLN A 72 14.66 -1.61 -6.85
CA GLN A 72 13.45 -1.67 -7.63
C GLN A 72 13.71 -2.02 -9.07
N THR A 73 14.80 -1.50 -9.66
CA THR A 73 15.02 -1.78 -11.09
C THR A 73 15.25 -3.28 -11.28
N TYR A 74 15.69 -3.95 -10.23
CA TYR A 74 15.92 -5.40 -10.35
C TYR A 74 14.62 -6.18 -10.18
N ARG A 75 13.81 -5.80 -9.19
CA ARG A 75 12.46 -6.39 -9.07
C ARG A 75 11.89 -6.38 -10.47
N GLU A 76 12.08 -5.24 -11.15
CA GLU A 76 11.55 -4.95 -12.49
C GLU A 76 12.17 -5.79 -13.61
N ASN A 77 13.49 -5.70 -13.75
CA ASN A 77 14.27 -6.56 -14.65
C ASN A 77 14.10 -8.08 -14.43
N LEU A 78 14.03 -8.51 -13.18
CA LEU A 78 13.59 -9.87 -12.91
C LEU A 78 12.35 -10.14 -13.76
N ARG A 79 11.34 -9.27 -13.63
CA ARG A 79 10.09 -9.37 -14.38
C ARG A 79 10.21 -9.23 -15.89
N ILE A 80 11.00 -8.28 -16.35
CA ILE A 80 11.10 -8.14 -17.79
C ILE A 80 11.61 -9.44 -18.38
N ALA A 81 12.67 -10.00 -17.75
CA ALA A 81 13.35 -11.27 -18.15
C ALA A 81 12.44 -12.49 -18.23
N LEU A 82 11.55 -12.62 -17.27
CA LEU A 82 10.53 -13.63 -17.42
C LEU A 82 9.72 -13.45 -18.71
N ARG A 83 9.68 -12.22 -19.25
CA ARG A 83 9.03 -11.94 -20.52
C ARG A 83 9.89 -12.32 -21.73
N TYR A 84 11.12 -11.83 -21.81
CA TYR A 84 12.05 -12.18 -22.92
C TYR A 84 12.30 -13.69 -23.12
N TYR A 85 12.33 -14.42 -22.02
CA TYR A 85 12.41 -15.87 -22.02
C TYR A 85 11.03 -16.24 -21.53
N ASN A 86 10.34 -17.19 -22.16
CA ASN A 86 9.01 -17.53 -21.67
C ASN A 86 9.00 -18.31 -20.37
N GLN A 87 9.41 -17.65 -19.30
CA GLN A 87 9.54 -18.28 -18.01
C GLN A 87 8.33 -18.05 -17.13
N SER A 88 8.02 -19.06 -16.32
CA SER A 88 6.89 -19.02 -15.40
C SER A 88 7.23 -18.20 -14.18
N GLU A 89 6.19 -17.68 -13.54
CA GLU A 89 6.35 -16.76 -12.41
C GLU A 89 6.73 -17.49 -11.13
N ALA A 90 6.82 -18.81 -11.23
CA ALA A 90 6.84 -19.70 -10.09
C ALA A 90 8.22 -20.33 -9.81
N GLY A 91 9.19 -20.01 -10.67
CA GLY A 91 10.55 -20.44 -10.49
C GLY A 91 11.43 -19.24 -10.17
N SER A 92 12.43 -19.42 -9.31
CA SER A 92 13.26 -18.29 -8.90
C SER A 92 14.46 -18.15 -9.83
N HIS A 93 14.78 -16.92 -10.20
CA HIS A 93 15.92 -16.65 -11.07
C HIS A 93 16.67 -15.49 -10.46
N THR A 94 17.85 -15.21 -11.03
CA THR A 94 18.87 -14.37 -10.40
C THR A 94 19.53 -13.44 -11.43
N TRP A 95 19.87 -12.22 -11.01
CA TRP A 95 20.62 -11.26 -11.83
C TRP A 95 21.94 -10.98 -11.13
N GLN A 96 23.04 -10.90 -11.86
CA GLN A 96 24.31 -10.51 -11.23
C GLN A 96 25.04 -9.52 -12.08
N THR A 97 25.66 -8.54 -11.43
CA THR A 97 26.26 -7.47 -12.18
C THR A 97 27.53 -7.12 -11.45
N MET A 98 28.63 -7.07 -12.18
CA MET A 98 29.78 -6.34 -11.73
C MET A 98 30.05 -5.16 -12.65
N TYR A 99 30.40 -4.01 -12.06
CA TYR A 99 31.07 -2.88 -12.74
C TYR A 99 32.20 -2.36 -11.85
N GLY A 100 33.19 -1.69 -12.45
CA GLY A 100 34.31 -1.12 -11.73
C GLY A 100 35.21 -0.31 -12.66
N CYS A 101 36.26 0.24 -12.08
CA CYS A 101 37.16 1.16 -12.78
C CYS A 101 38.54 0.91 -12.23
N ASP A 102 39.50 0.85 -13.13
CA ASP A 102 40.91 0.77 -12.79
C ASP A 102 41.53 2.14 -13.09
N VAL A 103 42.51 2.55 -12.31
CA VAL A 103 43.20 3.82 -12.55
C VAL A 103 44.70 3.63 -12.66
N GLY A 104 45.32 4.47 -13.48
CA GLY A 104 46.73 4.37 -13.76
C GLY A 104 47.58 4.69 -12.56
N PRO A 105 48.92 4.64 -12.73
CA PRO A 105 49.85 5.05 -11.64
C PRO A 105 49.60 6.51 -11.36
N ASP A 106 49.15 7.18 -12.42
CA ASP A 106 48.80 8.55 -12.41
C ASP A 106 47.41 8.69 -11.84
N GLY A 107 46.55 7.74 -12.17
CA GLY A 107 45.16 7.79 -11.71
C GLY A 107 44.06 7.93 -12.76
N ARG A 108 44.40 8.03 -14.05
CA ARG A 108 43.39 8.09 -15.14
C ARG A 108 42.72 6.72 -15.24
N LEU A 109 41.58 6.62 -15.89
CA LEU A 109 40.96 5.31 -16.00
C LEU A 109 41.65 4.41 -17.03
N LEU A 110 42.29 3.36 -16.52
CA LEU A 110 43.01 2.36 -17.30
C LEU A 110 42.14 1.30 -18.00
N ARG A 111 41.04 0.90 -17.37
CA ARG A 111 40.13 -0.15 -17.85
C ARG A 111 38.87 0.08 -17.05
N GLY A 112 37.77 -0.48 -17.55
CA GLY A 112 36.47 -0.26 -16.94
C GLY A 112 35.58 -1.37 -17.41
N HIS A 113 34.75 -1.86 -16.52
CA HIS A 113 34.04 -3.11 -16.77
C HIS A 113 32.62 -2.90 -16.34
N ASN A 114 31.72 -3.57 -17.04
CA ASN A 114 30.34 -3.62 -16.64
C ASN A 114 29.79 -4.82 -17.33
N GLN A 115 29.08 -5.65 -16.57
CA GLN A 115 28.96 -7.07 -16.89
C GLN A 115 27.68 -7.63 -16.28
N TYR A 116 26.80 -8.19 -17.09
CA TYR A 116 25.53 -8.68 -16.58
C TYR A 116 25.41 -10.19 -16.81
N ALA A 117 24.94 -10.90 -15.78
CA ALA A 117 24.64 -12.33 -15.88
C ALA A 117 23.21 -12.59 -15.45
N TYR A 118 22.51 -13.49 -16.16
CA TYR A 118 21.22 -14.07 -15.71
C TYR A 118 21.41 -15.56 -15.35
N ASP A 119 21.04 -15.93 -14.12
CA ASP A 119 20.98 -17.34 -13.78
C ASP A 119 22.33 -18.04 -13.95
N GLY A 120 23.43 -17.31 -13.74
CA GLY A 120 24.76 -17.93 -13.80
C GLY A 120 25.45 -17.77 -15.13
N LYS A 121 24.67 -17.78 -16.23
CA LYS A 121 25.15 -17.46 -17.61
C LYS A 121 25.40 -15.97 -17.82
N ASP A 122 26.32 -15.65 -18.76
CA ASP A 122 26.58 -14.27 -19.18
C ASP A 122 25.31 -13.77 -19.84
N TYR A 123 24.96 -12.51 -19.62
CA TYR A 123 23.85 -11.88 -20.36
C TYR A 123 24.33 -10.80 -21.31
N ILE A 124 24.56 -9.59 -20.78
CA ILE A 124 25.09 -8.51 -21.61
C ILE A 124 26.35 -8.01 -20.95
N ALA A 125 27.32 -7.59 -21.77
CA ALA A 125 28.57 -7.04 -21.23
C ALA A 125 29.19 -5.95 -22.13
N LEU A 126 29.55 -4.82 -21.52
CA LEU A 126 30.20 -3.71 -22.24
C LEU A 126 31.67 -4.01 -22.63
N ASN A 127 32.04 -3.61 -23.84
CA ASN A 127 33.34 -3.89 -24.44
C ASN A 127 34.44 -2.88 -24.11
N GLU A 128 35.67 -3.22 -24.46
CA GLU A 128 36.84 -2.48 -23.99
C GLU A 128 36.80 -1.04 -24.46
N ASP A 129 36.22 -0.84 -25.66
CA ASP A 129 35.84 0.44 -26.26
C ASP A 129 34.49 0.90 -25.69
N LEU A 130 34.49 1.73 -24.66
CA LEU A 130 33.32 1.73 -23.79
C LEU A 130 32.08 2.28 -24.47
N SER A 131 31.60 1.54 -25.48
CA SER A 131 30.57 1.99 -26.41
C SER A 131 29.76 0.84 -26.90
N SER A 132 30.34 -0.36 -26.89
CA SER A 132 29.62 -1.43 -27.53
C SER A 132 29.41 -2.54 -26.55
N TRP A 133 28.55 -3.48 -26.90
CA TRP A 133 28.23 -4.52 -25.98
C TRP A 133 28.45 -5.89 -26.63
N THR A 134 28.73 -6.88 -25.80
CA THR A 134 28.64 -8.27 -26.19
C THR A 134 27.43 -8.91 -25.53
N ALA A 135 26.43 -9.23 -26.36
CA ALA A 135 25.17 -9.83 -25.93
C ALA A 135 25.16 -11.36 -26.12
N ALA A 136 25.10 -12.05 -24.99
CA ALA A 136 25.15 -13.51 -24.84
C ALA A 136 24.15 -14.33 -25.68
N ASP A 137 22.94 -13.80 -25.88
CA ASP A 137 21.86 -14.48 -26.61
C ASP A 137 20.87 -13.45 -27.19
N THR A 138 19.76 -13.97 -27.75
CA THR A 138 18.66 -13.19 -28.32
C THR A 138 17.96 -12.26 -27.34
N ALA A 139 17.71 -12.72 -26.13
CA ALA A 139 17.14 -11.87 -25.13
C ALA A 139 18.04 -10.67 -24.89
N ALA A 140 19.30 -10.95 -24.59
CA ALA A 140 20.23 -9.85 -24.34
C ALA A 140 20.31 -8.94 -25.54
N GLN A 141 19.98 -9.47 -26.71
CA GLN A 141 20.02 -8.66 -27.94
C GLN A 141 18.91 -7.59 -28.09
N ILE A 142 17.70 -7.85 -27.56
CA ILE A 142 16.70 -6.80 -27.26
C ILE A 142 17.35 -5.75 -26.36
N THR A 143 17.78 -6.15 -25.16
CA THR A 143 18.44 -5.25 -24.21
C THR A 143 19.47 -4.42 -24.93
N GLN A 144 20.26 -5.07 -25.76
CA GLN A 144 21.31 -4.39 -26.44
C GLN A 144 20.68 -3.29 -27.32
N ARG A 145 19.58 -3.62 -27.98
CA ARG A 145 18.91 -2.63 -28.81
C ARG A 145 18.31 -1.55 -27.97
N LYS A 146 17.60 -1.92 -26.91
CA LYS A 146 17.03 -0.96 -25.98
C LYS A 146 18.06 0.04 -25.50
N TRP A 147 19.32 -0.35 -25.46
CA TRP A 147 20.34 0.40 -24.72
C TRP A 147 21.16 1.27 -25.65
N GLU A 148 21.21 0.81 -26.88
CA GLU A 148 21.84 1.57 -27.94
C GLU A 148 21.00 2.83 -28.23
N ALA A 149 19.69 2.65 -28.16
CA ALA A 149 18.70 3.72 -28.35
C ALA A 149 18.82 4.76 -27.22
N ALA A 150 18.87 4.29 -25.97
CA ALA A 150 19.03 5.20 -24.81
C ALA A 150 20.48 5.61 -24.63
N ARG A 151 21.34 5.15 -25.52
CA ARG A 151 22.77 5.45 -25.49
C ARG A 151 23.31 5.22 -24.10
N GLU A 152 23.04 4.03 -23.63
CA GLU A 152 23.20 3.74 -22.24
C GLU A 152 24.63 3.20 -21.95
N ALA A 153 25.47 3.07 -22.98
CA ALA A 153 26.89 2.81 -22.79
C ALA A 153 27.61 4.09 -22.44
N GLU A 154 27.03 5.21 -22.87
CA GLU A 154 27.65 6.53 -22.69
C GLU A 154 27.38 7.03 -21.30
N GLN A 155 26.25 6.59 -20.74
CA GLN A 155 25.86 6.94 -19.39
C GLN A 155 26.85 6.23 -18.47
N LEU A 156 26.98 4.92 -18.69
CA LEU A 156 28.02 4.12 -18.12
C LEU A 156 29.39 4.77 -18.20
N ARG A 157 29.91 4.99 -19.40
CA ARG A 157 31.23 5.60 -19.53
C ARG A 157 31.38 6.97 -18.80
N ALA A 158 30.30 7.56 -18.34
CA ALA A 158 30.40 8.89 -17.80
C ALA A 158 30.67 8.77 -16.34
N TYR A 159 29.97 7.81 -15.78
CA TYR A 159 30.15 7.38 -14.41
C TYR A 159 31.57 6.83 -14.14
N LEU A 160 31.96 5.81 -14.89
CA LEU A 160 33.26 5.16 -14.75
C LEU A 160 34.36 6.17 -14.66
N GLU A 161 34.42 7.03 -15.67
CA GLU A 161 35.49 8.00 -15.83
C GLU A 161 35.36 9.21 -14.94
N GLY A 162 34.31 9.29 -14.15
CA GLY A 162 34.07 10.47 -13.37
C GLY A 162 33.74 10.17 -11.94
N LEU A 163 32.61 9.54 -11.68
CA LEU A 163 32.15 9.48 -10.33
C LEU A 163 32.94 8.41 -9.60
N CYS A 164 33.20 7.32 -10.32
CA CYS A 164 33.94 6.23 -9.74
C CYS A 164 35.35 6.66 -9.50
N VAL A 165 36.06 7.01 -10.56
CA VAL A 165 37.45 7.39 -10.41
C VAL A 165 37.65 8.49 -9.35
N GLU A 166 36.78 9.51 -9.34
CA GLU A 166 36.85 10.55 -8.31
C GLU A 166 36.80 9.96 -6.91
N TRP A 167 35.96 8.96 -6.72
CA TRP A 167 35.77 8.33 -5.42
C TRP A 167 36.84 7.28 -5.15
N LEU A 168 37.17 6.49 -6.16
CA LEU A 168 38.28 5.60 -6.08
C LEU A 168 39.40 6.39 -5.41
N ARG A 169 39.74 7.56 -5.94
CA ARG A 169 40.80 8.34 -5.30
C ARG A 169 40.45 8.88 -3.90
N ARG A 170 39.20 9.29 -3.69
CA ARG A 170 38.83 9.93 -2.42
C ARG A 170 39.00 8.96 -1.28
N HIS A 171 38.81 7.68 -1.58
CA HIS A 171 39.04 6.63 -0.61
C HIS A 171 40.52 6.42 -0.44
N LEU A 172 41.15 5.92 -1.49
CA LEU A 172 42.56 5.64 -1.42
C LEU A 172 43.34 6.63 -0.55
N GLU A 173 42.97 7.91 -0.55
CA GLU A 173 43.67 8.88 0.31
C GLU A 173 43.25 8.74 1.77
N ASN A 174 42.00 8.34 2.02
CA ASN A 174 41.56 8.16 3.40
C ASN A 174 42.12 6.89 4.03
N GLY A 175 42.10 5.80 3.28
CA GLY A 175 42.61 4.53 3.75
C GLY A 175 43.86 4.17 3.00
N LYS A 176 44.85 5.04 3.04
CA LYS A 176 46.12 4.73 2.38
C LYS A 176 46.93 3.73 3.20
N GLU A 177 46.94 3.92 4.52
CA GLU A 177 47.60 3.01 5.48
C GLU A 177 47.13 1.55 5.29
N THR A 178 45.89 1.39 4.86
CA THR A 178 45.29 0.10 4.62
C THR A 178 45.45 -0.30 3.15
N LEU A 179 45.03 0.58 2.25
CA LEU A 179 44.79 0.22 0.84
C LEU A 179 46.01 0.37 -0.06
N GLN A 180 47.00 1.15 0.35
CA GLN A 180 48.22 1.29 -0.43
C GLN A 180 49.44 0.56 0.17
N ARG A 181 49.19 -0.28 1.20
CA ARG A 181 50.19 -1.18 1.83
C ARG A 181 50.13 -2.52 1.09
N ALA A 182 51.29 -3.13 0.85
CA ALA A 182 51.31 -4.50 0.36
C ALA A 182 51.83 -5.39 1.47
N ASP A 183 51.00 -6.32 1.89
CA ASP A 183 51.41 -7.27 2.90
C ASP A 183 51.98 -8.53 2.31
N PRO A 184 53.29 -8.73 2.49
CA PRO A 184 53.95 -9.90 1.99
C PRO A 184 53.68 -11.07 2.94
N PRO A 185 53.54 -12.29 2.38
CA PRO A 185 53.21 -13.50 3.14
C PRO A 185 54.27 -13.91 4.19
N LYS A 186 53.84 -14.53 5.27
CA LYS A 186 54.75 -15.19 6.22
C LYS A 186 54.77 -16.69 5.90
N THR A 187 55.82 -17.13 5.23
CA THR A 187 55.81 -18.43 4.53
C THR A 187 56.58 -19.50 5.28
N HIS A 188 56.02 -20.71 5.31
CA HIS A 188 56.63 -21.83 6.04
C HIS A 188 56.37 -23.17 5.32
N VAL A 189 57.32 -24.07 5.41
CA VAL A 189 57.19 -25.33 4.70
C VAL A 189 57.17 -26.49 5.69
N THR A 190 56.23 -27.41 5.49
CA THR A 190 55.91 -28.43 6.48
C THR A 190 56.18 -29.85 5.97
N HIS A 191 56.25 -30.78 6.92
CA HIS A 191 56.79 -32.15 6.72
C HIS A 191 55.72 -33.23 6.96
N HIS A 192 55.29 -33.92 5.91
CA HIS A 192 54.21 -34.90 6.12
C HIS A 192 54.36 -36.24 5.40
N PRO A 193 55.02 -37.21 6.08
CA PRO A 193 55.15 -38.60 5.61
C PRO A 193 53.82 -39.34 5.51
N VAL A 194 53.40 -39.67 4.28
CA VAL A 194 52.29 -40.60 4.04
C VAL A 194 52.74 -42.09 4.01
N SER A 195 54.05 -42.29 4.21
CA SER A 195 54.72 -43.60 4.25
C SER A 195 56.23 -43.37 4.26
N ASP A 196 56.97 -44.47 4.41
CA ASP A 196 58.44 -44.47 4.29
C ASP A 196 58.83 -44.28 2.83
N HIS A 197 58.05 -44.89 1.95
CA HIS A 197 58.21 -44.83 0.51
C HIS A 197 57.98 -43.40 -0.04
N GLU A 198 56.85 -42.79 0.34
CA GLU A 198 56.48 -41.47 -0.19
C GLU A 198 56.07 -40.47 0.89
N ALA A 199 56.53 -39.23 0.78
CA ALA A 199 56.26 -38.19 1.78
C ALA A 199 56.02 -36.81 1.17
N THR A 200 55.00 -36.10 1.67
CA THR A 200 54.61 -34.80 1.08
C THR A 200 55.01 -33.57 1.88
N LEU A 201 55.36 -32.51 1.16
CA LEU A 201 55.67 -31.22 1.76
C LEU A 201 54.70 -30.13 1.30
N ARG A 202 54.60 -29.07 2.10
CA ARG A 202 53.61 -27.99 1.93
C ARG A 202 54.12 -26.54 2.05
N CYS A 203 54.07 -25.83 0.94
CA CYS A 203 54.34 -24.38 0.91
C CYS A 203 53.16 -23.49 1.40
N TRP A 204 53.41 -22.78 2.50
CA TRP A 204 52.40 -22.02 3.25
C TRP A 204 52.66 -20.55 3.11
N ALA A 205 51.67 -19.83 2.58
CA ALA A 205 51.63 -18.37 2.56
C ALA A 205 50.50 -17.94 3.49
N LEU A 206 50.80 -17.12 4.50
CA LEU A 206 49.85 -16.75 5.53
C LEU A 206 49.78 -15.25 5.77
N GLY A 207 48.56 -14.75 5.97
CA GLY A 207 48.28 -13.36 6.27
C GLY A 207 48.83 -12.35 5.27
N PHE A 208 48.62 -12.59 3.98
CA PHE A 208 49.14 -11.67 2.95
C PHE A 208 48.07 -10.81 2.26
N TYR A 209 48.49 -9.71 1.64
CA TYR A 209 47.58 -8.81 0.91
C TYR A 209 48.32 -8.07 -0.19
N PRO A 210 47.75 -8.02 -1.42
CA PRO A 210 46.46 -8.54 -1.87
C PRO A 210 46.43 -10.03 -2.14
N ALA A 211 45.27 -10.50 -2.60
CA ALA A 211 44.99 -11.93 -2.74
C ALA A 211 45.78 -12.61 -3.85
N GLU A 212 46.53 -11.83 -4.63
CA GLU A 212 47.37 -12.40 -5.70
C GLU A 212 48.67 -12.99 -5.17
N ILE A 213 48.97 -14.22 -5.59
CA ILE A 213 50.23 -14.88 -5.23
C ILE A 213 50.57 -15.99 -6.22
N THR A 214 51.82 -16.44 -6.21
CA THR A 214 52.18 -17.65 -6.92
C THR A 214 53.03 -18.59 -6.06
N LEU A 215 52.46 -19.76 -5.76
CA LEU A 215 53.16 -20.83 -5.07
C LEU A 215 53.46 -21.99 -6.04
N THR A 216 54.72 -22.08 -6.46
CA THR A 216 55.12 -23.07 -7.45
C THR A 216 56.19 -24.02 -6.89
N TRP A 217 55.80 -25.29 -6.69
CA TRP A 217 56.76 -26.35 -6.34
C TRP A 217 57.75 -26.63 -7.49
N GLN A 218 58.90 -25.96 -7.45
CA GLN A 218 59.97 -26.18 -8.44
C GLN A 218 60.85 -27.40 -8.14
N ARG A 219 60.53 -28.50 -8.81
CA ARG A 219 61.32 -29.73 -8.81
C ARG A 219 62.64 -29.43 -9.51
N ASP A 220 63.77 -29.62 -8.83
CA ASP A 220 65.06 -29.42 -9.51
C ASP A 220 65.05 -27.98 -10.10
N GLY A 221 64.14 -27.12 -9.65
CA GLY A 221 63.95 -25.84 -10.34
C GLY A 221 63.16 -26.02 -11.64
N GLU A 222 61.94 -26.53 -11.51
CA GLU A 222 60.95 -26.56 -12.60
C GLU A 222 59.56 -26.86 -12.08
N ASP A 223 58.57 -26.34 -12.80
CA ASP A 223 57.19 -26.18 -12.36
C ASP A 223 56.45 -27.40 -11.79
N GLN A 224 56.65 -28.58 -12.38
CA GLN A 224 55.97 -29.82 -11.94
C GLN A 224 54.44 -29.61 -11.83
N THR A 225 53.90 -28.96 -12.87
CA THR A 225 52.49 -28.52 -12.96
C THR A 225 51.48 -29.65 -12.75
N GLN A 226 51.81 -30.83 -13.28
CA GLN A 226 50.91 -31.98 -13.24
C GLN A 226 50.95 -32.78 -11.94
N ASP A 227 52.04 -32.70 -11.19
CA ASP A 227 52.21 -33.50 -9.97
C ASP A 227 51.97 -32.76 -8.65
N THR A 228 51.83 -31.44 -8.73
CA THR A 228 51.55 -30.63 -7.55
C THR A 228 50.07 -30.26 -7.38
N GLU A 229 49.68 -29.95 -6.16
CA GLU A 229 48.31 -29.55 -5.85
C GLU A 229 48.28 -28.22 -5.12
N LEU A 230 47.31 -27.38 -5.45
CA LEU A 230 47.13 -26.13 -4.72
C LEU A 230 45.67 -25.77 -4.53
N VAL A 231 45.42 -25.13 -3.39
CA VAL A 231 44.09 -24.71 -3.00
C VAL A 231 43.95 -23.27 -3.47
N GLU A 232 42.72 -22.86 -3.74
CA GLU A 232 42.48 -21.47 -4.10
C GLU A 232 42.80 -20.60 -2.90
N THR A 233 43.36 -19.42 -3.16
CA THR A 233 43.61 -18.45 -2.13
C THR A 233 42.33 -18.28 -1.35
N ARG A 234 42.45 -18.27 -0.03
CA ARG A 234 41.30 -18.13 0.86
C ARG A 234 41.47 -16.92 1.77
N PRO A 235 40.36 -16.40 2.34
CA PRO A 235 40.48 -15.31 3.29
C PRO A 235 40.81 -15.76 4.74
N ALA A 236 41.62 -14.98 5.44
CA ALA A 236 41.87 -15.20 6.86
C ALA A 236 40.68 -14.79 7.73
N GLY A 237 40.05 -13.65 7.40
CA GLY A 237 38.91 -13.17 8.16
C GLY A 237 39.13 -11.81 8.79
N ASP A 238 40.40 -11.46 9.01
CA ASP A 238 40.81 -10.06 9.02
C ASP A 238 40.99 -9.74 7.53
N ARG A 239 41.51 -8.57 7.19
CA ARG A 239 41.63 -8.26 5.77
C ARG A 239 42.92 -8.83 5.19
N THR A 240 43.09 -10.16 5.23
CA THR A 240 44.31 -10.84 4.72
C THR A 240 44.03 -12.24 4.17
N PHE A 241 44.95 -12.76 3.37
CA PHE A 241 44.77 -14.07 2.74
C PHE A 241 45.85 -15.11 3.07
N GLN A 242 45.51 -16.35 2.76
CA GLN A 242 46.41 -17.47 2.88
C GLN A 242 46.18 -18.46 1.75
N LYS A 243 47.26 -18.94 1.16
CA LYS A 243 47.19 -20.08 0.25
C LYS A 243 48.26 -21.14 0.66
N TRP A 244 48.02 -22.40 0.32
CA TRP A 244 49.04 -23.45 0.41
C TRP A 244 49.18 -24.29 -0.88
N ALA A 245 50.36 -24.91 -1.05
CA ALA A 245 50.67 -25.80 -2.18
C ALA A 245 51.47 -27.02 -1.73
N ALA A 246 51.04 -28.21 -2.15
CA ALA A 246 51.70 -29.47 -1.72
C ALA A 246 52.11 -30.37 -2.88
N VAL A 247 53.01 -31.30 -2.57
CA VAL A 247 53.39 -32.34 -3.53
C VAL A 247 53.95 -33.61 -2.86
N VAL A 248 53.49 -34.74 -3.37
CA VAL A 248 53.88 -36.06 -2.89
C VAL A 248 55.14 -36.48 -3.64
N VAL A 249 56.11 -37.05 -2.93
CA VAL A 249 57.42 -37.42 -3.50
C VAL A 249 58.14 -38.54 -2.72
N PRO A 250 58.98 -39.35 -3.41
CA PRO A 250 59.86 -40.30 -2.68
C PRO A 250 60.77 -39.61 -1.63
N SER A 251 61.06 -40.33 -0.56
CA SER A 251 61.72 -39.73 0.59
C SER A 251 63.19 -39.39 0.33
N GLY A 252 63.71 -38.45 1.11
CA GLY A 252 65.11 -38.03 1.01
C GLY A 252 65.46 -37.23 -0.24
N GLU A 253 64.43 -36.83 -0.98
CA GLU A 253 64.58 -36.00 -2.19
C GLU A 253 64.17 -34.57 -1.88
N GLU A 254 64.51 -34.12 -0.67
CA GLU A 254 63.92 -32.94 -0.10
C GLU A 254 64.44 -31.59 -0.63
N GLN A 255 65.76 -31.43 -0.63
CA GLN A 255 66.37 -30.11 -0.86
C GLN A 255 66.28 -29.56 -2.27
N ARG A 256 66.23 -30.47 -3.26
CA ARG A 256 66.06 -30.11 -4.67
C ARG A 256 64.65 -29.55 -4.97
N TYR A 257 63.75 -29.72 -4.01
CA TYR A 257 62.42 -29.12 -4.08
C TYR A 257 62.42 -27.77 -3.41
N THR A 258 62.42 -26.75 -4.23
CA THR A 258 62.43 -25.39 -3.79
C THR A 258 61.06 -24.82 -4.10
N CYS A 259 60.53 -23.99 -3.19
CA CYS A 259 59.22 -23.37 -3.40
C CYS A 259 59.33 -21.92 -3.83
N HIS A 260 58.93 -21.64 -5.07
CA HIS A 260 58.87 -20.27 -5.58
C HIS A 260 57.54 -19.61 -5.25
N VAL A 261 57.63 -18.57 -4.44
CA VAL A 261 56.50 -17.72 -4.09
C VAL A 261 56.83 -16.29 -4.46
N GLN A 262 56.00 -15.71 -5.33
CA GLN A 262 56.11 -14.30 -5.68
C GLN A 262 54.88 -13.62 -5.12
N HIS A 263 55.08 -12.40 -4.61
CA HIS A 263 53.96 -11.58 -4.13
C HIS A 263 54.35 -10.10 -4.08
N GLU A 264 53.40 -9.23 -4.47
CA GLU A 264 53.58 -7.77 -4.61
C GLU A 264 54.52 -7.08 -3.60
N GLY A 265 54.46 -7.49 -2.34
CA GLY A 265 55.36 -6.95 -1.31
C GLY A 265 56.66 -7.72 -1.14
N LEU A 266 57.02 -8.50 -2.15
CA LEU A 266 58.22 -9.33 -2.10
C LEU A 266 59.28 -8.82 -3.08
N PRO A 267 60.30 -8.09 -2.57
CA PRO A 267 61.49 -7.78 -3.36
C PRO A 267 61.95 -8.98 -4.21
N LYS A 268 62.39 -10.04 -3.54
CA LYS A 268 62.85 -11.23 -4.25
C LYS A 268 61.79 -12.32 -4.18
N PRO A 269 61.29 -12.75 -5.36
CA PRO A 269 60.55 -14.01 -5.43
C PRO A 269 61.27 -15.08 -4.61
N LEU A 270 60.74 -15.36 -3.41
CA LEU A 270 61.47 -16.23 -2.49
C LEU A 270 61.38 -17.70 -2.88
N THR A 271 62.55 -18.30 -3.06
CA THR A 271 62.65 -19.73 -3.19
C THR A 271 62.88 -20.28 -1.79
N LEU A 272 62.17 -21.36 -1.45
CA LEU A 272 62.42 -22.03 -0.17
C LEU A 272 62.11 -23.52 -0.20
N ARG A 273 63.03 -24.30 0.34
CA ARG A 273 62.70 -25.64 0.83
C ARG A 273 62.67 -25.47 2.34
N TRP A 274 62.43 -26.57 3.07
CA TRP A 274 62.58 -26.58 4.52
C TRP A 274 62.54 -27.96 5.18
N GLU A 275 63.41 -28.10 6.18
CA GLU A 275 63.55 -29.31 6.96
C GLU A 275 63.89 -28.90 8.41
N PRO A 276 64.20 -29.88 9.31
CA PRO A 276 64.03 -29.57 10.72
C PRO A 276 65.06 -28.57 11.23
N ILE B 1 22.04 -23.46 -14.97
CA ILE B 1 23.26 -24.18 -14.52
C ILE B 1 23.44 -23.97 -13.02
N GLN B 2 23.78 -25.06 -12.35
CA GLN B 2 24.17 -25.07 -10.94
C GLN B 2 25.59 -25.59 -10.80
N ARG B 3 26.37 -24.98 -9.92
CA ARG B 3 27.68 -25.51 -9.51
C ARG B 3 27.67 -25.84 -8.02
N THR B 4 28.27 -26.97 -7.66
CA THR B 4 28.34 -27.41 -6.26
C THR B 4 29.50 -26.72 -5.51
N PRO B 5 29.27 -26.33 -4.23
CA PRO B 5 30.24 -25.48 -3.51
C PRO B 5 31.58 -26.12 -3.12
N LYS B 6 32.63 -25.30 -3.08
CA LYS B 6 33.96 -25.75 -2.63
C LYS B 6 34.21 -25.34 -1.18
N ILE B 7 34.47 -26.33 -0.35
CA ILE B 7 34.55 -26.07 1.07
C ILE B 7 36.00 -26.14 1.55
N GLN B 8 36.43 -25.10 2.27
CA GLN B 8 37.73 -25.09 2.91
C GLN B 8 37.56 -24.68 4.35
N VAL B 9 37.84 -25.62 5.25
CA VAL B 9 37.69 -25.41 6.69
C VAL B 9 39.07 -25.30 7.29
N TYR B 10 39.35 -24.22 8.00
CA TYR B 10 40.71 -23.92 8.44
C TYR B 10 40.72 -22.78 9.45
N SER B 11 41.77 -22.67 10.25
CA SER B 11 41.79 -21.58 11.23
C SER B 11 42.63 -20.39 10.78
N ARG B 12 42.18 -19.16 11.11
CA ARG B 12 42.91 -17.91 10.79
C ARG B 12 44.41 -17.92 11.12
N HIS B 13 44.74 -18.33 12.34
CA HIS B 13 46.12 -18.34 12.82
C HIS B 13 46.54 -19.77 13.06
N PRO B 14 47.86 -20.04 13.02
CA PRO B 14 48.38 -21.37 13.38
C PRO B 14 47.83 -21.83 14.73
N ALA B 15 47.19 -22.99 14.71
CA ALA B 15 46.57 -23.56 15.90
C ALA B 15 47.63 -23.89 16.93
N GLU B 16 47.41 -23.36 18.14
CA GLU B 16 48.25 -23.59 19.29
C GLU B 16 47.29 -23.93 20.42
N ASN B 17 47.35 -25.17 20.89
CA ASN B 17 46.34 -25.68 21.80
C ASN B 17 46.06 -24.83 23.02
N GLY B 18 44.85 -24.28 23.05
CA GLY B 18 44.42 -23.43 24.16
C GLY B 18 44.71 -21.96 24.00
N LYS B 19 44.96 -21.50 22.78
CA LYS B 19 44.85 -20.08 22.50
C LYS B 19 43.67 -19.80 21.56
N SER B 20 42.92 -18.73 21.86
CA SER B 20 41.77 -18.30 21.05
C SER B 20 42.13 -17.92 19.62
N ASN B 21 41.19 -18.14 18.72
CA ASN B 21 41.47 -18.17 17.31
C ASN B 21 40.15 -17.98 16.61
N PHE B 22 40.15 -18.13 15.29
CA PHE B 22 38.90 -18.13 14.54
C PHE B 22 38.84 -19.32 13.60
N LEU B 23 37.79 -20.12 13.76
CA LEU B 23 37.56 -21.19 12.83
C LEU B 23 36.82 -20.65 11.62
N ASN B 24 37.40 -20.86 10.44
CA ASN B 24 36.85 -20.44 9.18
C ASN B 24 36.28 -21.61 8.40
N CYS B 25 35.20 -21.34 7.70
CA CYS B 25 34.79 -22.23 6.64
C CYS B 25 34.50 -21.38 5.43
N TYR B 26 35.24 -21.67 4.36
CA TYR B 26 35.21 -20.87 3.16
C TYR B 26 34.52 -21.61 2.04
N VAL B 27 33.19 -21.59 2.07
CA VAL B 27 32.43 -22.09 0.92
C VAL B 27 32.52 -21.13 -0.29
N SER B 28 32.71 -21.71 -1.47
CA SER B 28 32.95 -20.92 -2.65
C SER B 28 32.75 -21.75 -3.90
N GLY B 29 32.37 -21.09 -4.99
CA GLY B 29 32.27 -21.75 -6.30
C GLY B 29 30.90 -22.30 -6.68
N PHE B 30 29.88 -21.97 -5.88
CA PHE B 30 28.49 -22.43 -6.11
C PHE B 30 27.56 -21.43 -6.83
N HIS B 31 26.43 -21.97 -7.32
CA HIS B 31 25.30 -21.24 -7.88
C HIS B 31 24.10 -22.21 -7.86
N PRO B 32 22.86 -21.72 -7.52
CA PRO B 32 22.43 -20.48 -6.90
C PRO B 32 23.09 -20.11 -5.57
N SER B 33 22.86 -18.86 -5.19
CA SER B 33 23.29 -18.27 -3.95
C SER B 33 22.89 -19.04 -2.69
N ASP B 34 21.81 -19.82 -2.74
CA ASP B 34 21.24 -20.35 -1.51
C ASP B 34 22.06 -21.48 -0.94
N ILE B 35 22.51 -21.30 0.30
CA ILE B 35 23.40 -22.27 0.95
C ILE B 35 23.28 -22.33 2.49
N GLU B 36 23.05 -23.51 3.05
CA GLU B 36 23.07 -23.67 4.51
C GLU B 36 24.47 -24.06 4.95
N VAL B 37 25.02 -23.28 5.86
CA VAL B 37 26.32 -23.60 6.47
C VAL B 37 26.32 -23.50 7.98
N ASP B 38 26.53 -24.65 8.62
CA ASP B 38 26.75 -24.78 10.07
C ASP B 38 28.20 -25.03 10.38
N LEU B 39 28.67 -24.44 11.47
CA LEU B 39 29.97 -24.87 12.07
C LEU B 39 29.80 -25.91 13.22
N LEU B 40 30.37 -27.10 13.08
CA LEU B 40 30.17 -28.17 14.11
C LEU B 40 31.31 -28.30 15.15
N LYS B 41 30.97 -28.38 16.44
CA LYS B 41 31.92 -28.78 17.49
C LYS B 41 31.54 -30.12 18.14
N ASN B 42 32.28 -31.16 17.76
CA ASN B 42 31.91 -32.54 18.05
C ASN B 42 30.51 -32.82 17.52
N GLY B 43 30.26 -32.36 16.30
CA GLY B 43 29.01 -32.63 15.60
C GLY B 43 27.76 -31.97 16.15
N GLU B 44 27.94 -30.90 16.93
CA GLU B 44 26.82 -30.00 17.23
C GLU B 44 27.04 -28.53 16.79
N ARG B 45 25.96 -27.89 16.33
CA ARG B 45 25.99 -26.53 15.83
C ARG B 45 26.61 -25.56 16.83
N ILE B 46 27.76 -24.97 16.47
CA ILE B 46 28.24 -23.77 17.15
C ILE B 46 27.25 -22.70 16.79
N GLU B 47 26.79 -21.97 17.79
CA GLU B 47 25.66 -21.10 17.57
C GLU B 47 26.00 -19.63 17.30
N LYS B 48 27.26 -19.27 17.55
CA LYS B 48 27.72 -17.88 17.43
C LYS B 48 28.11 -17.40 16.03
N VAL B 49 27.77 -18.17 15.00
CA VAL B 49 28.43 -18.02 13.71
C VAL B 49 28.01 -16.75 12.95
N GLU B 50 29.00 -16.16 12.30
CA GLU B 50 28.85 -15.02 11.43
C GLU B 50 29.19 -15.42 10.02
N HIS B 51 28.81 -14.60 9.04
CA HIS B 51 29.21 -14.85 7.67
C HIS B 51 29.59 -13.59 6.99
N SER B 52 30.28 -13.70 5.86
CA SER B 52 30.57 -12.56 5.00
C SER B 52 29.31 -12.13 4.22
N ASP B 53 29.35 -10.93 3.64
CA ASP B 53 28.34 -10.47 2.71
C ASP B 53 28.49 -11.16 1.37
N LEU B 54 27.38 -11.39 0.67
CA LEU B 54 27.45 -12.28 -0.47
C LEU B 54 28.22 -11.60 -1.59
N SER B 55 29.00 -12.38 -2.33
CA SER B 55 29.78 -11.90 -3.47
C SER B 55 30.05 -13.04 -4.45
N PHE B 56 30.55 -12.73 -5.64
CA PHE B 56 30.82 -13.77 -6.64
C PHE B 56 32.11 -13.51 -7.41
N SER B 57 32.55 -14.48 -8.20
CA SER B 57 33.88 -14.44 -8.83
C SER B 57 33.73 -13.98 -10.27
N LYS B 58 34.79 -14.00 -11.07
CA LYS B 58 34.66 -13.51 -12.47
C LYS B 58 33.87 -14.49 -13.33
N ASP B 59 33.56 -15.63 -12.76
CA ASP B 59 32.67 -16.55 -13.43
C ASP B 59 31.31 -16.57 -12.78
N TRP B 60 31.00 -15.69 -11.84
CA TRP B 60 29.63 -15.60 -11.26
C TRP B 60 29.28 -16.60 -10.17
N SER B 61 30.04 -17.67 -10.02
CA SER B 61 29.94 -18.54 -8.82
C SER B 61 30.14 -17.72 -7.54
N PHE B 62 29.28 -17.94 -6.55
CA PHE B 62 29.36 -17.13 -5.34
C PHE B 62 30.39 -17.62 -4.31
N TYR B 63 30.47 -16.91 -3.19
CA TYR B 63 31.28 -17.37 -2.08
C TYR B 63 30.94 -16.57 -0.82
N LEU B 64 31.35 -17.11 0.32
CA LEU B 64 30.95 -16.63 1.64
C LEU B 64 31.89 -17.25 2.65
N LEU B 65 32.09 -16.56 3.77
CA LEU B 65 32.97 -17.07 4.82
C LEU B 65 32.28 -17.16 6.16
N TYR B 66 31.97 -18.36 6.61
CA TYR B 66 31.50 -18.51 7.96
C TYR B 66 32.67 -18.65 8.95
N TYR B 67 32.59 -17.91 10.06
CA TYR B 67 33.68 -17.84 11.02
C TYR B 67 33.14 -17.62 12.42
N THR B 68 33.95 -18.01 13.41
CA THR B 68 33.55 -18.03 14.82
C THR B 68 34.78 -18.08 15.68
N GLU B 69 34.64 -17.68 16.93
CA GLU B 69 35.75 -17.74 17.88
C GLU B 69 35.73 -19.08 18.61
N PHE B 70 36.92 -19.60 18.91
CA PHE B 70 37.06 -20.90 19.54
C PHE B 70 38.51 -20.98 20.00
N THR B 71 38.76 -21.81 21.02
CA THR B 71 40.12 -22.23 21.27
C THR B 71 40.25 -23.68 20.86
N PRO B 72 41.14 -23.95 19.90
CA PRO B 72 41.37 -25.33 19.54
C PRO B 72 42.10 -26.12 20.65
N THR B 73 41.58 -27.30 20.99
CA THR B 73 42.26 -28.18 21.95
C THR B 73 42.72 -29.44 21.24
N GLU B 74 43.06 -30.48 21.96
CA GLU B 74 43.53 -31.66 21.27
C GLU B 74 42.38 -32.58 20.98
N LYS B 75 41.57 -32.87 21.99
CA LYS B 75 40.50 -33.85 21.85
C LYS B 75 39.28 -33.36 21.05
N ASP B 76 39.05 -32.04 21.02
CA ASP B 76 37.87 -31.41 20.40
C ASP B 76 38.03 -31.35 18.92
N GLU B 77 37.06 -31.93 18.21
CA GLU B 77 36.98 -31.81 16.75
C GLU B 77 35.98 -30.76 16.26
N TYR B 78 36.27 -30.22 15.09
CA TYR B 78 35.47 -29.18 14.43
C TYR B 78 35.18 -29.52 12.96
N ALA B 79 33.99 -29.11 12.48
CA ALA B 79 33.57 -29.39 11.11
C ALA B 79 32.64 -28.31 10.53
N CYS B 80 32.58 -28.25 9.20
CA CYS B 80 31.66 -27.40 8.47
C CYS B 80 30.62 -28.29 7.82
N ARG B 81 29.34 -28.09 8.15
CA ARG B 81 28.29 -28.77 7.39
C ARG B 81 27.72 -27.79 6.41
N VAL B 82 27.39 -28.28 5.22
CA VAL B 82 27.01 -27.43 4.12
C VAL B 82 25.86 -28.03 3.33
N ASN B 83 24.81 -27.25 3.10
CA ASN B 83 23.75 -27.70 2.21
C ASN B 83 23.55 -26.77 1.02
N HIS B 84 23.45 -27.39 -0.15
CA HIS B 84 23.16 -26.70 -1.39
C HIS B 84 22.24 -27.59 -2.21
N VAL B 85 21.55 -27.01 -3.18
CA VAL B 85 20.57 -27.75 -3.96
C VAL B 85 21.26 -28.85 -4.76
N THR B 86 22.54 -28.60 -5.08
CA THR B 86 23.40 -29.56 -5.76
C THR B 86 23.71 -30.78 -4.90
N LEU B 87 23.64 -30.62 -3.58
CA LEU B 87 23.98 -31.71 -2.68
C LEU B 87 22.77 -32.52 -2.23
N SER B 88 22.78 -33.81 -2.56
CA SER B 88 21.71 -34.74 -2.18
C SER B 88 21.63 -35.02 -0.67
N GLN B 89 22.77 -34.97 0.00
CA GLN B 89 22.86 -35.04 1.46
C GLN B 89 23.71 -33.86 1.89
N PRO B 90 23.49 -33.31 3.10
CA PRO B 90 24.45 -32.30 3.55
C PRO B 90 25.88 -32.86 3.58
N LYS B 91 26.88 -31.96 3.63
CA LYS B 91 28.28 -32.31 3.43
C LYS B 91 29.13 -31.95 4.61
N ILE B 92 29.54 -32.97 5.38
CA ILE B 92 30.45 -32.79 6.52
C ILE B 92 31.89 -32.76 6.03
N VAL B 93 32.65 -31.77 6.50
CA VAL B 93 34.09 -31.75 6.29
C VAL B 93 34.78 -31.56 7.66
N LYS B 94 35.60 -32.53 8.06
CA LYS B 94 36.31 -32.46 9.35
C LYS B 94 37.48 -31.48 9.19
N TRP B 95 37.64 -30.58 10.16
CA TRP B 95 38.75 -29.60 10.16
C TRP B 95 40.07 -30.28 10.35
N ASP B 96 41.04 -29.95 9.52
CA ASP B 96 42.42 -30.36 9.72
C ASP B 96 43.27 -29.11 9.95
N ARG B 97 43.90 -28.97 11.11
CA ARG B 97 44.83 -27.85 11.30
C ARG B 97 45.98 -27.96 10.30
N ASP B 98 46.14 -29.17 9.77
CA ASP B 98 47.12 -29.49 8.74
C ASP B 98 46.73 -28.84 7.44
N MET B 99 45.51 -28.30 7.38
CA MET B 99 45.07 -27.39 6.29
C MET B 99 44.04 -26.37 6.77
N THR C 1 30.92 7.02 -5.63
CA THR C 1 29.79 6.21 -5.12
C THR C 1 29.32 5.23 -6.19
N ALA C 2 28.28 4.47 -5.90
CA ALA C 2 27.84 3.39 -6.77
C ALA C 2 27.00 3.84 -7.96
N PHE C 3 27.10 3.09 -9.05
CA PHE C 3 26.27 3.26 -10.23
C PHE C 3 24.81 2.93 -9.99
N THR C 4 23.91 3.63 -10.71
CA THR C 4 22.47 3.25 -10.75
C THR C 4 22.10 2.64 -12.09
N ILE C 5 21.53 1.44 -12.07
CA ILE C 5 21.45 0.68 -13.31
C ILE C 5 20.20 0.95 -14.11
N PRO C 6 20.31 0.75 -15.43
CA PRO C 6 19.24 0.89 -16.40
C PRO C 6 18.24 -0.21 -16.20
N SER C 7 17.04 -0.09 -16.76
CA SER C 7 16.15 -1.23 -16.75
C SER C 7 16.40 -2.13 -17.95
N ILE C 8 15.81 -3.31 -17.88
CA ILE C 8 15.84 -4.41 -18.88
C ILE C 8 16.81 -5.55 -18.50
N ASP D 4 18.07 32.11 -11.32
CA ASP D 4 16.93 32.63 -12.12
C ASP D 4 17.45 33.71 -13.11
N PRO D 5 18.33 33.26 -14.05
CA PRO D 5 19.11 34.10 -14.97
C PRO D 5 18.18 34.77 -15.93
N GLN D 6 18.05 36.08 -15.76
CA GLN D 6 17.11 36.98 -16.45
C GLN D 6 16.52 36.50 -17.75
N ALA D 7 15.50 37.22 -18.20
CA ALA D 7 14.95 37.03 -19.52
C ALA D 7 15.97 37.54 -20.53
N LEU D 8 16.13 36.84 -21.66
CA LEU D 8 16.72 37.50 -22.82
C LEU D 8 15.65 37.79 -23.87
N SER D 9 15.55 39.06 -24.24
CA SER D 9 15.00 39.44 -25.54
C SER D 9 16.19 39.60 -26.47
N ILE D 10 16.09 39.05 -27.68
CA ILE D 10 17.00 39.45 -28.77
C ILE D 10 16.29 39.70 -30.14
N GLN D 11 16.96 40.37 -31.07
CA GLN D 11 16.41 40.42 -32.41
C GLN D 11 16.58 39.08 -33.14
N GLU D 12 15.48 38.57 -33.70
CA GLU D 12 15.45 37.56 -34.79
C GLU D 12 16.65 37.53 -35.74
N GLY D 13 17.24 36.34 -35.89
CA GLY D 13 18.36 36.10 -36.82
C GLY D 13 19.73 36.20 -36.16
N GLU D 14 19.76 36.88 -35.02
CA GLU D 14 20.98 37.15 -34.28
C GLU D 14 21.00 36.16 -33.17
N ASN D 15 22.18 35.88 -32.62
CA ASN D 15 22.39 34.67 -31.81
C ASN D 15 22.07 34.76 -30.33
N ALA D 16 21.17 33.91 -29.88
CA ALA D 16 20.94 33.74 -28.43
C ALA D 16 21.95 32.76 -27.79
N THR D 17 22.35 33.08 -26.54
CA THR D 17 23.29 32.31 -25.71
C THR D 17 22.87 32.25 -24.24
N MET D 18 22.41 31.10 -23.80
CA MET D 18 21.99 30.94 -22.42
C MET D 18 22.93 30.07 -21.56
N ASN D 19 23.03 30.44 -20.29
CA ASN D 19 23.92 29.78 -19.36
C ASN D 19 23.16 29.30 -18.15
N CYS D 20 23.56 28.15 -17.63
CA CYS D 20 23.13 27.76 -16.31
C CYS D 20 24.32 27.12 -15.61
N SER D 21 24.16 26.87 -14.32
CA SER D 21 25.18 26.21 -13.51
C SER D 21 24.55 25.16 -12.58
N TYR D 22 25.08 23.95 -12.60
CA TYR D 22 24.66 22.95 -11.64
C TYR D 22 25.58 22.96 -10.41
N LYS D 23 25.03 22.68 -9.23
CA LYS D 23 25.86 22.71 -8.03
C LYS D 23 26.36 21.30 -7.68
N THR D 24 25.59 20.28 -8.07
CA THR D 24 25.75 18.91 -7.56
C THR D 24 27.03 18.22 -7.93
N SER D 25 27.37 17.24 -7.08
CA SER D 25 28.66 16.53 -7.07
C SER D 25 29.13 16.21 -8.49
N ILE D 26 28.81 15.07 -9.06
CA ILE D 26 29.13 14.99 -10.47
C ILE D 26 27.77 15.17 -11.15
N ASN D 27 27.72 15.20 -12.48
CA ASN D 27 26.51 14.75 -13.16
C ASN D 27 26.98 13.73 -14.12
N ASN D 28 26.14 12.75 -14.39
CA ASN D 28 26.41 11.87 -15.48
C ASN D 28 26.32 12.68 -16.77
N LEU D 29 25.24 13.43 -16.92
CA LEU D 29 25.01 14.20 -18.11
C LEU D 29 24.29 15.51 -17.80
N GLN D 30 24.29 16.43 -18.75
CA GLN D 30 23.44 17.59 -18.62
C GLN D 30 22.54 17.79 -19.83
N TRP D 31 21.31 18.18 -19.54
CA TRP D 31 20.26 18.29 -20.54
C TRP D 31 19.84 19.75 -20.81
N TYR D 32 19.43 20.05 -22.03
CA TYR D 32 18.71 21.34 -22.25
C TYR D 32 17.26 21.18 -22.67
N ARG D 33 16.38 21.82 -21.92
CA ARG D 33 14.95 21.66 -22.13
C ARG D 33 14.18 22.94 -22.51
N GLN D 34 13.35 22.80 -23.55
CA GLN D 34 12.48 23.87 -24.06
C GLN D 34 11.10 23.75 -23.41
N ASN D 35 10.66 24.80 -22.71
CA ASN D 35 9.34 24.80 -22.04
C ASN D 35 8.70 26.03 -22.58
N SER D 36 7.46 25.89 -23.06
CA SER D 36 6.79 26.97 -23.77
C SER D 36 5.30 27.03 -23.38
N GLY D 37 4.64 28.17 -23.66
CA GLY D 37 3.28 28.50 -23.17
C GLY D 37 2.90 27.65 -21.96
N ARG D 38 1.65 27.21 -21.92
CA ARG D 38 1.21 26.29 -20.86
C ARG D 38 1.84 24.87 -20.98
N GLY D 39 2.00 24.38 -22.22
CA GLY D 39 2.64 23.07 -22.57
C GLY D 39 3.58 22.17 -21.72
N LEU D 40 4.61 21.62 -22.35
CA LEU D 40 5.32 20.50 -21.74
C LEU D 40 6.78 20.88 -21.48
N VAL D 41 7.73 19.95 -21.42
CA VAL D 41 9.15 20.33 -21.37
C VAL D 41 9.91 19.45 -22.40
N HIS D 42 11.21 19.68 -22.61
CA HIS D 42 11.87 19.31 -23.90
C HIS D 42 13.40 19.46 -24.04
N LEU D 43 13.99 18.97 -25.13
CA LEU D 43 15.34 18.42 -25.08
C LEU D 43 16.57 18.79 -25.99
N ILE D 44 17.82 18.89 -25.43
CA ILE D 44 19.15 18.19 -25.90
C ILE D 44 20.30 17.88 -24.82
N LEU D 45 21.22 16.91 -25.06
CA LEU D 45 22.10 16.28 -23.95
C LEU D 45 23.63 16.27 -24.10
N ILE D 46 24.38 16.81 -23.13
CA ILE D 46 25.87 16.59 -23.12
C ILE D 46 26.47 15.80 -21.92
N ARG D 47 27.38 14.88 -22.18
CA ARG D 47 27.98 14.04 -21.09
C ARG D 47 29.10 14.76 -20.31
N SER D 48 29.33 14.41 -19.06
CA SER D 48 30.43 15.04 -18.26
C SER D 48 31.88 14.81 -18.77
N ASN D 49 32.03 14.01 -19.82
CA ASN D 49 33.30 13.71 -20.44
C ASN D 49 33.52 14.31 -21.84
N GLU D 50 32.51 14.90 -22.45
CA GLU D 50 32.74 15.62 -23.72
C GLU D 50 32.68 17.11 -23.40
N ARG D 51 33.60 17.93 -23.89
CA ARG D 51 33.43 19.36 -23.62
C ARG D 51 32.21 19.92 -24.33
N GLU D 52 31.91 19.42 -25.52
CA GLU D 52 31.16 20.24 -26.47
C GLU D 52 30.33 19.44 -27.48
N LYS D 53 29.09 19.90 -27.75
CA LYS D 53 28.20 19.17 -28.66
C LYS D 53 27.22 20.05 -29.47
N HIS D 54 27.14 19.74 -30.76
CA HIS D 54 26.32 20.44 -31.75
C HIS D 54 25.17 19.58 -32.19
N SER D 55 23.95 20.09 -32.10
CA SER D 55 22.88 19.59 -32.97
C SER D 55 22.19 20.70 -33.67
N GLY D 56 21.82 20.48 -34.93
CA GLY D 56 21.04 21.47 -35.71
C GLY D 56 21.57 22.87 -35.47
N ARG D 57 20.73 23.79 -35.00
CA ARG D 57 21.19 25.17 -34.76
C ARG D 57 21.79 25.39 -33.37
N LEU D 58 21.79 24.33 -32.56
CA LEU D 58 22.22 24.38 -31.17
C LEU D 58 23.67 23.96 -31.04
N ARG D 59 24.36 24.57 -30.10
CA ARG D 59 25.67 24.12 -29.68
C ARG D 59 25.66 24.22 -28.20
N VAL D 60 25.87 23.07 -27.56
CA VAL D 60 25.99 23.00 -26.11
C VAL D 60 27.43 22.92 -25.63
N THR D 61 27.70 23.56 -24.50
CA THR D 61 29.04 23.48 -23.91
C THR D 61 29.02 23.19 -22.42
N LEU D 62 29.96 22.35 -21.98
CA LEU D 62 30.05 21.93 -20.58
C LEU D 62 31.41 22.22 -20.06
N ASP D 63 31.45 22.97 -18.97
CA ASP D 63 32.68 23.15 -18.20
C ASP D 63 32.53 22.53 -16.79
N THR D 64 33.13 21.36 -16.56
CA THR D 64 32.88 20.72 -15.28
C THR D 64 33.73 21.25 -14.14
N SER D 65 34.56 22.26 -14.40
CA SER D 65 35.29 23.03 -13.35
C SER D 65 34.49 24.19 -12.77
N LYS D 66 33.66 24.80 -13.61
CA LYS D 66 32.82 25.89 -13.17
C LYS D 66 31.39 25.39 -13.04
N LYS D 67 31.21 24.10 -13.32
CA LYS D 67 29.92 23.43 -13.19
C LYS D 67 28.90 24.34 -13.78
N SER D 68 29.22 24.84 -14.97
CA SER D 68 28.35 25.71 -15.71
C SER D 68 28.39 25.28 -17.15
N SER D 69 27.29 25.53 -17.84
CA SER D 69 27.15 25.19 -19.25
C SER D 69 26.61 26.38 -20.09
N SER D 70 26.77 26.27 -21.41
CA SER D 70 26.28 27.27 -22.34
C SER D 70 25.51 26.66 -23.49
N LEU D 71 24.22 27.01 -23.61
CA LEU D 71 23.48 26.70 -24.82
C LEU D 71 23.51 27.92 -25.69
N LEU D 72 23.82 27.72 -26.96
CA LEU D 72 23.85 28.81 -27.91
C LEU D 72 22.98 28.45 -29.09
N ILE D 73 22.02 29.32 -29.36
CA ILE D 73 21.19 29.14 -30.52
C ILE D 73 21.76 30.00 -31.61
N THR D 74 21.85 29.43 -32.80
CA THR D 74 22.38 30.05 -33.98
C THR D 74 21.20 30.49 -34.82
N ALA D 75 21.21 31.75 -35.27
CA ALA D 75 20.21 32.24 -36.20
C ALA D 75 18.80 32.16 -35.61
N SER D 76 18.66 32.65 -34.38
CA SER D 76 17.41 32.48 -33.61
C SER D 76 16.14 32.99 -34.33
N ARG D 77 15.08 32.18 -34.27
CA ARG D 77 13.79 32.43 -34.96
C ARG D 77 12.65 32.62 -33.96
N ALA D 78 11.46 32.99 -34.46
CA ALA D 78 10.26 33.16 -33.63
C ALA D 78 9.96 31.85 -32.94
N ALA D 79 9.92 30.76 -33.71
CA ALA D 79 9.71 29.44 -33.12
C ALA D 79 10.54 29.21 -31.86
N ASP D 80 11.76 29.74 -31.82
CA ASP D 80 12.66 29.50 -30.68
C ASP D 80 12.25 30.20 -29.38
N THR D 81 11.16 30.95 -29.39
CA THR D 81 10.76 31.67 -28.18
C THR D 81 10.08 30.70 -27.24
N ALA D 82 10.69 30.56 -26.07
CA ALA D 82 10.24 29.63 -25.06
C ALA D 82 11.15 29.90 -23.87
N SER D 83 10.80 29.44 -22.68
CA SER D 83 11.79 29.35 -21.59
C SER D 83 12.66 28.10 -21.72
N TYR D 84 13.94 28.26 -21.37
CA TYR D 84 14.95 27.22 -21.58
C TYR D 84 15.52 26.71 -20.25
N PHE D 85 15.41 25.40 -20.04
CA PHE D 85 15.78 24.84 -18.75
C PHE D 85 16.91 23.86 -18.82
N CYS D 86 17.81 23.97 -17.86
CA CYS D 86 18.85 22.97 -17.60
C CYS D 86 18.32 21.78 -16.82
N ALA D 87 18.77 20.58 -17.19
CA ALA D 87 18.71 19.46 -16.26
C ALA D 87 20.02 18.73 -16.14
N THR D 88 20.41 18.45 -14.88
CA THR D 88 21.53 17.54 -14.50
C THR D 88 21.03 16.21 -13.94
N ASP D 89 21.72 15.11 -14.31
CA ASP D 89 21.51 13.77 -13.69
C ASP D 89 22.41 13.61 -12.49
N ASP D 90 21.81 13.77 -11.33
CA ASP D 90 22.58 14.06 -10.16
C ASP D 90 23.64 13.12 -9.62
N ASP D 91 23.53 11.81 -9.56
CA ASP D 91 24.83 11.18 -9.25
C ASP D 91 25.00 9.99 -10.13
N SER D 92 24.46 10.17 -11.34
CA SER D 92 24.32 9.12 -12.32
C SER D 92 23.16 8.29 -11.80
N ALA D 93 22.50 8.85 -10.79
CA ALA D 93 21.41 8.20 -10.13
C ALA D 93 20.07 8.58 -10.73
N ARG D 94 20.04 8.89 -12.03
CA ARG D 94 18.80 8.96 -12.83
C ARG D 94 17.64 9.90 -12.49
N GLN D 95 17.63 10.60 -11.36
CA GLN D 95 16.60 11.63 -11.19
C GLN D 95 17.14 12.91 -11.79
N LEU D 96 16.46 13.48 -12.79
CA LEU D 96 16.89 14.75 -13.34
C LEU D 96 16.61 15.88 -12.36
N THR D 97 17.59 16.76 -12.17
CA THR D 97 17.40 18.00 -11.40
C THR D 97 17.37 19.22 -12.31
N PHE D 98 16.24 19.94 -12.32
CA PHE D 98 16.08 21.10 -13.22
C PHE D 98 16.40 22.41 -12.51
N GLY D 99 17.14 23.29 -13.17
CA GLY D 99 17.39 24.65 -12.62
C GLY D 99 16.33 25.69 -12.92
N SER D 100 16.62 26.93 -12.59
CA SER D 100 15.71 28.04 -12.85
C SER D 100 15.59 28.29 -14.34
N GLY D 101 16.70 28.49 -15.04
CA GLY D 101 16.58 28.73 -16.49
C GLY D 101 16.07 30.13 -16.92
N THR D 102 15.70 30.24 -18.18
CA THR D 102 15.78 31.52 -18.87
C THR D 102 14.66 31.80 -19.88
N GLN D 103 14.04 32.96 -19.71
CA GLN D 103 12.93 33.35 -20.55
C GLN D 103 13.50 33.99 -21.79
N LEU D 104 13.42 33.24 -22.89
CA LEU D 104 13.94 33.69 -24.17
C LEU D 104 12.78 34.20 -24.96
N THR D 105 12.95 35.41 -25.48
CA THR D 105 11.98 36.06 -26.37
C THR D 105 12.68 36.65 -27.59
N VAL D 106 12.48 35.99 -28.72
CA VAL D 106 13.05 36.37 -30.00
C VAL D 106 11.98 37.24 -30.66
N LEU D 107 12.28 38.52 -30.85
CA LEU D 107 11.34 39.49 -31.35
C LEU D 107 11.69 39.80 -32.79
N PRO D 108 10.71 40.25 -33.59
CA PRO D 108 11.07 40.47 -34.98
C PRO D 108 11.70 41.83 -35.14
N ASP D 109 12.56 41.95 -36.15
CA ASP D 109 12.97 43.26 -36.65
C ASP D 109 11.81 43.72 -37.54
N ILE D 110 11.10 44.77 -37.16
CA ILE D 110 10.16 45.32 -38.12
C ILE D 110 10.75 46.51 -38.91
N GLN D 111 10.88 46.30 -40.20
CA GLN D 111 11.62 47.21 -41.08
C GLN D 111 10.83 48.47 -41.39
N ASN D 112 9.51 48.34 -41.36
CA ASN D 112 8.61 49.42 -41.71
C ASN D 112 7.72 49.82 -40.54
N PRO D 113 8.26 50.61 -39.57
CA PRO D 113 7.44 51.09 -38.43
C PRO D 113 6.37 52.16 -38.75
N ASP D 114 5.11 51.86 -38.37
CA ASP D 114 3.97 52.78 -38.44
C ASP D 114 3.35 52.99 -37.05
N PRO D 115 4.12 53.57 -36.11
CA PRO D 115 3.57 53.69 -34.75
C PRO D 115 2.18 54.31 -34.81
N ALA D 116 1.16 53.58 -34.36
CA ALA D 116 -0.21 54.00 -34.67
C ALA D 116 -1.30 53.60 -33.65
N VAL D 117 -1.58 54.49 -32.71
CA VAL D 117 -2.66 54.27 -31.73
C VAL D 117 -4.03 54.56 -32.32
N TYR D 118 -4.93 53.58 -32.20
CA TYR D 118 -6.29 53.72 -32.69
C TYR D 118 -7.36 53.49 -31.58
N GLN D 119 -8.55 54.04 -31.79
CA GLN D 119 -9.75 53.64 -31.02
C GLN D 119 -10.32 52.39 -31.69
N LEU D 120 -10.82 51.44 -30.90
CA LEU D 120 -11.52 50.26 -31.42
C LEU D 120 -12.90 50.19 -30.81
N ARG D 121 -13.91 49.94 -31.64
CA ARG D 121 -15.28 49.95 -31.13
C ARG D 121 -15.90 48.56 -31.12
N ASP D 122 -16.22 48.13 -29.91
CA ASP D 122 -16.88 46.87 -29.61
C ASP D 122 -18.20 46.65 -30.33
N SER D 123 -18.25 45.64 -31.18
CA SER D 123 -19.51 45.27 -31.80
C SER D 123 -20.58 45.15 -30.70
N LYS D 124 -21.82 45.53 -31.03
CA LYS D 124 -22.95 45.54 -30.10
C LYS D 124 -23.10 46.81 -29.24
N SER D 125 -22.07 47.19 -28.48
CA SER D 125 -22.21 48.31 -27.54
C SER D 125 -21.42 49.58 -27.88
N SER D 126 -21.90 50.74 -27.40
CA SER D 126 -21.10 51.96 -27.41
C SER D 126 -20.11 51.92 -26.23
N ASP D 127 -19.62 50.70 -25.93
CA ASP D 127 -18.96 50.36 -24.66
C ASP D 127 -17.51 50.86 -24.56
N LYS D 128 -16.52 50.04 -24.27
CA LYS D 128 -15.20 50.63 -23.99
C LYS D 128 -14.56 51.28 -25.21
N SER D 129 -13.86 52.38 -24.96
CA SER D 129 -12.80 52.78 -25.86
C SER D 129 -11.70 51.78 -25.54
N VAL D 130 -11.15 51.15 -26.58
CA VAL D 130 -9.91 50.38 -26.45
C VAL D 130 -8.86 50.83 -27.46
N CYS D 131 -7.82 51.48 -26.94
CA CYS D 131 -6.75 52.02 -27.74
C CYS D 131 -5.73 50.92 -28.07
N LEU D 132 -5.47 50.73 -29.38
CA LEU D 132 -4.56 49.69 -29.87
C LEU D 132 -3.30 50.29 -30.47
N PHE D 133 -2.27 50.36 -29.65
CA PHE D 133 -0.91 50.59 -30.10
C PHE D 133 -0.51 49.43 -31.02
N THR D 134 -0.39 49.72 -32.31
CA THR D 134 0.03 48.70 -33.29
C THR D 134 1.12 49.22 -34.24
N ASP D 135 1.73 48.30 -34.98
CA ASP D 135 2.72 48.62 -36.03
C ASP D 135 3.97 49.39 -35.58
N PHE D 136 4.25 49.38 -34.28
CA PHE D 136 5.43 50.07 -33.78
C PHE D 136 6.72 49.24 -33.93
N ASP D 137 7.84 49.94 -33.79
CA ASP D 137 9.18 49.37 -33.85
C ASP D 137 9.34 48.36 -32.71
N SER D 138 10.19 47.35 -32.90
CA SER D 138 10.41 46.33 -31.87
C SER D 138 11.35 46.80 -30.76
N GLN D 139 11.89 48.01 -30.94
CA GLN D 139 12.73 48.62 -29.92
C GLN D 139 11.88 49.48 -29.04
N THR D 140 10.56 49.42 -29.23
CA THR D 140 9.59 50.17 -28.46
C THR D 140 9.08 49.35 -27.29
N ASN D 141 9.11 49.93 -26.09
CA ASN D 141 8.58 49.24 -24.91
C ASN D 141 7.40 49.99 -24.34
N VAL D 142 6.30 49.26 -24.11
CA VAL D 142 5.18 49.75 -23.30
C VAL D 142 5.38 49.47 -21.80
N SER D 143 5.11 50.49 -20.99
CA SER D 143 5.41 50.41 -19.56
C SER D 143 4.15 50.31 -18.71
N GLN D 144 4.34 50.23 -17.40
CA GLN D 144 3.27 50.05 -16.42
C GLN D 144 2.47 51.34 -16.20
N SER D 145 1.18 51.31 -16.54
CA SER D 145 0.28 52.43 -16.26
C SER D 145 0.07 52.57 -14.75
N LYS D 146 0.12 53.79 -14.20
CA LYS D 146 0.06 53.92 -12.73
C LYS D 146 -1.21 54.56 -12.16
N ASP D 147 -2.38 54.10 -12.63
CA ASP D 147 -3.66 54.51 -12.03
C ASP D 147 -4.79 53.50 -12.18
N SER D 148 -5.60 53.41 -11.13
CA SER D 148 -6.73 52.48 -11.04
C SER D 148 -7.38 52.16 -12.38
N ASP D 149 -7.85 53.20 -13.06
CA ASP D 149 -8.58 53.07 -14.31
C ASP D 149 -7.73 52.46 -15.42
N VAL D 150 -6.48 52.90 -15.50
CA VAL D 150 -5.64 52.62 -16.66
C VAL D 150 -4.82 51.33 -16.51
N TYR D 151 -5.12 50.34 -17.34
CA TYR D 151 -4.19 49.23 -17.54
C TYR D 151 -3.98 48.73 -18.98
N ILE D 152 -2.75 48.27 -19.23
CA ILE D 152 -2.18 48.03 -20.55
C ILE D 152 -1.72 46.58 -20.75
N THR D 153 -2.17 45.94 -21.85
CA THR D 153 -1.55 44.74 -22.40
C THR D 153 -0.12 45.09 -22.72
N ASP D 154 0.81 44.20 -22.41
CA ASP D 154 2.18 44.41 -22.86
C ASP D 154 2.36 43.95 -24.30
N LYS D 155 3.46 44.34 -24.92
CA LYS D 155 3.62 44.19 -26.36
C LYS D 155 3.52 42.75 -26.79
N CYS D 156 2.90 42.55 -27.93
CA CYS D 156 2.74 41.24 -28.47
C CYS D 156 2.89 41.24 -29.99
N VAL D 157 3.40 40.14 -30.54
CA VAL D 157 3.65 40.07 -31.97
C VAL D 157 2.67 39.12 -32.67
N LEU D 158 2.27 39.47 -33.89
CA LEU D 158 1.40 38.64 -34.70
C LEU D 158 2.05 38.46 -36.06
N ASP D 159 1.87 37.28 -36.66
CA ASP D 159 2.54 36.89 -37.90
C ASP D 159 1.55 36.39 -38.93
N MET D 160 1.31 37.18 -39.98
CA MET D 160 0.43 36.78 -41.08
C MET D 160 1.17 35.93 -42.11
N ARG D 161 1.12 34.61 -41.87
CA ARG D 161 1.89 33.59 -42.62
C ARG D 161 1.72 33.73 -44.12
N SER D 162 0.47 33.90 -44.54
CA SER D 162 0.14 33.99 -45.95
C SER D 162 0.89 35.14 -46.62
N MET D 163 1.01 36.26 -45.91
CA MET D 163 1.56 37.45 -46.55
C MET D 163 2.72 38.04 -45.79
N ASP D 164 3.56 37.15 -45.27
CA ASP D 164 4.81 37.54 -44.63
C ASP D 164 4.78 38.91 -43.96
N PHE D 165 3.81 39.11 -43.08
CA PHE D 165 3.75 40.33 -42.28
C PHE D 165 3.88 40.05 -40.76
N LYS D 166 4.60 40.92 -40.07
CA LYS D 166 4.78 40.79 -38.62
C LYS D 166 4.63 42.16 -37.97
N SER D 167 3.77 42.26 -36.95
CA SER D 167 3.56 43.55 -36.26
C SER D 167 3.33 43.41 -34.76
N ASN D 168 4.07 44.21 -33.96
CA ASN D 168 3.83 44.29 -32.51
C ASN D 168 2.49 45.01 -32.24
N SER D 169 1.89 44.70 -31.08
CA SER D 169 0.66 45.38 -30.62
C SER D 169 0.28 45.13 -29.16
N ALA D 170 0.32 46.20 -28.36
CA ALA D 170 -0.25 46.25 -27.01
C ALA D 170 -1.64 46.95 -26.99
N VAL D 171 -2.40 46.76 -25.92
CA VAL D 171 -3.82 47.17 -25.84
C VAL D 171 -4.17 48.01 -24.61
N ALA D 172 -5.10 48.95 -24.78
CA ALA D 172 -5.54 49.86 -23.70
C ALA D 172 -7.06 49.84 -23.50
N TRP D 173 -7.50 49.42 -22.32
CA TRP D 173 -8.90 49.52 -21.95
C TRP D 173 -9.08 50.39 -20.72
N SER D 174 -10.31 50.86 -20.57
CA SER D 174 -10.74 51.62 -19.40
C SER D 174 -12.22 51.93 -19.58
N ASN D 175 -12.93 52.14 -18.48
CA ASN D 175 -14.34 52.50 -18.52
C ASN D 175 -14.62 53.98 -18.20
N LYS D 176 -13.55 54.79 -18.18
CA LYS D 176 -13.62 56.18 -17.76
C LYS D 176 -13.60 57.15 -18.96
N SER D 177 -14.12 58.36 -18.74
CA SER D 177 -14.06 59.43 -19.75
C SER D 177 -12.89 60.42 -19.52
N ASP D 178 -12.18 60.25 -18.39
CA ASP D 178 -10.92 60.93 -18.11
C ASP D 178 -9.85 60.28 -18.96
N PHE D 179 -10.29 59.40 -19.84
CA PHE D 179 -9.41 58.58 -20.66
C PHE D 179 -9.86 58.58 -22.14
N ALA D 180 -8.87 58.75 -23.02
CA ALA D 180 -9.00 58.50 -24.46
C ALA D 180 -7.60 58.11 -24.97
N CYS D 181 -7.40 58.20 -26.30
CA CYS D 181 -6.19 57.66 -26.95
C CYS D 181 -4.83 58.32 -26.63
N ALA D 182 -4.73 59.62 -26.85
CA ALA D 182 -3.49 60.34 -26.53
C ALA D 182 -3.08 60.21 -25.05
N ASN D 183 -4.02 59.81 -24.20
CA ASN D 183 -3.77 59.48 -22.79
C ASN D 183 -3.06 58.15 -22.60
N ALA D 184 -3.65 57.12 -23.21
CA ALA D 184 -3.36 55.73 -22.92
C ALA D 184 -1.89 55.49 -22.66
N PHE D 185 -1.04 56.00 -23.53
CA PHE D 185 0.39 55.66 -23.48
C PHE D 185 1.28 56.82 -23.04
N ASN D 186 0.94 57.39 -21.88
CA ASN D 186 1.74 58.48 -21.32
C ASN D 186 2.84 58.04 -20.35
N ASN D 187 3.04 56.73 -20.21
CA ASN D 187 4.14 56.22 -19.38
C ASN D 187 5.22 55.52 -20.20
N SER D 188 4.80 54.80 -21.25
CA SER D 188 5.73 54.11 -22.13
C SER D 188 6.46 55.08 -23.08
N ILE D 189 7.77 54.87 -23.25
CA ILE D 189 8.56 55.58 -24.26
C ILE D 189 7.95 55.36 -25.65
N ILE D 190 7.69 56.44 -26.39
CA ILE D 190 6.96 56.28 -27.65
C ILE D 190 7.57 56.94 -28.90
N PRO D 191 7.39 56.28 -30.06
CA PRO D 191 7.47 56.90 -31.38
C PRO D 191 6.16 57.66 -31.72
N GLU D 192 6.28 58.89 -32.22
CA GLU D 192 5.13 59.76 -32.48
C GLU D 192 4.51 59.51 -33.85
N ASP D 193 3.25 59.03 -33.88
CA ASP D 193 2.54 58.78 -35.13
C ASP D 193 1.05 58.44 -35.07
N THR D 194 0.33 58.83 -36.14
CA THR D 194 -1.15 58.75 -36.30
C THR D 194 -2.01 58.86 -35.01
N PHE D 195 -2.46 60.09 -34.74
CA PHE D 195 -3.04 60.49 -33.44
C PHE D 195 -2.38 59.79 -32.22
N ALA E 1 0.84 9.76 -30.02
CA ALA E 1 1.70 10.97 -29.77
C ALA E 1 1.89 11.24 -28.26
N GLY E 2 2.66 10.34 -27.63
CA GLY E 2 3.33 10.60 -26.36
C GLY E 2 2.56 10.47 -25.06
N VAL E 3 3.06 11.20 -24.08
CA VAL E 3 2.71 10.98 -22.69
C VAL E 3 1.48 11.81 -22.34
N SER E 4 0.30 11.19 -22.41
CA SER E 4 -0.92 11.93 -22.13
C SER E 4 -1.20 12.03 -20.64
N GLN E 5 -1.19 13.24 -20.11
CA GLN E 5 -1.57 13.50 -18.73
C GLN E 5 -2.99 13.95 -18.68
N THR E 6 -3.65 13.74 -17.56
CA THR E 6 -5.07 14.08 -17.50
C THR E 6 -5.54 14.27 -16.04
N PRO E 7 -6.58 15.12 -15.79
CA PRO E 7 -7.31 16.01 -16.64
C PRO E 7 -6.52 17.31 -16.70
N SER E 8 -6.41 17.92 -17.87
CA SER E 8 -5.44 19.02 -18.05
C SER E 8 -5.54 20.14 -17.03
N ASN E 9 -6.76 20.31 -16.49
CA ASN E 9 -7.09 21.33 -15.49
C ASN E 9 -7.89 20.73 -14.31
N LYS E 10 -7.49 21.03 -13.07
CA LYS E 10 -8.41 20.81 -11.96
C LYS E 10 -8.41 21.98 -11.00
N VAL E 11 -9.60 22.24 -10.48
CA VAL E 11 -9.92 23.47 -9.76
C VAL E 11 -10.84 23.07 -8.63
N THR E 12 -10.30 23.06 -7.42
CA THR E 12 -11.08 22.81 -6.22
C THR E 12 -10.64 23.66 -5.04
N GLU E 13 -11.24 23.41 -3.90
CA GLU E 13 -10.94 24.16 -2.70
C GLU E 13 -10.13 23.37 -1.67
N LYS E 14 -9.73 24.07 -0.61
CA LYS E 14 -9.12 23.48 0.57
C LYS E 14 -9.74 22.11 0.91
N GLY E 15 -8.90 21.20 1.42
CA GLY E 15 -9.34 19.95 2.03
C GLY E 15 -9.96 18.86 1.16
N LYS E 16 -9.73 18.90 -0.14
CA LYS E 16 -10.42 17.95 -1.04
C LYS E 16 -9.39 17.00 -1.60
N TYR E 17 -9.87 15.90 -2.19
CA TYR E 17 -8.94 14.89 -2.68
C TYR E 17 -8.81 14.88 -4.17
N VAL E 18 -7.60 15.12 -4.66
CA VAL E 18 -7.30 15.19 -6.10
C VAL E 18 -6.45 14.01 -6.65
N GLU E 19 -6.82 13.56 -7.84
CA GLU E 19 -6.35 12.34 -8.48
C GLU E 19 -5.81 12.62 -9.87
N LEU E 20 -4.51 12.84 -10.01
CA LEU E 20 -3.97 13.20 -11.33
C LEU E 20 -3.51 12.00 -12.16
N ARG E 21 -4.04 11.84 -13.37
CA ARG E 21 -3.65 10.70 -14.22
C ARG E 21 -2.56 11.04 -15.21
N CYS E 22 -1.87 10.00 -15.71
CA CYS E 22 -0.89 10.12 -16.79
C CYS E 22 -0.57 8.76 -17.41
N ASP E 23 -0.59 8.74 -18.74
CA ASP E 23 -0.36 7.52 -19.48
C ASP E 23 0.92 7.65 -20.31
N PRO E 24 2.00 6.96 -19.92
CA PRO E 24 3.28 7.25 -20.55
C PRO E 24 3.49 6.41 -21.82
N ILE E 25 4.62 6.63 -22.49
CA ILE E 25 4.96 5.92 -23.71
C ILE E 25 5.09 4.41 -23.44
N SER E 26 4.65 3.59 -24.39
CA SER E 26 4.73 2.16 -24.21
C SER E 26 6.17 1.70 -24.26
N GLY E 27 6.49 0.72 -23.40
CA GLY E 27 7.84 0.18 -23.27
C GLY E 27 8.76 1.07 -22.45
N HIS E 28 8.31 2.28 -22.07
CA HIS E 28 9.12 3.07 -21.15
C HIS E 28 9.01 2.51 -19.73
N THR E 29 10.12 2.10 -19.13
CA THR E 29 10.08 1.63 -17.73
C THR E 29 10.05 2.76 -16.68
N ALA E 30 10.97 3.71 -16.73
CA ALA E 30 10.87 4.82 -15.79
C ALA E 30 9.69 5.81 -16.08
N LEU E 31 8.94 6.16 -15.04
CA LEU E 31 7.93 7.16 -15.11
C LEU E 31 8.19 8.13 -13.98
N TYR E 32 8.58 9.35 -14.32
CA TYR E 32 8.72 10.42 -13.33
C TYR E 32 7.45 11.23 -13.12
N TRP E 33 7.34 11.85 -11.94
CA TRP E 33 6.44 12.98 -11.71
C TRP E 33 7.25 14.16 -11.23
N TYR E 34 6.91 15.33 -11.76
CA TYR E 34 7.49 16.61 -11.35
C TYR E 34 6.34 17.53 -11.06
N ARG E 35 6.63 18.67 -10.45
CA ARG E 35 5.66 19.75 -10.40
C ARG E 35 6.37 21.07 -10.55
N GLN E 36 5.64 22.06 -11.05
CA GLN E 36 6.24 23.33 -11.34
C GLN E 36 5.17 24.39 -11.15
N SER E 37 5.59 25.59 -10.81
CA SER E 37 4.69 26.71 -10.66
C SER E 37 5.31 27.97 -11.26
N LEU E 38 4.45 28.93 -11.59
CA LEU E 38 4.80 30.16 -12.30
C LEU E 38 6.29 30.53 -12.20
N GLY E 39 7.01 30.27 -13.28
CA GLY E 39 8.33 30.86 -13.47
C GLY E 39 9.34 30.33 -12.48
N GLN E 40 9.48 29.01 -12.50
CA GLN E 40 10.44 28.24 -11.69
C GLN E 40 10.68 26.93 -12.42
N GLY E 41 11.76 26.24 -12.08
CA GLY E 41 12.07 24.93 -12.66
C GLY E 41 11.04 23.92 -12.19
N PRO E 42 10.79 22.86 -12.98
CA PRO E 42 10.10 21.70 -12.42
C PRO E 42 10.90 21.16 -11.24
N GLU E 43 10.21 20.80 -10.16
CA GLU E 43 10.89 20.11 -9.07
C GLU E 43 10.52 18.65 -8.99
N PHE E 44 11.49 17.85 -8.57
CA PHE E 44 11.33 16.40 -8.50
C PHE E 44 10.28 15.95 -7.48
N LEU E 45 9.53 14.92 -7.82
CA LEU E 45 8.56 14.37 -6.88
C LEU E 45 8.76 12.88 -6.56
N ILE E 46 8.72 12.07 -7.61
CA ILE E 46 8.74 10.66 -7.48
C ILE E 46 9.09 10.11 -8.86
N TYR E 47 9.56 8.86 -8.84
CA TYR E 47 10.18 8.30 -10.02
C TYR E 47 9.99 6.79 -9.94
N PHE E 48 9.17 6.27 -10.83
CA PHE E 48 8.86 4.85 -10.83
C PHE E 48 9.76 4.14 -11.77
N GLN E 49 10.06 2.90 -11.38
CA GLN E 49 10.72 1.97 -12.27
C GLN E 49 9.85 0.73 -12.24
N GLY E 50 9.26 0.44 -13.40
CA GLY E 50 8.11 -0.46 -13.54
C GLY E 50 6.98 -0.22 -12.56
N THR E 51 6.65 -1.26 -11.80
CA THR E 51 5.51 -1.31 -10.90
C THR E 51 5.64 -0.59 -9.53
N GLY E 52 6.73 0.13 -9.27
CA GLY E 52 6.87 0.74 -7.96
C GLY E 52 7.90 1.82 -7.88
N ALA E 53 7.75 2.66 -6.87
CA ALA E 53 8.70 3.75 -6.60
C ALA E 53 10.14 3.25 -6.34
N ALA E 54 11.10 3.90 -7.01
CA ALA E 54 12.50 3.61 -6.78
C ALA E 54 13.08 4.83 -6.11
N ASP E 55 12.31 5.91 -6.18
CA ASP E 55 12.65 7.17 -5.50
C ASP E 55 11.40 8.01 -5.32
N ASP E 56 11.16 8.39 -4.07
CA ASP E 56 10.04 9.21 -3.67
C ASP E 56 10.45 10.38 -2.74
N SER E 57 11.70 10.83 -2.85
CA SER E 57 12.23 11.89 -1.98
C SER E 57 11.72 13.29 -2.38
N GLY E 58 11.08 13.39 -3.54
CA GLY E 58 10.50 14.65 -3.99
C GLY E 58 9.21 14.96 -3.25
N LEU E 59 8.43 13.90 -3.00
CA LEU E 59 7.19 14.00 -2.22
C LEU E 59 7.37 14.94 -1.05
N PRO E 60 6.60 16.04 -1.00
CA PRO E 60 6.72 16.99 0.12
C PRO E 60 6.13 16.46 1.43
N ASN E 61 5.14 15.57 1.34
CA ASN E 61 4.50 15.06 2.55
C ASN E 61 3.55 13.88 2.35
N ASP E 62 3.17 13.29 3.48
CA ASP E 62 2.36 12.07 3.54
C ASP E 62 1.02 12.20 2.81
N ARG E 63 0.56 13.44 2.58
CA ARG E 63 -0.63 13.66 1.77
C ARG E 63 -0.40 13.31 0.28
N PHE E 64 0.86 13.24 -0.17
CA PHE E 64 1.17 12.88 -1.55
C PHE E 64 1.51 11.39 -1.73
N PHE E 65 0.86 10.77 -2.71
CA PHE E 65 1.13 9.34 -2.97
C PHE E 65 0.75 8.98 -4.41
N ALA E 66 1.60 8.18 -5.05
CA ALA E 66 1.48 7.89 -6.48
C ALA E 66 1.39 6.40 -6.58
N VAL E 67 1.13 5.91 -7.80
CA VAL E 67 0.71 4.53 -7.96
C VAL E 67 0.97 4.19 -9.41
N ARG E 68 1.06 2.91 -9.75
CA ARG E 68 1.32 2.55 -11.11
C ARG E 68 1.25 1.04 -11.26
N PRO E 69 0.09 0.49 -10.87
CA PRO E 69 -0.20 -0.91 -10.57
C PRO E 69 0.33 -1.89 -11.58
N GLU E 70 0.03 -1.59 -12.82
CA GLU E 70 0.26 -2.47 -13.90
C GLU E 70 1.52 -1.99 -14.60
N GLY E 71 2.21 -1.06 -13.95
CA GLY E 71 3.47 -0.53 -14.45
C GLY E 71 3.40 0.49 -15.58
N SER E 72 2.25 0.66 -16.22
CA SER E 72 2.18 1.66 -17.28
C SER E 72 1.66 2.97 -16.72
N VAL E 73 0.34 3.03 -16.47
CA VAL E 73 -0.31 4.25 -16.06
C VAL E 73 -0.11 4.56 -14.58
N SER E 74 0.33 5.78 -14.32
CA SER E 74 0.53 6.25 -12.97
C SER E 74 -0.65 7.08 -12.53
N THR E 75 -0.79 7.25 -11.21
CA THR E 75 -1.76 8.20 -10.68
C THR E 75 -1.23 8.91 -9.48
N LEU E 76 -1.40 10.22 -9.45
CA LEU E 76 -0.94 11.02 -8.34
C LEU E 76 -2.15 11.35 -7.49
N LYS E 77 -2.10 10.89 -6.23
CA LYS E 77 -3.09 11.21 -5.23
C LYS E 77 -2.56 12.25 -4.25
N ILE E 78 -3.30 13.36 -4.14
CA ILE E 78 -3.04 14.40 -3.13
C ILE E 78 -4.24 14.35 -2.20
N GLN E 79 -4.02 14.64 -0.91
CA GLN E 79 -5.10 14.65 0.10
C GLN E 79 -5.03 15.86 1.00
N ARG E 80 -6.06 16.12 1.82
CA ARG E 80 -6.19 17.42 2.51
C ARG E 80 -5.59 18.49 1.61
N THR E 81 -6.17 18.66 0.43
CA THR E 81 -5.72 19.65 -0.52
C THR E 81 -5.54 21.04 0.09
N GLU E 82 -4.52 21.77 -0.34
CA GLU E 82 -4.31 23.14 0.16
C GLU E 82 -3.84 24.17 -0.87
N ARG E 83 -3.89 25.45 -0.51
CA ARG E 83 -3.52 26.46 -1.47
C ARG E 83 -2.11 26.21 -1.91
N GLY E 84 -1.23 25.94 -0.94
CA GLY E 84 0.18 25.60 -1.19
C GLY E 84 0.46 24.67 -2.35
N ASP E 85 -0.42 23.71 -2.56
CA ASP E 85 -0.25 22.66 -3.58
C ASP E 85 -0.49 23.10 -5.03
N SER E 86 -0.81 24.38 -5.24
CA SER E 86 -1.27 24.86 -6.55
C SER E 86 -0.10 24.98 -7.51
N ALA E 87 -0.10 24.16 -8.56
CA ALA E 87 0.99 24.10 -9.55
C ALA E 87 0.63 23.21 -10.74
N VAL E 88 1.48 23.20 -11.76
CA VAL E 88 1.34 22.24 -12.85
C VAL E 88 2.15 21.01 -12.48
N TYR E 89 1.51 19.84 -12.57
CA TYR E 89 2.16 18.57 -12.21
C TYR E 89 2.53 17.82 -13.48
N LEU E 90 3.84 17.61 -13.65
CA LEU E 90 4.40 17.11 -14.90
C LEU E 90 4.67 15.61 -14.80
N CYS E 91 4.23 14.88 -15.82
CA CYS E 91 4.48 13.45 -15.90
C CYS E 91 5.49 13.18 -17.02
N ALA E 92 6.63 12.56 -16.73
CA ALA E 92 7.56 12.14 -17.80
C ALA E 92 7.80 10.63 -17.90
N SER E 93 8.43 10.18 -18.99
CA SER E 93 8.73 8.77 -19.26
C SER E 93 10.12 8.67 -19.82
N SER E 94 10.93 7.76 -19.28
CA SER E 94 12.23 7.46 -19.85
C SER E 94 12.16 6.05 -20.37
N LEU E 95 13.01 5.69 -21.32
CA LEU E 95 13.14 4.27 -21.72
C LEU E 95 13.72 3.36 -20.60
N THR E 96 14.79 3.78 -19.91
CA THR E 96 15.54 2.86 -19.03
C THR E 96 15.83 3.44 -17.64
N GLY E 97 16.03 4.75 -17.61
CA GLY E 97 16.18 5.52 -16.40
C GLY E 97 17.09 6.64 -16.82
N GLY E 98 16.73 7.88 -16.48
CA GLY E 98 17.57 9.03 -16.80
C GLY E 98 17.57 9.30 -18.30
N GLY E 99 18.67 9.84 -18.81
CA GLY E 99 18.65 10.23 -20.22
C GLY E 99 17.41 11.06 -20.57
N GLU E 100 16.83 10.79 -21.73
CA GLU E 100 15.81 11.65 -22.33
C GLU E 100 14.42 11.52 -21.74
N LEU E 101 13.90 12.63 -21.20
CA LEU E 101 12.60 12.61 -20.56
C LEU E 101 11.50 13.10 -21.53
N PHE E 102 10.48 12.28 -21.74
CA PHE E 102 9.35 12.67 -22.56
C PHE E 102 8.21 13.06 -21.64
N PHE E 103 7.97 14.37 -21.52
CA PHE E 103 6.92 14.92 -20.68
C PHE E 103 5.54 14.82 -21.34
N GLY E 104 4.52 14.76 -20.51
CA GLY E 104 3.15 14.95 -20.92
C GLY E 104 2.90 16.44 -20.84
N GLU E 105 1.79 16.89 -21.42
CA GLU E 105 1.44 18.31 -21.45
C GLU E 105 1.18 18.88 -20.05
N GLY E 106 0.70 18.05 -19.13
CA GLY E 106 0.55 18.49 -17.74
C GLY E 106 -0.87 18.52 -17.21
N SER E 107 -1.01 18.87 -15.94
CA SER E 107 -2.32 19.15 -15.36
C SER E 107 -2.14 20.34 -14.43
N ARG E 108 -2.77 21.47 -14.84
CA ARG E 108 -2.77 22.73 -14.08
C ARG E 108 -3.83 22.63 -12.98
N LEU E 109 -3.38 22.67 -11.73
CA LEU E 109 -4.26 22.50 -10.61
C LEU E 109 -4.15 23.68 -9.67
N THR E 110 -5.29 24.35 -9.46
CA THR E 110 -5.35 25.53 -8.62
C THR E 110 -6.23 25.17 -7.44
N VAL E 111 -5.73 25.43 -6.25
CA VAL E 111 -6.47 25.18 -5.03
C VAL E 111 -6.70 26.48 -4.29
N LEU E 112 -7.98 26.80 -4.08
CA LEU E 112 -8.42 28.12 -3.61
C LEU E 112 -8.93 28.02 -2.19
N GLU E 113 -9.07 29.16 -1.53
CA GLU E 113 -9.60 29.20 -0.17
C GLU E 113 -11.09 28.85 -0.08
N ASP E 114 -11.81 29.08 -1.18
CA ASP E 114 -13.26 28.90 -1.25
C ASP E 114 -13.63 28.75 -2.72
N LEU E 115 -14.81 28.22 -3.02
CA LEU E 115 -15.28 28.25 -4.41
C LEU E 115 -16.17 29.49 -4.67
N LYS E 116 -16.15 30.44 -3.74
CA LYS E 116 -17.06 31.60 -3.72
C LYS E 116 -16.71 32.61 -4.80
N ASN E 117 -15.45 32.64 -5.18
CA ASN E 117 -14.97 33.73 -6.00
C ASN E 117 -14.60 33.32 -7.40
N VAL E 118 -14.79 32.03 -7.70
CA VAL E 118 -14.73 31.51 -9.05
C VAL E 118 -15.69 32.31 -9.94
N PHE E 119 -15.14 32.84 -11.03
CA PHE E 119 -15.88 33.69 -11.95
C PHE E 119 -15.45 33.41 -13.39
N PRO E 120 -16.42 33.15 -14.27
CA PRO E 120 -16.13 32.95 -15.68
C PRO E 120 -15.94 34.32 -16.31
N PRO E 121 -15.43 34.37 -17.55
CA PRO E 121 -15.19 35.68 -18.13
C PRO E 121 -16.41 36.24 -18.86
N GLU E 122 -16.47 37.57 -18.94
CA GLU E 122 -17.33 38.27 -19.89
C GLU E 122 -16.51 38.36 -21.17
N VAL E 123 -17.19 38.36 -22.32
CA VAL E 123 -16.51 38.28 -23.62
C VAL E 123 -17.00 39.33 -24.60
N ALA E 124 -16.02 39.99 -25.21
CA ALA E 124 -16.25 41.18 -26.00
C ALA E 124 -15.38 41.21 -27.26
N VAL E 125 -15.97 40.85 -28.40
CA VAL E 125 -15.41 41.23 -29.72
C VAL E 125 -15.39 42.77 -29.93
N PHE E 126 -14.23 43.30 -30.32
CA PHE E 126 -14.08 44.71 -30.71
C PHE E 126 -13.79 44.80 -32.20
N GLU E 127 -14.44 45.75 -32.89
CA GLU E 127 -14.36 45.86 -34.35
C GLU E 127 -13.15 46.67 -34.82
N PRO E 128 -12.72 46.48 -36.09
CA PRO E 128 -11.57 47.20 -36.62
C PRO E 128 -11.80 48.69 -36.98
N SER E 129 -10.70 49.44 -36.93
CA SER E 129 -10.65 50.87 -37.23
C SER E 129 -10.60 51.08 -38.73
N GLU E 130 -11.34 52.08 -39.23
CA GLU E 130 -11.19 52.51 -40.60
C GLU E 130 -9.91 53.32 -40.74
N ALA E 131 -9.61 54.15 -39.74
CA ALA E 131 -8.34 54.85 -39.68
C ALA E 131 -7.15 53.88 -39.83
N GLU E 132 -7.35 52.60 -39.46
CA GLU E 132 -6.41 51.50 -39.74
C GLU E 132 -6.55 50.91 -41.16
N ILE E 133 -7.78 50.58 -41.58
CA ILE E 133 -8.04 50.07 -42.95
C ILE E 133 -7.68 51.09 -44.02
N SER E 134 -7.35 52.32 -43.60
CA SER E 134 -6.84 53.29 -44.55
C SER E 134 -5.32 53.31 -44.50
N HIS E 135 -4.79 53.57 -43.30
CA HIS E 135 -3.36 53.80 -43.08
C HIS E 135 -2.54 52.53 -43.27
N THR E 136 -3.20 51.36 -43.15
CA THR E 136 -2.52 50.09 -43.34
C THR E 136 -3.29 49.16 -44.28
N GLN E 137 -4.56 49.50 -44.55
CA GLN E 137 -5.48 48.69 -45.38
C GLN E 137 -5.71 47.26 -44.87
N LYS E 138 -5.38 47.05 -43.59
CA LYS E 138 -5.59 45.78 -42.90
C LYS E 138 -6.52 45.98 -41.72
N ALA E 139 -7.31 44.95 -41.41
CA ALA E 139 -8.22 44.98 -40.27
C ALA E 139 -7.73 44.15 -39.05
N THR E 140 -7.56 44.84 -37.91
CA THR E 140 -7.30 44.22 -36.60
C THR E 140 -8.56 44.13 -35.73
N LEU E 141 -8.93 42.93 -35.27
CA LEU E 141 -9.95 42.79 -34.23
C LEU E 141 -9.26 42.53 -32.90
N VAL E 142 -9.91 42.92 -31.80
CA VAL E 142 -9.35 42.77 -30.46
C VAL E 142 -10.38 42.07 -29.57
N CYS E 143 -9.92 41.10 -28.76
CA CYS E 143 -10.82 40.41 -27.83
C CYS E 143 -10.49 40.75 -26.38
N LEU E 144 -11.49 41.27 -25.65
CA LEU E 144 -11.35 41.43 -24.21
C LEU E 144 -12.18 40.42 -23.43
N ALA E 145 -11.48 39.54 -22.72
CA ALA E 145 -12.12 38.65 -21.77
C ALA E 145 -11.92 39.22 -20.36
N THR E 146 -13.04 39.52 -19.72
CA THR E 146 -13.07 40.35 -18.52
C THR E 146 -13.41 39.56 -17.29
N GLY E 147 -12.91 40.02 -16.15
CA GLY E 147 -13.42 39.63 -14.84
C GLY E 147 -13.67 38.14 -14.67
N PHE E 148 -12.63 37.35 -14.94
CA PHE E 148 -12.70 35.90 -14.74
C PHE E 148 -11.72 35.44 -13.66
N TYR E 149 -12.03 34.29 -13.06
CA TYR E 149 -11.24 33.70 -11.96
C TYR E 149 -11.53 32.20 -11.77
N PRO E 150 -10.46 31.36 -11.71
CA PRO E 150 -9.06 31.75 -11.76
C PRO E 150 -8.56 31.94 -13.20
N ASP E 151 -7.24 32.10 -13.38
CA ASP E 151 -6.69 32.40 -14.70
C ASP E 151 -6.47 31.14 -15.54
N HIS E 152 -7.49 30.28 -15.54
CA HIS E 152 -7.51 29.07 -16.35
C HIS E 152 -8.36 29.34 -17.56
N VAL E 153 -7.72 29.85 -18.61
CA VAL E 153 -8.44 30.11 -19.86
C VAL E 153 -7.55 29.84 -21.07
N GLU E 154 -8.17 29.35 -22.15
CA GLU E 154 -7.53 29.37 -23.47
C GLU E 154 -8.40 30.13 -24.50
N LEU E 155 -7.78 31.05 -25.23
CA LEU E 155 -8.48 31.92 -26.19
C LEU E 155 -8.23 31.50 -27.64
N SER E 156 -9.26 30.97 -28.28
CA SER E 156 -9.16 30.50 -29.66
C SER E 156 -10.03 31.35 -30.56
N TRP E 157 -9.47 31.88 -31.64
CA TRP E 157 -10.24 32.55 -32.70
C TRP E 157 -10.75 31.56 -33.74
N TRP E 158 -11.89 31.89 -34.34
CA TRP E 158 -12.45 31.12 -35.45
C TRP E 158 -12.98 32.08 -36.48
N VAL E 159 -12.46 31.95 -37.70
CA VAL E 159 -13.06 32.62 -38.84
C VAL E 159 -13.99 31.64 -39.54
N ASN E 160 -15.29 31.89 -39.42
CA ASN E 160 -16.25 31.22 -40.29
C ASN E 160 -16.69 29.81 -39.88
N GLY E 161 -16.16 29.29 -38.78
CA GLY E 161 -16.45 27.92 -38.36
C GLY E 161 -15.22 27.04 -38.44
N LYS E 162 -14.08 27.66 -38.69
CA LYS E 162 -12.79 26.98 -38.59
C LYS E 162 -11.78 27.86 -37.87
N GLU E 163 -10.89 27.20 -37.13
CA GLU E 163 -9.89 27.85 -36.30
C GLU E 163 -8.59 28.09 -37.06
N VAL E 164 -8.02 29.30 -36.95
CA VAL E 164 -6.63 29.47 -37.40
C VAL E 164 -5.77 30.21 -36.39
N HIS E 165 -4.57 29.66 -36.17
CA HIS E 165 -3.55 30.24 -35.30
C HIS E 165 -2.86 31.43 -36.02
N SER E 166 -3.23 31.69 -37.27
CA SER E 166 -2.48 32.58 -38.15
C SER E 166 -2.99 34.05 -38.22
N GLY E 167 -2.14 35.01 -37.84
CA GLY E 167 -2.52 36.43 -37.77
C GLY E 167 -2.89 36.82 -36.36
N VAL E 168 -3.08 35.79 -35.55
CA VAL E 168 -3.51 35.90 -34.16
C VAL E 168 -2.35 36.00 -33.18
N CYS E 169 -2.56 36.79 -32.14
CA CYS E 169 -1.75 36.82 -30.94
C CYS E 169 -2.70 36.93 -29.74
N THR E 170 -2.33 36.28 -28.64
CA THR E 170 -2.95 36.53 -27.36
C THR E 170 -1.79 36.98 -26.47
N ASP E 171 -2.07 37.46 -25.27
CA ASP E 171 -0.99 37.75 -24.30
C ASP E 171 -0.59 36.45 -23.60
N PRO E 172 0.72 36.27 -23.34
CA PRO E 172 1.26 35.18 -22.54
C PRO E 172 0.44 34.92 -21.28
N GLN E 173 0.37 35.92 -20.40
CA GLN E 173 -0.33 35.80 -19.13
C GLN E 173 -1.38 36.89 -18.96
N PRO E 174 -2.53 36.56 -18.35
CA PRO E 174 -3.48 37.63 -18.02
C PRO E 174 -2.89 38.49 -16.91
N LEU E 175 -3.39 39.72 -16.72
CA LEU E 175 -3.03 40.47 -15.50
C LEU E 175 -4.17 41.10 -14.68
N LYS E 176 -3.89 41.24 -13.38
CA LYS E 176 -4.86 41.56 -12.32
C LYS E 176 -5.55 42.90 -12.51
N GLU E 177 -6.87 42.87 -12.40
CA GLU E 177 -7.68 44.07 -12.42
C GLU E 177 -7.53 44.87 -11.11
N GLN E 178 -7.68 44.21 -9.96
CA GLN E 178 -7.37 44.84 -8.66
C GLN E 178 -6.04 44.25 -8.15
N PRO E 179 -4.91 44.80 -8.65
CA PRO E 179 -3.63 44.12 -8.49
C PRO E 179 -3.02 44.24 -7.09
N ALA E 180 -3.86 44.52 -6.09
CA ALA E 180 -3.43 44.74 -4.70
C ALA E 180 -3.13 43.45 -3.94
N LEU E 181 -3.85 42.37 -4.25
CA LEU E 181 -3.54 41.06 -3.69
C LEU E 181 -3.82 39.93 -4.68
N ASN E 182 -3.50 38.71 -4.28
CA ASN E 182 -3.49 37.55 -5.17
C ASN E 182 -4.85 37.00 -5.53
N ASP E 183 -5.84 37.23 -4.68
CA ASP E 183 -7.21 37.08 -5.12
C ASP E 183 -7.59 38.37 -5.87
N SER E 184 -7.27 38.41 -7.16
CA SER E 184 -7.74 39.47 -8.02
C SER E 184 -8.32 38.85 -9.27
N ARG E 185 -9.42 39.45 -9.75
CA ARG E 185 -10.05 39.02 -10.99
C ARG E 185 -9.09 39.30 -12.13
N TYR E 186 -9.12 38.47 -13.15
CA TYR E 186 -8.10 38.56 -14.19
C TYR E 186 -8.58 39.21 -15.48
N ALA E 187 -7.63 39.76 -16.24
CA ALA E 187 -7.92 40.38 -17.53
C ALA E 187 -6.93 39.95 -18.62
N LEU E 188 -7.44 39.31 -19.66
CA LEU E 188 -6.61 38.90 -20.81
C LEU E 188 -7.29 39.22 -22.16
N SER E 189 -6.47 39.69 -23.12
CA SER E 189 -6.93 40.09 -24.47
C SER E 189 -6.21 39.34 -25.59
N SER E 190 -6.70 39.52 -26.82
CA SER E 190 -6.14 38.87 -28.00
C SER E 190 -6.53 39.60 -29.29
N ARG E 191 -5.56 39.73 -30.19
CA ARG E 191 -5.88 40.35 -31.47
C ARG E 191 -5.69 39.35 -32.62
N LEU E 192 -6.31 39.65 -33.74
CA LEU E 192 -6.14 38.93 -35.01
C LEU E 192 -6.24 39.97 -36.14
N ARG E 193 -5.37 39.82 -37.13
CA ARG E 193 -5.28 40.72 -38.28
C ARG E 193 -5.65 40.03 -39.59
N VAL E 194 -6.44 40.71 -40.41
CA VAL E 194 -6.74 40.22 -41.76
C VAL E 194 -6.45 41.29 -42.79
N SER E 195 -6.59 40.96 -44.07
CA SER E 195 -6.57 42.04 -45.05
C SER E 195 -7.87 42.81 -44.95
N ALA E 196 -7.84 44.09 -45.30
CA ALA E 196 -9.08 44.84 -45.40
C ALA E 196 -9.99 44.23 -46.48
N THR E 197 -9.41 43.51 -47.44
CA THR E 197 -10.20 42.78 -48.44
C THR E 197 -11.09 41.74 -47.78
N PHE E 198 -10.53 41.07 -46.77
CA PHE E 198 -11.21 39.97 -46.12
C PHE E 198 -12.37 40.43 -45.24
N TRP E 199 -12.11 41.39 -44.35
CA TRP E 199 -13.11 41.84 -43.39
C TRP E 199 -14.23 42.62 -44.08
N GLN E 200 -13.83 43.39 -45.10
CA GLN E 200 -14.75 44.20 -45.90
C GLN E 200 -15.73 43.37 -46.71
N ASP E 201 -15.32 42.19 -47.19
CA ASP E 201 -16.24 41.28 -47.87
C ASP E 201 -17.26 40.66 -46.90
N PRO E 202 -18.49 41.22 -46.90
CA PRO E 202 -19.46 41.20 -45.79
C PRO E 202 -19.92 39.82 -45.28
N ARG E 203 -19.84 38.80 -46.13
CA ARG E 203 -20.34 37.46 -45.82
C ARG E 203 -19.35 36.60 -45.00
N ASN E 204 -18.29 37.24 -44.49
CA ASN E 204 -17.35 36.61 -43.57
C ASN E 204 -17.64 36.84 -42.08
N HIS E 205 -17.09 35.93 -41.26
CA HIS E 205 -17.65 35.50 -39.97
C HIS E 205 -16.54 35.30 -38.96
N PHE E 206 -16.68 35.93 -37.81
CA PHE E 206 -15.60 36.06 -36.82
C PHE E 206 -16.12 35.69 -35.45
N ARG E 207 -15.50 34.68 -34.83
CA ARG E 207 -15.83 34.35 -33.44
C ARG E 207 -14.58 34.33 -32.56
N CYS E 208 -14.59 35.19 -31.56
CA CYS E 208 -13.67 35.07 -30.48
C CYS E 208 -14.32 34.13 -29.51
N GLN E 209 -13.64 33.01 -29.28
CA GLN E 209 -14.09 31.92 -28.40
C GLN E 209 -13.11 31.75 -27.23
N VAL E 210 -13.64 31.78 -26.01
CA VAL E 210 -12.82 31.85 -24.80
C VAL E 210 -13.19 30.76 -23.77
N GLN E 211 -12.28 29.80 -23.55
CA GLN E 211 -12.63 28.65 -22.71
C GLN E 211 -12.20 28.70 -21.24
N PHE E 212 -13.17 28.98 -20.38
CA PHE E 212 -12.97 28.93 -18.95
C PHE E 212 -12.77 27.49 -18.43
N TYR E 213 -12.09 27.39 -17.28
CA TYR E 213 -12.02 26.14 -16.51
C TYR E 213 -12.35 26.41 -15.04
N GLY E 214 -13.51 25.95 -14.62
CA GLY E 214 -14.01 26.27 -13.28
C GLY E 214 -14.37 25.07 -12.42
N LEU E 215 -15.64 24.66 -12.48
CA LEU E 215 -16.12 23.55 -11.67
C LEU E 215 -16.90 22.54 -12.54
N SER E 216 -17.15 21.36 -12.00
CA SER E 216 -17.91 20.36 -12.72
C SER E 216 -18.84 19.75 -11.70
N GLU E 217 -19.80 18.98 -12.20
CA GLU E 217 -20.84 18.32 -11.42
C GLU E 217 -20.46 17.79 -10.00
N ASN E 218 -19.18 17.44 -9.77
CA ASN E 218 -18.72 17.05 -8.42
C ASN E 218 -18.50 18.20 -7.41
N ASP E 219 -18.93 19.42 -7.75
CA ASP E 219 -18.83 20.58 -6.86
C ASP E 219 -20.20 21.24 -6.51
N GLU E 220 -20.25 21.87 -5.34
CA GLU E 220 -21.52 22.32 -4.75
C GLU E 220 -22.02 23.69 -5.19
N TRP E 221 -23.32 23.92 -4.97
CA TRP E 221 -24.01 25.15 -5.37
C TRP E 221 -24.81 25.70 -4.16
N THR E 222 -24.18 26.51 -3.32
CA THR E 222 -24.90 27.16 -2.23
C THR E 222 -25.20 28.60 -2.62
N GLN E 223 -24.99 28.89 -3.91
CA GLN E 223 -25.03 30.25 -4.37
C GLN E 223 -26.39 30.67 -4.86
N ASP E 224 -26.55 31.98 -4.99
CA ASP E 224 -27.60 32.57 -5.78
C ASP E 224 -27.08 32.74 -7.22
N ARG E 225 -25.83 33.15 -7.36
CA ARG E 225 -25.19 33.34 -8.67
C ARG E 225 -25.23 32.11 -9.59
N ALA E 226 -25.25 32.34 -10.90
CA ALA E 226 -25.15 31.25 -11.88
C ALA E 226 -23.83 30.54 -11.59
N LYS E 227 -23.92 29.30 -11.11
CA LYS E 227 -22.73 28.60 -10.61
C LYS E 227 -21.72 28.21 -11.72
N PRO E 228 -20.48 28.73 -11.62
CA PRO E 228 -19.45 28.76 -12.68
C PRO E 228 -18.81 27.42 -13.07
N VAL E 229 -19.53 26.63 -13.87
CA VAL E 229 -18.99 25.39 -14.42
C VAL E 229 -17.94 25.70 -15.49
N THR E 230 -17.29 24.65 -15.99
CA THR E 230 -16.42 24.79 -17.15
C THR E 230 -17.27 25.01 -18.38
N GLN E 231 -16.94 26.04 -19.15
CA GLN E 231 -17.76 26.47 -20.29
C GLN E 231 -16.96 27.35 -21.26
N ILE E 232 -17.48 27.50 -22.48
CA ILE E 232 -16.98 28.52 -23.44
C ILE E 232 -17.88 29.75 -23.53
N VAL E 233 -17.27 30.93 -23.47
CA VAL E 233 -17.97 32.18 -23.65
C VAL E 233 -17.43 32.79 -24.95
N SER E 234 -18.28 32.83 -25.98
CA SER E 234 -17.91 33.38 -27.29
C SER E 234 -18.49 34.75 -27.51
N ALA E 235 -18.00 35.44 -28.54
CA ALA E 235 -18.56 36.73 -29.02
C ALA E 235 -18.28 36.89 -30.50
N GLU E 236 -19.35 37.10 -31.26
CA GLU E 236 -19.31 37.09 -32.72
C GLU E 236 -19.30 38.50 -33.32
N ALA E 237 -18.77 38.60 -34.55
CA ALA E 237 -18.97 39.77 -35.40
C ALA E 237 -18.92 39.35 -36.88
N TRP E 238 -19.47 40.20 -37.76
CA TRP E 238 -19.53 39.94 -39.19
C TRP E 238 -18.81 41.04 -39.99
N GLY E 239 -19.01 41.08 -41.30
CA GLY E 239 -18.30 42.02 -42.16
C GLY E 239 -19.05 43.25 -42.68
N ARG E 240 -18.29 44.34 -42.85
CA ARG E 240 -18.70 45.56 -43.54
C ARG E 240 -17.39 46.31 -43.84
N GLY F 1 -31.21 3.28 -16.27
CA GLY F 1 -30.93 4.38 -15.30
C GLY F 1 -29.76 4.06 -14.37
N SER F 2 -29.30 5.05 -13.62
CA SER F 2 -28.13 4.86 -12.80
C SER F 2 -28.69 4.62 -11.43
N HIS F 3 -28.90 3.37 -11.08
CA HIS F 3 -29.59 3.07 -9.84
C HIS F 3 -28.67 3.12 -8.67
N SER F 4 -29.24 3.15 -7.46
CA SER F 4 -28.46 3.32 -6.24
C SER F 4 -29.23 2.82 -5.02
N MET F 5 -28.49 2.31 -4.03
CA MET F 5 -29.02 2.01 -2.69
C MET F 5 -28.23 2.79 -1.66
N ARG F 6 -28.90 3.49 -0.76
CA ARG F 6 -28.21 4.27 0.25
C ARG F 6 -28.78 3.99 1.62
N TYR F 7 -27.90 3.93 2.62
CA TYR F 7 -28.37 3.85 3.98
C TYR F 7 -28.00 5.16 4.70
N PHE F 8 -28.87 5.60 5.61
CA PHE F 8 -28.65 6.82 6.40
C PHE F 8 -28.78 6.52 7.89
N TYR F 9 -27.75 6.89 8.65
CA TYR F 9 -27.64 6.54 10.07
C TYR F 9 -27.59 7.78 10.88
N THR F 10 -28.30 7.78 11.99
CA THR F 10 -28.20 8.90 12.90
C THR F 10 -28.23 8.38 14.32
N ALA F 11 -27.16 8.65 15.09
CA ALA F 11 -27.13 8.30 16.51
C ALA F 11 -26.76 9.49 17.39
N MET F 12 -27.48 9.69 18.48
CA MET F 12 -27.15 10.80 19.37
C MET F 12 -27.26 10.42 20.83
N SER F 13 -26.33 10.95 21.63
CA SER F 13 -26.45 10.78 23.04
C SER F 13 -27.46 11.77 23.53
N ARG F 14 -27.96 11.55 24.73
CA ARG F 14 -29.03 12.35 25.30
C ARG F 14 -28.77 12.47 26.78
N PRO F 15 -27.60 13.04 27.14
CA PRO F 15 -27.30 13.33 28.53
C PRO F 15 -28.45 14.10 29.13
N GLY F 16 -28.90 13.70 30.32
CA GLY F 16 -30.06 14.32 30.94
C GLY F 16 -31.36 13.59 30.68
N ARG F 17 -31.50 12.98 29.51
CA ARG F 17 -32.75 12.30 29.15
C ARG F 17 -32.73 10.77 29.14
N GLY F 18 -31.75 10.16 28.47
CA GLY F 18 -31.56 8.70 28.49
C GLY F 18 -30.42 8.17 27.64
N GLU F 19 -30.48 6.88 27.32
CA GLU F 19 -29.48 6.20 26.47
C GLU F 19 -29.33 6.75 25.06
N PRO F 20 -28.10 6.79 24.55
CA PRO F 20 -27.94 7.08 23.16
C PRO F 20 -28.98 6.34 22.34
N ARG F 21 -29.19 6.83 21.13
CA ARG F 21 -30.28 6.37 20.29
C ARG F 21 -29.75 6.21 18.89
N PHE F 22 -30.18 5.16 18.21
CA PHE F 22 -29.73 4.89 16.86
C PHE F 22 -30.95 4.78 15.92
N ILE F 23 -30.97 5.61 14.87
CA ILE F 23 -31.96 5.49 13.79
C ILE F 23 -31.23 5.14 12.52
N ALA F 24 -31.84 4.26 11.73
CA ALA F 24 -31.33 3.88 10.43
C ALA F 24 -32.44 3.77 9.40
N VAL F 25 -32.10 4.13 8.16
CA VAL F 25 -33.05 4.27 7.05
C VAL F 25 -32.37 3.88 5.74
N GLY F 26 -32.97 2.95 4.98
CA GLY F 26 -32.55 2.70 3.58
C GLY F 26 -33.49 3.21 2.46
N TYR F 27 -32.86 3.70 1.39
CA TYR F 27 -33.55 4.08 0.17
C TYR F 27 -33.08 3.24 -0.98
N VAL F 28 -33.94 3.09 -1.99
CA VAL F 28 -33.51 2.74 -3.33
C VAL F 28 -33.86 3.94 -4.16
N ASP F 29 -32.85 4.60 -4.70
CA ASP F 29 -33.06 5.89 -5.38
C ASP F 29 -33.77 6.81 -4.39
N ASP F 30 -35.00 7.19 -4.65
CA ASP F 30 -35.70 8.15 -3.79
C ASP F 30 -36.87 7.48 -3.10
N THR F 31 -36.89 6.15 -3.16
CA THR F 31 -37.90 5.37 -2.48
C THR F 31 -37.30 4.77 -1.20
N GLN F 32 -37.66 5.29 -0.03
CA GLN F 32 -37.32 4.65 1.23
C GLN F 32 -37.92 3.26 1.30
N PHE F 33 -37.17 2.31 1.88
CA PHE F 33 -37.69 0.95 1.96
C PHE F 33 -37.66 0.23 3.28
N VAL F 34 -36.90 0.75 4.24
CA VAL F 34 -36.69 0.03 5.50
C VAL F 34 -36.40 0.99 6.64
N ARG F 35 -36.86 0.65 7.83
CA ARG F 35 -36.61 1.46 9.01
C ARG F 35 -36.03 0.64 10.17
N PHE F 36 -35.24 1.30 11.00
CA PHE F 36 -34.85 0.76 12.31
C PHE F 36 -34.71 1.89 13.32
N ASP F 37 -35.29 1.74 14.51
CA ASP F 37 -35.22 2.75 15.56
C ASP F 37 -34.89 2.12 16.92
N SER F 38 -33.73 2.48 17.47
CA SER F 38 -33.27 1.97 18.75
C SER F 38 -34.27 2.06 19.90
N ASP F 39 -35.06 3.14 19.94
CA ASP F 39 -35.99 3.38 21.07
C ASP F 39 -37.26 2.54 21.04
N ALA F 40 -37.46 1.75 19.98
CA ALA F 40 -38.68 0.97 19.88
C ALA F 40 -38.79 0.03 21.08
N ALA F 41 -39.94 -0.60 21.25
CA ALA F 41 -40.16 -1.54 22.35
C ALA F 41 -38.99 -2.50 22.39
N SER F 42 -38.96 -3.37 21.37
CA SER F 42 -37.86 -4.27 21.09
C SER F 42 -37.42 -3.93 19.66
N PRO F 43 -36.36 -3.11 19.52
CA PRO F 43 -35.84 -2.73 18.22
C PRO F 43 -35.95 -3.83 17.18
N ARG F 44 -36.63 -3.56 16.06
CA ARG F 44 -36.70 -4.50 14.94
C ARG F 44 -36.63 -3.79 13.59
N THR F 45 -36.05 -4.44 12.60
CA THR F 45 -35.99 -3.90 11.26
C THR F 45 -37.37 -4.00 10.64
N GLU F 46 -37.93 -2.84 10.23
CA GLU F 46 -39.29 -2.79 9.65
C GLU F 46 -39.28 -2.39 8.20
N PRO F 47 -40.19 -2.99 7.40
CA PRO F 47 -40.37 -2.63 6.00
C PRO F 47 -41.00 -1.23 5.86
N ARG F 48 -40.81 -0.62 4.68
CA ARG F 48 -41.28 0.74 4.42
C ARG F 48 -41.81 0.89 3.01
N ALA F 49 -41.30 0.05 2.11
CA ALA F 49 -41.87 -0.08 0.79
C ALA F 49 -42.57 -1.43 0.70
N PRO F 50 -43.70 -1.52 -0.06
CA PRO F 50 -44.39 -2.81 -0.22
C PRO F 50 -43.53 -3.96 -0.78
N TRP F 51 -42.67 -3.68 -1.75
CA TRP F 51 -41.99 -4.73 -2.50
C TRP F 51 -40.93 -5.49 -1.69
N ILE F 52 -40.66 -5.03 -0.48
CA ILE F 52 -39.66 -5.66 0.38
C ILE F 52 -40.29 -6.63 1.36
N GLU F 53 -41.57 -6.44 1.68
CA GLU F 53 -42.22 -7.28 2.69
C GLU F 53 -42.17 -8.74 2.26
N GLN F 54 -41.57 -8.94 1.08
CA GLN F 54 -41.48 -10.22 0.36
C GLN F 54 -40.42 -11.18 0.86
N GLU F 55 -39.35 -10.61 1.42
CA GLU F 55 -38.18 -11.38 1.86
C GLU F 55 -38.56 -12.27 3.03
N GLY F 56 -37.87 -13.41 3.15
CA GLY F 56 -38.08 -14.34 4.25
C GLY F 56 -37.43 -13.85 5.52
N PRO F 57 -37.75 -14.49 6.65
CA PRO F 57 -37.28 -14.09 7.98
C PRO F 57 -35.78 -13.74 8.01
N GLU F 58 -34.95 -14.59 7.42
CA GLU F 58 -33.53 -14.34 7.32
C GLU F 58 -33.22 -12.85 7.10
N TYR F 59 -33.82 -12.23 6.08
CA TYR F 59 -33.57 -10.81 5.84
C TYR F 59 -33.70 -9.98 7.11
N TRP F 60 -34.89 -9.97 7.71
CA TRP F 60 -35.14 -9.15 8.90
C TRP F 60 -34.30 -9.51 10.11
N ASP F 61 -34.12 -10.81 10.35
CA ASP F 61 -33.26 -11.36 11.41
C ASP F 61 -31.81 -10.90 11.23
N ARG F 62 -31.33 -10.93 10.00
CA ARG F 62 -30.01 -10.43 9.66
C ARG F 62 -29.82 -8.95 10.00
N ASN F 63 -30.76 -8.12 9.55
CA ASN F 63 -30.54 -6.70 9.61
C ASN F 63 -30.72 -6.20 11.03
N THR F 64 -31.61 -6.86 11.74
CA THR F 64 -31.79 -6.58 13.14
C THR F 64 -30.51 -6.82 13.95
N GLN F 65 -29.79 -7.91 13.71
CA GLN F 65 -28.51 -8.11 14.41
C GLN F 65 -27.53 -7.01 14.02
N ILE F 66 -27.37 -6.78 12.72
CA ILE F 66 -26.53 -5.69 12.19
C ILE F 66 -26.88 -4.31 12.72
N PHE F 67 -28.15 -4.03 12.94
CA PHE F 67 -28.46 -2.70 13.47
C PHE F 67 -28.27 -2.66 14.97
N LYS F 68 -28.61 -3.77 15.63
CA LYS F 68 -28.28 -4.05 17.04
C LYS F 68 -26.78 -3.89 17.29
N THR F 69 -25.99 -4.44 16.38
CA THR F 69 -24.54 -4.28 16.45
C THR F 69 -24.21 -2.81 16.31
N ASN F 70 -24.55 -2.24 15.15
CA ASN F 70 -24.48 -0.82 14.84
C ASN F 70 -25.00 0.13 15.95
N THR F 71 -26.09 -0.20 16.64
CA THR F 71 -26.51 0.64 17.76
C THR F 71 -25.39 0.77 18.78
N GLN F 72 -24.89 -0.39 19.24
CA GLN F 72 -23.91 -0.45 20.32
C GLN F 72 -22.59 0.17 19.91
N THR F 73 -22.24 -0.03 18.66
CA THR F 73 -20.96 0.42 18.23
C THR F 73 -20.98 1.96 18.02
N TYR F 74 -22.18 2.56 17.83
CA TYR F 74 -22.35 4.04 17.92
C TYR F 74 -22.36 4.58 19.33
N ARG F 75 -23.09 3.94 20.25
CA ARG F 75 -22.94 4.24 21.69
C ARG F 75 -21.46 4.35 22.06
N GLU F 76 -20.67 3.44 21.50
CA GLU F 76 -19.24 3.41 21.71
C GLU F 76 -18.53 4.57 21.13
N ASN F 77 -18.76 4.79 19.85
CA ASN F 77 -18.21 5.92 19.10
C ASN F 77 -18.53 7.30 19.66
N LEU F 78 -19.77 7.50 20.07
CA LEU F 78 -20.07 8.65 20.87
C LEU F 78 -19.02 8.85 21.94
N ARG F 79 -18.86 7.84 22.80
CA ARG F 79 -17.84 7.81 23.89
C ARG F 79 -16.39 8.01 23.43
N ILE F 80 -15.95 7.29 22.42
CA ILE F 80 -14.61 7.55 21.95
C ILE F 80 -14.44 9.02 21.69
N ALA F 81 -15.42 9.59 20.97
CA ALA F 81 -15.44 10.96 20.47
C ALA F 81 -15.29 11.99 21.55
N LEU F 82 -16.07 11.85 22.61
CA LEU F 82 -15.85 12.65 23.80
C LEU F 82 -14.40 12.56 24.31
N ARG F 83 -13.69 11.48 24.02
CA ARG F 83 -12.30 11.43 24.36
C ARG F 83 -11.40 12.23 23.41
N TYR F 84 -11.46 11.93 22.11
CA TYR F 84 -10.69 12.65 21.06
C TYR F 84 -10.75 14.21 21.05
N TYR F 85 -11.92 14.77 21.29
CA TYR F 85 -12.09 16.19 21.52
C TYR F 85 -12.47 16.21 22.98
N ASN F 86 -11.79 17.02 23.80
CA ASN F 86 -12.03 16.97 25.23
C ASN F 86 -13.42 17.36 25.68
N GLN F 87 -14.41 16.57 25.33
CA GLN F 87 -15.78 16.94 25.57
C GLN F 87 -16.33 16.39 26.88
N SER F 88 -17.24 17.13 27.50
CA SER F 88 -17.86 16.72 28.75
C SER F 88 -18.99 15.75 28.48
N GLU F 89 -19.25 14.86 29.45
CA GLU F 89 -20.25 13.80 29.27
C GLU F 89 -21.69 14.33 29.39
N ALA F 90 -21.81 15.64 29.64
CA ALA F 90 -23.10 16.24 29.95
C ALA F 90 -23.76 17.07 28.82
N GLY F 91 -23.13 17.14 27.65
CA GLY F 91 -23.74 17.75 26.49
C GLY F 91 -23.98 16.70 25.42
N SER F 92 -25.12 16.77 24.73
CA SER F 92 -25.46 15.78 23.72
C SER F 92 -24.78 16.05 22.38
N HIS F 93 -24.28 14.97 21.76
CA HIS F 93 -23.63 15.02 20.47
C HIS F 93 -24.21 13.99 19.55
N THR F 94 -23.87 14.05 18.26
CA THR F 94 -24.56 13.32 17.20
C THR F 94 -23.53 12.73 16.24
N TRP F 95 -23.73 11.49 15.81
CA TRP F 95 -22.94 10.91 14.73
C TRP F 95 -23.87 10.71 13.53
N GLN F 96 -23.40 10.97 12.31
CA GLN F 96 -24.17 10.62 11.12
C GLN F 96 -23.31 9.94 10.08
N THR F 97 -23.91 8.98 9.39
CA THR F 97 -23.15 8.20 8.43
C THR F 97 -24.02 8.00 7.20
N MET F 98 -23.40 8.18 6.05
CA MET F 98 -24.01 7.78 4.81
C MET F 98 -23.08 6.79 4.16
N TYR F 99 -23.66 5.71 3.63
CA TYR F 99 -22.98 4.88 2.64
C TYR F 99 -23.98 4.42 1.58
N GLY F 100 -23.48 4.14 0.38
CA GLY F 100 -24.28 3.56 -0.70
C GLY F 100 -23.47 3.15 -1.92
N CYS F 101 -24.18 2.74 -2.96
CA CYS F 101 -23.56 2.16 -4.14
C CYS F 101 -24.43 2.49 -5.32
N ASP F 102 -23.83 2.95 -6.40
CA ASP F 102 -24.57 3.07 -7.66
C ASP F 102 -24.08 2.00 -8.61
N VAL F 103 -24.93 1.65 -9.58
CA VAL F 103 -24.58 0.62 -10.54
C VAL F 103 -24.93 1.15 -11.92
N GLY F 104 -24.09 0.84 -12.91
CA GLY F 104 -24.38 1.23 -14.29
C GLY F 104 -25.69 0.63 -14.80
N PRO F 105 -26.20 1.14 -15.95
CA PRO F 105 -27.18 0.41 -16.79
C PRO F 105 -26.83 -1.09 -16.90
N ASP F 106 -25.52 -1.39 -16.88
CA ASP F 106 -24.98 -2.75 -16.81
C ASP F 106 -25.28 -3.40 -15.46
N GLY F 107 -25.00 -2.70 -14.37
CA GLY F 107 -25.30 -3.26 -13.08
C GLY F 107 -24.14 -3.46 -12.14
N ARG F 108 -22.91 -3.41 -12.63
CA ARG F 108 -21.79 -3.46 -11.66
C ARG F 108 -21.47 -2.06 -11.05
N LEU F 109 -20.51 -1.99 -10.12
CA LEU F 109 -20.37 -0.81 -9.25
C LEU F 109 -19.88 0.49 -9.93
N LEU F 110 -20.81 1.40 -10.18
CA LEU F 110 -20.52 2.67 -10.85
C LEU F 110 -19.77 3.68 -9.95
N ARG F 111 -19.96 3.57 -8.63
CA ARG F 111 -19.41 4.51 -7.64
C ARG F 111 -19.95 4.09 -6.31
N GLY F 112 -19.25 4.49 -5.26
CA GLY F 112 -19.56 4.05 -3.91
C GLY F 112 -19.14 5.14 -2.96
N HIS F 113 -19.88 5.29 -1.88
CA HIS F 113 -19.66 6.42 -0.98
C HIS F 113 -19.91 5.99 0.45
N ASN F 114 -19.22 6.63 1.37
CA ASN F 114 -19.30 6.36 2.82
C ASN F 114 -18.69 7.57 3.49
N GLN F 115 -19.50 8.34 4.20
CA GLN F 115 -18.95 9.47 4.92
C GLN F 115 -19.56 9.58 6.29
N TYR F 116 -18.73 10.02 7.24
CA TYR F 116 -19.15 10.21 8.62
C TYR F 116 -19.11 11.72 8.92
N ALA F 117 -20.13 12.19 9.66
CA ALA F 117 -20.11 13.56 10.22
C ALA F 117 -20.21 13.40 11.74
N TYR F 118 -19.65 14.37 12.46
CA TYR F 118 -19.88 14.54 13.89
C TYR F 118 -20.43 15.94 14.16
N ASP F 119 -21.54 16.00 14.89
CA ASP F 119 -22.14 17.29 15.23
C ASP F 119 -22.50 18.17 14.03
N GLY F 120 -22.82 17.54 12.90
CA GLY F 120 -23.20 18.28 11.71
C GLY F 120 -22.06 18.60 10.76
N LYS F 121 -20.86 18.78 11.31
CA LYS F 121 -19.67 19.04 10.48
C LYS F 121 -19.09 17.72 9.92
N ASP F 122 -18.48 17.81 8.74
CA ASP F 122 -17.80 16.64 8.13
C ASP F 122 -16.77 16.01 9.04
N TYR F 123 -16.72 14.68 9.10
CA TYR F 123 -15.69 14.07 9.93
C TYR F 123 -14.68 13.29 9.11
N ILE F 124 -15.06 12.10 8.65
CA ILE F 124 -14.20 11.26 7.82
C ILE F 124 -15.01 10.75 6.61
N ALA F 125 -14.39 10.72 5.45
CA ALA F 125 -15.11 10.42 4.21
C ALA F 125 -14.19 9.63 3.28
N LEU F 126 -14.70 8.54 2.73
CA LEU F 126 -13.91 7.68 1.85
C LEU F 126 -13.82 8.23 0.42
N ASN F 127 -12.67 8.07 -0.20
CA ASN F 127 -12.36 8.66 -1.49
C ASN F 127 -12.74 7.79 -2.69
N GLU F 128 -12.81 8.43 -3.86
CA GLU F 128 -13.38 7.82 -5.05
C GLU F 128 -12.61 6.56 -5.44
N ASP F 129 -11.36 6.52 -5.02
CA ASP F 129 -10.51 5.35 -5.10
C ASP F 129 -10.68 4.54 -3.82
N LEU F 130 -11.62 3.62 -3.77
CA LEU F 130 -12.15 3.18 -2.47
C LEU F 130 -11.05 2.62 -1.57
N SER F 131 -10.15 3.48 -1.10
CA SER F 131 -8.96 3.08 -0.31
C SER F 131 -8.42 4.22 0.51
N SER F 132 -8.80 5.45 0.18
CA SER F 132 -8.30 6.61 0.90
C SER F 132 -9.41 7.41 1.53
N TRP F 133 -9.03 8.23 2.48
CA TRP F 133 -9.94 8.90 3.32
C TRP F 133 -9.51 10.33 3.37
N THR F 134 -10.51 11.15 3.55
CA THR F 134 -10.30 12.53 3.80
C THR F 134 -10.84 12.75 5.19
N ALA F 135 -9.92 13.03 6.11
CA ALA F 135 -10.23 13.32 7.51
C ALA F 135 -10.29 14.83 7.62
N ALA F 136 -11.43 15.34 8.02
CA ALA F 136 -11.68 16.76 7.92
C ALA F 136 -10.97 17.53 9.02
N ASP F 137 -10.27 16.80 9.89
CA ASP F 137 -9.89 17.33 11.21
C ASP F 137 -8.89 16.37 11.91
N THR F 138 -8.31 16.84 13.02
CA THR F 138 -7.34 16.08 13.83
C THR F 138 -7.88 14.83 14.49
N ALA F 139 -8.96 14.95 15.23
CA ALA F 139 -9.63 13.77 15.69
C ALA F 139 -9.82 12.76 14.57
N ALA F 140 -10.46 13.20 13.50
CA ALA F 140 -10.70 12.36 12.34
C ALA F 140 -9.43 11.70 11.85
N GLN F 141 -8.31 12.37 12.06
CA GLN F 141 -7.06 11.87 11.51
C GLN F 141 -6.54 10.69 12.29
N ILE F 142 -6.88 10.60 13.58
CA ILE F 142 -6.52 9.43 14.37
C ILE F 142 -7.33 8.21 13.91
N THR F 143 -8.66 8.28 13.98
CA THR F 143 -9.56 7.34 13.29
C THR F 143 -8.99 6.88 11.97
N GLN F 144 -8.59 7.85 11.16
CA GLN F 144 -8.14 7.55 9.84
C GLN F 144 -6.94 6.65 9.97
N ARG F 145 -6.15 6.90 11.00
CA ARG F 145 -4.89 6.20 11.17
C ARG F 145 -5.19 4.78 11.68
N LYS F 146 -6.27 4.69 12.46
CA LYS F 146 -6.66 3.43 13.04
C LYS F 146 -7.38 2.56 12.02
N TRP F 147 -7.76 3.16 10.89
CA TRP F 147 -8.56 2.44 9.88
C TRP F 147 -7.72 2.00 8.72
N GLU F 148 -6.64 2.73 8.50
CA GLU F 148 -5.67 2.30 7.53
C GLU F 148 -5.03 1.00 8.00
N ALA F 149 -4.85 0.90 9.33
CA ALA F 149 -4.24 -0.22 10.01
C ALA F 149 -5.15 -1.44 10.01
N ALA F 150 -6.44 -1.27 10.33
CA ALA F 150 -7.41 -2.37 10.30
C ALA F 150 -7.76 -2.77 8.89
N ARG F 151 -7.20 -2.05 7.94
CA ARG F 151 -7.61 -2.13 6.53
C ARG F 151 -9.12 -1.88 6.27
N GLU F 152 -9.68 -0.95 7.04
CA GLU F 152 -11.11 -0.63 6.95
C GLU F 152 -11.67 -0.12 5.59
N ALA F 153 -10.82 0.43 4.73
CA ALA F 153 -11.24 0.82 3.41
C ALA F 153 -11.55 -0.40 2.55
N GLU F 154 -10.82 -1.49 2.79
CA GLU F 154 -10.98 -2.69 1.97
C GLU F 154 -12.16 -3.48 2.43
N GLN F 155 -12.45 -3.30 3.71
CA GLN F 155 -13.59 -3.92 4.35
C GLN F 155 -14.83 -3.42 3.63
N LEU F 156 -15.02 -2.10 3.75
CA LEU F 156 -16.09 -1.37 3.13
C LEU F 156 -16.15 -1.60 1.61
N ARG F 157 -14.99 -1.59 0.96
CA ARG F 157 -14.93 -1.91 -0.46
C ARG F 157 -15.48 -3.31 -0.82
N ALA F 158 -15.42 -4.25 0.11
CA ALA F 158 -15.82 -5.62 -0.22
C ALA F 158 -17.32 -5.68 -0.22
N TYR F 159 -17.86 -4.92 0.71
CA TYR F 159 -19.28 -4.80 0.93
C TYR F 159 -19.98 -4.13 -0.24
N LEU F 160 -19.57 -2.88 -0.49
CA LEU F 160 -20.10 -2.05 -1.57
C LEU F 160 -20.21 -2.86 -2.84
N GLU F 161 -19.08 -3.37 -3.31
CA GLU F 161 -19.02 -4.12 -4.57
C GLU F 161 -19.72 -5.47 -4.58
N GLY F 162 -20.19 -5.95 -3.43
CA GLY F 162 -20.75 -7.27 -3.41
C GLY F 162 -22.08 -7.42 -2.71
N LEU F 163 -22.07 -7.22 -1.40
CA LEU F 163 -23.27 -7.43 -0.63
C LEU F 163 -24.29 -6.41 -1.08
N CYS F 164 -23.85 -5.16 -1.29
CA CYS F 164 -24.78 -4.10 -1.65
C CYS F 164 -25.35 -4.30 -3.04
N VAL F 165 -24.48 -4.24 -4.02
CA VAL F 165 -24.92 -4.32 -5.39
C VAL F 165 -25.70 -5.60 -5.61
N GLU F 166 -25.36 -6.68 -4.94
CA GLU F 166 -26.17 -7.88 -5.01
C GLU F 166 -27.61 -7.58 -4.61
N TRP F 167 -27.80 -6.70 -3.64
CA TRP F 167 -29.11 -6.46 -3.07
C TRP F 167 -29.75 -5.33 -3.81
N LEU F 168 -28.99 -4.30 -4.13
CA LEU F 168 -29.49 -3.30 -5.04
C LEU F 168 -30.21 -4.10 -6.12
N ARG F 169 -29.49 -4.98 -6.82
CA ARG F 169 -30.07 -5.86 -7.85
C ARG F 169 -31.36 -6.58 -7.42
N ARG F 170 -31.24 -7.36 -6.33
CA ARG F 170 -32.29 -8.26 -5.84
C ARG F 170 -33.59 -7.50 -5.57
N HIS F 171 -33.43 -6.22 -5.28
CA HIS F 171 -34.56 -5.39 -4.97
C HIS F 171 -35.20 -4.91 -6.25
N LEU F 172 -34.47 -4.07 -6.97
CA LEU F 172 -34.86 -3.62 -8.29
C LEU F 172 -35.71 -4.67 -9.04
N GLU F 173 -35.34 -5.94 -8.93
CA GLU F 173 -36.13 -7.03 -9.52
C GLU F 173 -37.51 -7.19 -8.89
N ASN F 174 -37.58 -7.13 -7.57
CA ASN F 174 -38.85 -7.33 -6.89
C ASN F 174 -39.72 -6.10 -6.99
N GLY F 175 -39.11 -4.92 -6.90
CA GLY F 175 -39.83 -3.67 -6.98
C GLY F 175 -39.70 -3.04 -8.35
N LYS F 176 -40.00 -3.82 -9.38
CA LYS F 176 -39.84 -3.37 -10.77
C LYS F 176 -40.80 -2.24 -11.08
N GLU F 177 -42.08 -2.54 -10.89
CA GLU F 177 -43.20 -1.67 -11.23
C GLU F 177 -43.14 -0.31 -10.51
N THR F 178 -42.41 -0.24 -9.39
CA THR F 178 -42.30 1.01 -8.65
C THR F 178 -40.95 1.66 -8.87
N LEU F 179 -39.89 0.87 -8.77
CA LEU F 179 -38.54 1.44 -8.74
C LEU F 179 -37.98 1.72 -10.13
N GLN F 180 -38.55 1.10 -11.15
CA GLN F 180 -38.02 1.25 -12.50
C GLN F 180 -38.87 2.07 -13.45
N ARG F 181 -39.91 2.73 -12.94
CA ARG F 181 -40.68 3.67 -13.75
C ARG F 181 -40.26 5.11 -13.47
N ALA F 182 -40.26 5.92 -14.52
CA ALA F 182 -40.09 7.36 -14.39
C ALA F 182 -41.48 7.94 -14.34
N ASP F 183 -41.78 8.66 -13.28
CA ASP F 183 -43.05 9.35 -13.19
C ASP F 183 -42.96 10.84 -13.55
N PRO F 184 -43.43 11.18 -14.76
CA PRO F 184 -43.50 12.52 -15.33
C PRO F 184 -44.44 13.39 -14.52
N PRO F 185 -44.02 14.63 -14.20
CA PRO F 185 -44.90 15.51 -13.43
C PRO F 185 -46.17 15.82 -14.19
N LYS F 186 -47.24 16.12 -13.47
CA LYS F 186 -48.38 16.80 -14.10
C LYS F 186 -48.29 18.32 -13.81
N THR F 187 -47.90 19.07 -14.85
CA THR F 187 -47.51 20.47 -14.73
C THR F 187 -48.57 21.47 -15.20
N HIS F 188 -48.43 22.72 -14.74
CA HIS F 188 -49.24 23.83 -15.22
C HIS F 188 -48.90 25.17 -14.53
N VAL F 189 -49.27 26.28 -15.20
CA VAL F 189 -49.01 27.65 -14.69
C VAL F 189 -50.24 28.32 -14.08
N THR F 190 -50.05 29.13 -13.04
CA THR F 190 -51.14 29.89 -12.41
C THR F 190 -50.86 31.38 -12.42
N HIS F 191 -51.93 32.17 -12.26
CA HIS F 191 -51.88 33.63 -12.29
C HIS F 191 -52.32 34.17 -10.92
N HIS F 192 -51.43 34.91 -10.26
CA HIS F 192 -51.82 35.61 -9.05
C HIS F 192 -51.32 37.04 -9.11
N PRO F 193 -52.25 37.99 -9.29
CA PRO F 193 -51.89 39.39 -9.38
C PRO F 193 -51.70 40.01 -8.00
N VAL F 194 -50.52 40.55 -7.73
CA VAL F 194 -50.31 41.39 -6.52
C VAL F 194 -50.54 42.88 -6.77
N SER F 195 -50.94 43.22 -7.99
CA SER F 195 -51.43 44.55 -8.36
C SER F 195 -51.83 44.57 -9.84
N ASP F 196 -52.44 45.67 -10.27
CA ASP F 196 -52.60 45.98 -11.68
C ASP F 196 -51.23 46.20 -12.35
N HIS F 197 -50.26 46.67 -11.57
CA HIS F 197 -48.91 46.98 -12.08
C HIS F 197 -48.03 45.73 -12.31
N GLU F 198 -48.00 44.82 -11.34
CA GLU F 198 -47.20 43.58 -11.39
C GLU F 198 -48.01 42.34 -11.00
N ALA F 199 -47.90 41.26 -11.78
CA ALA F 199 -48.57 39.99 -11.49
C ALA F 199 -47.62 38.78 -11.60
N THR F 200 -47.77 37.81 -10.70
CA THR F 200 -46.87 36.67 -10.66
C THR F 200 -47.43 35.39 -11.25
N LEU F 201 -46.58 34.69 -12.02
CA LEU F 201 -46.91 33.43 -12.67
C LEU F 201 -46.19 32.31 -11.93
N ARG F 202 -46.78 31.12 -11.86
CA ARG F 202 -46.20 29.98 -11.08
C ARG F 202 -46.22 28.58 -11.72
N CYS F 203 -45.03 28.10 -12.04
CA CYS F 203 -44.84 26.73 -12.55
C CYS F 203 -44.97 25.61 -11.49
N TRP F 204 -46.02 24.80 -11.63
CA TRP F 204 -46.32 23.71 -10.72
C TRP F 204 -46.01 22.39 -11.39
N ALA F 205 -45.23 21.58 -10.70
CA ALA F 205 -44.95 20.21 -11.14
C ALA F 205 -45.37 19.29 -10.00
N LEU F 206 -46.37 18.45 -10.28
CA LEU F 206 -46.99 17.67 -9.22
C LEU F 206 -46.97 16.19 -9.47
N GLY F 207 -46.73 15.48 -8.36
CA GLY F 207 -46.77 14.02 -8.32
C GLY F 207 -45.74 13.34 -9.20
N PHE F 208 -44.54 13.89 -9.28
CA PHE F 208 -43.48 13.27 -10.10
C PHE F 208 -42.49 12.34 -9.32
N TYR F 209 -41.84 11.43 -10.06
CA TYR F 209 -40.77 10.55 -9.52
C TYR F 209 -39.77 10.25 -10.61
N PRO F 210 -38.47 10.43 -10.32
CA PRO F 210 -37.87 10.72 -9.03
C PRO F 210 -37.77 12.20 -8.70
N ALA F 211 -37.18 12.51 -7.56
CA ALA F 211 -37.09 13.89 -7.06
C ALA F 211 -36.24 14.86 -7.91
N GLU F 212 -35.47 14.35 -8.87
CA GLU F 212 -34.72 15.22 -9.78
C GLU F 212 -35.62 15.95 -10.82
N ILE F 213 -35.35 17.25 -11.01
CA ILE F 213 -36.18 18.04 -11.92
C ILE F 213 -35.68 19.49 -12.13
N THR F 214 -36.10 20.14 -13.21
CA THR F 214 -35.67 21.50 -13.47
C THR F 214 -36.78 22.41 -14.00
N LEU F 215 -36.90 23.56 -13.34
CA LEU F 215 -37.92 24.55 -13.63
C LEU F 215 -37.35 25.96 -13.64
N THR F 216 -37.08 26.51 -14.82
CA THR F 216 -36.78 27.93 -14.89
C THR F 216 -37.74 28.69 -15.80
N TRP F 217 -38.19 29.83 -15.29
CA TRP F 217 -38.90 30.81 -16.10
C TRP F 217 -37.95 31.47 -17.05
N GLN F 218 -38.10 31.17 -18.34
CA GLN F 218 -37.39 31.98 -19.29
C GLN F 218 -38.25 33.06 -19.93
N ARG F 219 -37.95 34.29 -19.56
CA ARG F 219 -38.40 35.44 -20.32
C ARG F 219 -37.70 35.36 -21.66
N ASP F 220 -38.44 35.70 -22.70
CA ASP F 220 -37.89 35.87 -24.04
C ASP F 220 -36.67 34.99 -24.33
N GLY F 221 -35.47 35.52 -24.10
CA GLY F 221 -34.28 34.75 -24.37
C GLY F 221 -34.03 33.81 -23.21
N GLU F 222 -34.15 34.38 -22.00
CA GLU F 222 -33.26 34.10 -20.85
C GLU F 222 -33.75 33.35 -19.61
N ASP F 223 -32.79 32.78 -18.88
CA ASP F 223 -33.03 32.02 -17.65
C ASP F 223 -33.71 32.81 -16.52
N GLN F 224 -33.59 34.15 -16.53
CA GLN F 224 -34.08 35.00 -15.43
C GLN F 224 -33.78 34.43 -14.03
N THR F 225 -32.64 33.77 -13.88
CA THR F 225 -32.41 33.01 -12.65
C THR F 225 -32.15 33.85 -11.36
N GLN F 226 -31.98 35.18 -11.52
CA GLN F 226 -31.86 36.06 -10.36
C GLN F 226 -33.18 36.73 -9.94
N ASP F 227 -34.17 36.71 -10.84
CA ASP F 227 -35.47 37.34 -10.61
C ASP F 227 -36.55 36.32 -10.27
N THR F 228 -36.23 35.04 -10.46
CA THR F 228 -37.17 33.97 -10.19
C THR F 228 -36.90 33.32 -8.83
N GLU F 229 -37.95 32.70 -8.29
CA GLU F 229 -37.96 32.17 -6.94
C GLU F 229 -38.33 30.69 -7.04
N LEU F 230 -37.56 29.87 -6.31
CA LEU F 230 -37.66 28.43 -6.35
C LEU F 230 -37.86 27.88 -4.96
N VAL F 231 -38.78 26.92 -4.80
CA VAL F 231 -38.85 26.19 -3.55
C VAL F 231 -38.23 24.82 -3.74
N GLU F 232 -37.56 24.30 -2.72
CA GLU F 232 -36.93 23.00 -2.86
C GLU F 232 -38.00 21.94 -3.09
N THR F 233 -37.68 21.00 -3.98
CA THR F 233 -38.52 19.84 -4.21
C THR F 233 -39.01 19.29 -2.88
N ARG F 234 -40.30 18.93 -2.82
CA ARG F 234 -40.90 18.34 -1.60
C ARG F 234 -41.61 16.99 -1.83
N PRO F 235 -41.73 16.15 -0.78
CA PRO F 235 -42.53 14.93 -0.82
C PRO F 235 -44.03 15.20 -0.81
N ALA F 236 -44.78 14.39 -1.54
CA ALA F 236 -46.24 14.52 -1.54
C ALA F 236 -46.82 13.65 -0.42
N GLY F 237 -46.32 12.42 -0.30
CA GLY F 237 -46.68 11.58 0.84
C GLY F 237 -46.96 10.13 0.49
N ASP F 238 -47.45 9.91 -0.73
CA ASP F 238 -47.24 8.68 -1.48
C ASP F 238 -45.81 8.85 -1.98
N ARG F 239 -45.32 7.92 -2.79
CA ARG F 239 -43.91 8.05 -3.15
C ARG F 239 -43.76 8.92 -4.37
N THR F 240 -44.08 10.20 -4.24
CA THR F 240 -43.94 11.17 -5.34
C THR F 240 -43.60 12.56 -4.82
N PHE F 241 -43.31 13.44 -5.76
CA PHE F 241 -42.88 14.78 -5.40
C PHE F 241 -43.61 15.92 -6.13
N GLN F 242 -43.60 17.08 -5.48
CA GLN F 242 -44.00 18.33 -6.08
C GLN F 242 -42.91 19.36 -5.93
N LYS F 243 -42.81 20.22 -6.91
CA LYS F 243 -41.97 21.39 -6.82
C LYS F 243 -42.64 22.53 -7.63
N TRP F 244 -42.28 23.77 -7.30
CA TRP F 244 -42.83 24.92 -7.97
C TRP F 244 -41.86 26.10 -8.08
N ALA F 245 -42.01 26.92 -9.13
CA ALA F 245 -41.20 28.14 -9.30
C ALA F 245 -42.02 29.34 -9.77
N ALA F 246 -41.73 30.50 -9.16
CA ALA F 246 -42.53 31.71 -9.36
C ALA F 246 -41.75 32.87 -9.93
N VAL F 247 -42.47 33.76 -10.61
CA VAL F 247 -41.86 34.95 -11.25
C VAL F 247 -42.80 36.17 -11.20
N VAL F 248 -42.31 37.28 -10.66
CA VAL F 248 -43.10 38.54 -10.62
C VAL F 248 -42.79 39.40 -11.85
N VAL F 249 -43.84 39.87 -12.55
CA VAL F 249 -43.69 40.62 -13.83
C VAL F 249 -44.72 41.73 -14.05
N PRO F 250 -44.38 42.73 -14.89
CA PRO F 250 -45.40 43.67 -15.37
C PRO F 250 -46.50 42.94 -16.16
N SER F 251 -47.72 43.45 -16.10
CA SER F 251 -48.87 42.77 -16.69
C SER F 251 -48.95 42.94 -18.21
N GLY F 252 -49.74 42.07 -18.85
CA GLY F 252 -49.78 41.99 -20.31
C GLY F 252 -48.53 41.41 -20.95
N GLU F 253 -47.58 40.95 -20.14
CA GLU F 253 -46.28 40.42 -20.62
C GLU F 253 -46.19 38.91 -20.50
N GLU F 254 -47.33 38.26 -20.65
CA GLU F 254 -47.50 36.87 -20.25
C GLU F 254 -46.85 35.80 -21.15
N GLN F 255 -47.02 35.93 -22.47
CA GLN F 255 -46.79 34.80 -23.38
C GLN F 255 -45.35 34.42 -23.75
N ARG F 256 -44.47 35.41 -23.87
CA ARG F 256 -43.04 35.11 -24.06
C ARG F 256 -42.39 34.63 -22.75
N TYR F 257 -43.22 34.45 -21.71
CA TYR F 257 -42.79 33.85 -20.44
C TYR F 257 -43.11 32.39 -20.46
N THR F 258 -42.08 31.60 -20.67
CA THR F 258 -42.24 30.19 -20.87
C THR F 258 -41.53 29.44 -19.76
N CYS F 259 -42.25 28.50 -19.14
CA CYS F 259 -41.67 27.64 -18.10
C CYS F 259 -41.07 26.36 -18.67
N HIS F 260 -39.75 26.25 -18.58
CA HIS F 260 -39.09 25.05 -19.02
C HIS F 260 -38.86 24.09 -17.86
N VAL F 261 -39.45 22.91 -18.03
CA VAL F 261 -39.32 21.83 -17.08
C VAL F 261 -38.87 20.56 -17.77
N GLN F 262 -37.78 20.01 -17.29
CA GLN F 262 -37.30 18.73 -17.78
C GLN F 262 -37.22 17.72 -16.63
N HIS F 263 -37.54 16.47 -16.96
CA HIS F 263 -37.64 15.40 -15.99
C HIS F 263 -37.52 14.05 -16.68
N GLU F 264 -36.78 13.14 -16.02
CA GLU F 264 -36.48 11.78 -16.51
C GLU F 264 -37.53 11.08 -17.39
N GLY F 265 -38.81 11.31 -17.12
CA GLY F 265 -39.87 10.67 -17.91
C GLY F 265 -40.47 11.57 -18.99
N LEU F 266 -39.75 12.63 -19.35
CA LEU F 266 -40.29 13.63 -20.27
C LEU F 266 -39.58 13.56 -21.61
N PRO F 267 -40.38 13.38 -22.69
CA PRO F 267 -39.82 13.28 -24.03
C PRO F 267 -39.05 14.56 -24.33
N LYS F 268 -39.81 15.64 -24.53
CA LYS F 268 -39.30 16.97 -24.74
C LYS F 268 -39.33 17.69 -23.41
N PRO F 269 -38.23 18.42 -23.08
CA PRO F 269 -38.26 19.40 -22.00
C PRO F 269 -39.49 20.27 -22.20
N LEU F 270 -40.44 20.14 -21.28
CA LEU F 270 -41.75 20.80 -21.44
C LEU F 270 -41.65 22.31 -21.36
N THR F 271 -41.94 22.95 -22.47
CA THR F 271 -41.97 24.40 -22.52
C THR F 271 -43.43 24.82 -22.32
N LEU F 272 -43.67 25.70 -21.35
CA LEU F 272 -45.04 26.02 -20.94
C LEU F 272 -45.36 27.49 -20.59
N ARG F 273 -46.25 28.11 -21.39
CA ARG F 273 -47.02 29.31 -21.00
C ARG F 273 -48.31 28.81 -20.35
N TRP F 274 -48.99 29.67 -19.58
CA TRP F 274 -50.42 29.47 -19.22
C TRP F 274 -50.98 30.84 -19.00
N GLU F 275 -51.70 31.30 -20.02
CA GLU F 275 -52.41 32.59 -20.08
C GLU F 275 -53.26 32.96 -18.85
N ILE G 1 -22.65 25.17 14.08
CA ILE G 1 -23.06 23.82 14.57
C ILE G 1 -24.55 23.59 14.41
N GLN G 2 -25.35 24.65 14.47
CA GLN G 2 -26.81 24.51 14.31
C GLN G 2 -27.45 25.26 13.11
N ARG G 3 -28.47 24.64 12.55
CA ARG G 3 -29.17 25.24 11.42
C ARG G 3 -30.69 25.17 11.58
N THR G 4 -31.33 26.31 11.39
CA THR G 4 -32.76 26.47 11.62
C THR G 4 -33.62 25.90 10.47
N PRO G 5 -34.73 25.19 10.80
CA PRO G 5 -35.53 24.42 9.84
C PRO G 5 -36.27 25.22 8.76
N LYS G 6 -36.57 24.58 7.63
CA LYS G 6 -37.30 25.18 6.50
C LYS G 6 -38.70 24.62 6.43
N ILE G 7 -39.70 25.47 6.59
CA ILE G 7 -41.07 24.98 6.61
C ILE G 7 -41.77 25.15 5.26
N GLN G 8 -42.50 24.10 4.87
CA GLN G 8 -43.37 24.12 3.71
C GLN G 8 -44.66 23.41 4.07
N VAL G 9 -45.72 24.15 4.35
CA VAL G 9 -46.99 23.50 4.56
C VAL G 9 -47.80 23.54 3.28
N TYR G 10 -48.37 22.41 2.92
CA TYR G 10 -49.01 22.25 1.61
C TYR G 10 -49.78 20.93 1.60
N SER G 11 -50.68 20.73 0.64
CA SER G 11 -51.49 19.50 0.62
C SER G 11 -51.04 18.55 -0.48
N ARG G 12 -51.31 17.26 -0.30
CA ARG G 12 -50.93 16.21 -1.28
C ARG G 12 -51.46 16.48 -2.69
N HIS G 13 -52.76 16.73 -2.77
CA HIS G 13 -53.44 16.97 -4.04
C HIS G 13 -54.03 18.38 -4.11
N PRO G 14 -54.34 18.84 -5.34
CA PRO G 14 -55.09 20.07 -5.55
C PRO G 14 -56.27 20.16 -4.60
N ALA G 15 -56.22 21.16 -3.71
CA ALA G 15 -57.30 21.51 -2.78
C ALA G 15 -58.58 21.78 -3.52
N GLU G 16 -59.64 21.06 -3.13
CA GLU G 16 -60.98 21.17 -3.72
C GLU G 16 -61.99 21.09 -2.56
N ASN G 17 -62.71 22.17 -2.30
CA ASN G 17 -63.42 22.32 -1.04
C ASN G 17 -64.36 21.19 -0.67
N GLY G 18 -64.01 20.46 0.39
CA GLY G 18 -64.80 19.34 0.87
C GLY G 18 -64.46 18.01 0.23
N LYS G 19 -63.27 17.91 -0.34
CA LYS G 19 -62.71 16.63 -0.77
C LYS G 19 -61.53 16.25 0.16
N SER G 20 -61.49 14.99 0.62
CA SER G 20 -60.44 14.58 1.57
C SER G 20 -59.06 14.62 0.96
N ASN G 21 -58.10 15.08 1.73
CA ASN G 21 -56.80 15.35 1.21
C ASN G 21 -55.78 14.95 2.27
N PHE G 22 -54.56 15.40 2.09
CA PHE G 22 -53.59 15.23 3.13
C PHE G 22 -52.87 16.52 3.36
N LEU G 23 -52.87 16.95 4.61
CA LEU G 23 -52.13 18.12 4.99
C LEU G 23 -50.69 17.74 5.29
N ASN G 24 -49.75 18.33 4.57
CA ASN G 24 -48.33 18.11 4.77
C ASN G 24 -47.64 19.32 5.38
N CYS G 25 -46.69 19.02 6.29
CA CYS G 25 -45.73 20.01 6.68
C CYS G 25 -44.37 19.43 6.43
N TYR G 26 -43.62 20.04 5.52
CA TYR G 26 -42.30 19.54 5.17
C TYR G 26 -41.21 20.36 5.80
N VAL G 27 -40.88 19.99 7.03
CA VAL G 27 -39.75 20.57 7.71
C VAL G 27 -38.42 19.93 7.25
N SER G 28 -37.44 20.79 6.93
CA SER G 28 -36.20 20.34 6.33
C SER G 28 -35.05 21.33 6.53
N GLY G 29 -33.81 20.86 6.40
CA GLY G 29 -32.62 21.73 6.49
C GLY G 29 -32.12 22.13 7.88
N PHE G 30 -32.72 21.56 8.93
CA PHE G 30 -32.33 21.84 10.33
C PHE G 30 -31.27 20.92 10.92
N HIS G 31 -30.73 21.38 12.04
CA HIS G 31 -29.77 20.65 12.86
C HIS G 31 -29.63 21.42 14.18
N PRO G 32 -29.64 20.70 15.34
CA PRO G 32 -29.73 19.25 15.53
C PRO G 32 -31.07 18.59 15.18
N SER G 33 -31.14 17.29 15.38
CA SER G 33 -32.25 16.45 14.97
C SER G 33 -33.52 16.77 15.75
N ASP G 34 -33.39 17.36 16.94
CA ASP G 34 -34.53 17.48 17.85
C ASP G 34 -35.46 18.62 17.42
N ILE G 35 -36.74 18.29 17.28
CA ILE G 35 -37.72 19.18 16.74
C ILE G 35 -39.15 18.81 17.11
N GLU G 36 -39.92 19.79 17.57
CA GLU G 36 -41.36 19.65 17.80
C GLU G 36 -42.13 20.20 16.61
N VAL G 37 -43.04 19.39 16.11
CA VAL G 37 -43.88 19.77 14.99
C VAL G 37 -45.34 19.45 15.22
N ASP G 38 -46.14 20.50 15.27
CA ASP G 38 -47.58 20.42 15.45
C ASP G 38 -48.33 20.89 14.20
N LEU G 39 -49.44 20.24 13.92
CA LEU G 39 -50.31 20.67 12.84
C LEU G 39 -51.58 21.29 13.41
N LEU G 40 -51.92 22.48 12.99
CA LEU G 40 -53.01 23.14 13.64
C LEU G 40 -54.23 23.36 12.74
N LYS G 41 -55.42 23.16 13.31
CA LYS G 41 -56.68 23.51 12.67
C LYS G 41 -57.34 24.62 13.49
N ASN G 42 -57.19 25.85 12.98
CA ASN G 42 -57.66 27.07 13.66
C ASN G 42 -56.95 27.28 15.00
N GLY G 43 -55.65 27.11 15.01
CA GLY G 43 -54.85 27.31 16.23
C GLY G 43 -54.98 26.22 17.26
N GLU G 44 -55.49 25.07 16.81
CA GLU G 44 -55.67 23.88 17.63
C GLU G 44 -54.84 22.67 17.13
N ARG G 45 -54.11 22.02 18.03
CA ARG G 45 -53.40 20.77 17.77
C ARG G 45 -54.30 19.76 17.08
N ILE G 46 -53.98 19.37 15.85
CA ILE G 46 -54.67 18.21 15.26
C ILE G 46 -53.92 16.99 15.78
N GLU G 47 -54.67 15.99 16.22
CA GLU G 47 -54.08 14.99 17.08
C GLU G 47 -53.59 13.69 16.43
N LYS G 48 -54.07 13.34 15.24
CA LYS G 48 -53.74 12.04 14.64
C LYS G 48 -52.48 12.07 13.74
N VAL G 49 -51.58 13.03 13.97
CA VAL G 49 -50.47 13.31 13.05
C VAL G 49 -49.41 12.19 13.02
N GLU G 50 -48.93 11.87 11.81
CA GLU G 50 -47.80 10.97 11.56
C GLU G 50 -46.59 11.78 11.14
N HIS G 51 -45.41 11.16 11.20
CA HIS G 51 -44.24 11.76 10.60
C HIS G 51 -43.47 10.72 9.84
N SER G 52 -42.52 11.18 9.01
CA SER G 52 -41.59 10.27 8.38
C SER G 52 -40.51 9.82 9.37
N ASP G 53 -39.72 8.82 8.97
CA ASP G 53 -38.51 8.46 9.69
C ASP G 53 -37.40 9.45 9.39
N LEU G 54 -36.51 9.63 10.34
CA LEU G 54 -35.49 10.67 10.25
C LEU G 54 -34.49 10.34 9.15
N SER G 55 -34.10 11.35 8.38
CA SER G 55 -33.11 11.23 7.32
C SER G 55 -32.45 12.60 7.11
N PHE G 56 -31.33 12.66 6.39
CA PHE G 56 -30.58 13.92 6.22
C PHE G 56 -30.03 14.10 4.81
N SER G 57 -29.62 15.30 4.48
CA SER G 57 -29.26 15.68 3.09
C SER G 57 -27.77 15.55 2.89
N LYS G 58 -27.18 16.34 1.97
CA LYS G 58 -25.75 16.20 1.66
C LYS G 58 -24.81 17.09 2.49
N ASP G 59 -25.29 18.28 2.86
CA ASP G 59 -24.74 19.07 3.97
C ASP G 59 -25.23 18.26 5.16
N TRP G 60 -25.33 18.65 6.41
CA TRP G 60 -25.83 17.47 7.21
C TRP G 60 -27.25 17.58 7.74
N SER G 61 -27.88 18.66 7.32
CA SER G 61 -29.28 18.99 7.60
C SER G 61 -30.25 17.80 7.52
N PHE G 62 -31.04 17.66 8.56
CA PHE G 62 -31.97 16.58 8.67
C PHE G 62 -33.27 17.02 8.01
N TYR G 63 -34.24 16.13 7.90
CA TYR G 63 -35.57 16.52 7.40
C TYR G 63 -36.63 15.47 7.81
N LEU G 64 -37.92 15.84 7.68
CA LEU G 64 -39.07 15.05 8.15
C LEU G 64 -40.33 15.65 7.57
N LEU G 65 -41.38 14.84 7.45
CA LEU G 65 -42.64 15.26 6.84
C LEU G 65 -43.82 14.90 7.71
N TYR G 66 -44.38 15.86 8.44
CA TYR G 66 -45.57 15.55 9.19
C TYR G 66 -46.80 15.64 8.30
N TYR G 67 -47.70 14.68 8.43
CA TYR G 67 -48.89 14.62 7.58
C TYR G 67 -50.11 14.06 8.31
N THR G 68 -51.28 14.41 7.81
CA THR G 68 -52.57 14.03 8.41
C THR G 68 -53.64 14.14 7.35
N GLU G 69 -54.76 13.46 7.57
CA GLU G 69 -55.93 13.59 6.67
C GLU G 69 -56.77 14.78 7.11
N PHE G 70 -57.24 15.55 6.15
CA PHE G 70 -58.19 16.64 6.39
C PHE G 70 -59.06 16.79 5.14
N THR G 71 -60.17 17.50 5.28
CA THR G 71 -60.89 18.05 4.11
C THR G 71 -60.83 19.58 4.20
N PRO G 72 -60.10 20.20 3.27
CA PRO G 72 -60.03 21.66 3.18
C PRO G 72 -61.41 22.25 2.89
N THR G 73 -61.80 23.20 3.72
CA THR G 73 -63.07 23.91 3.56
C THR G 73 -62.68 25.36 3.27
N GLU G 74 -63.63 26.27 3.29
CA GLU G 74 -63.29 27.65 2.98
C GLU G 74 -62.82 28.37 4.24
N LYS G 75 -63.64 28.35 5.28
CA LYS G 75 -63.42 29.25 6.41
C LYS G 75 -62.32 28.71 7.33
N ASP G 76 -62.11 27.39 7.25
CA ASP G 76 -61.14 26.63 8.05
C ASP G 76 -59.72 26.93 7.63
N GLU G 77 -58.96 27.49 8.56
CA GLU G 77 -57.50 27.63 8.41
C GLU G 77 -56.62 26.50 9.04
N TYR G 78 -55.45 26.27 8.45
CA TYR G 78 -54.46 25.30 8.95
C TYR G 78 -53.03 25.87 8.99
N ALA G 79 -52.23 25.37 9.95
CA ALA G 79 -50.87 25.82 10.08
C ALA G 79 -50.00 24.72 10.69
N CYS G 80 -48.69 24.93 10.61
CA CYS G 80 -47.68 24.05 11.16
C CYS G 80 -46.95 24.89 12.16
N ARG G 81 -47.02 24.47 13.43
CA ARG G 81 -46.19 25.04 14.48
C ARG G 81 -44.92 24.24 14.52
N VAL G 82 -43.79 24.90 14.76
CA VAL G 82 -42.49 24.20 14.84
C VAL G 82 -41.57 24.70 15.95
N ASN G 83 -41.11 23.81 16.83
CA ASN G 83 -40.04 24.21 17.77
C ASN G 83 -38.67 23.56 17.51
N HIS G 84 -37.64 24.39 17.67
CA HIS G 84 -36.28 24.00 17.45
C HIS G 84 -35.43 24.87 18.35
N VAL G 85 -34.39 24.28 18.93
CA VAL G 85 -33.39 24.98 19.73
C VAL G 85 -33.00 26.33 19.11
N THR G 86 -33.21 26.49 17.80
CA THR G 86 -32.78 27.67 17.07
C THR G 86 -33.78 28.81 17.04
N LEU G 87 -35.06 28.47 17.18
CA LEU G 87 -36.16 29.44 17.22
C LEU G 87 -36.35 29.81 18.68
N SER G 88 -36.27 31.11 18.97
CA SER G 88 -36.41 31.62 20.34
C SER G 88 -37.82 31.41 20.87
N GLN G 89 -38.71 31.00 19.97
CA GLN G 89 -40.15 30.84 20.21
C GLN G 89 -40.65 29.96 19.07
N PRO G 90 -41.70 29.13 19.29
CA PRO G 90 -42.23 28.38 18.14
C PRO G 90 -42.52 29.25 16.88
N LYS G 91 -42.47 28.62 15.70
CA LYS G 91 -42.67 29.29 14.43
C LYS G 91 -43.91 28.76 13.74
N ILE G 92 -44.89 29.65 13.58
CA ILE G 92 -46.20 29.32 13.00
C ILE G 92 -46.23 29.73 11.54
N VAL G 93 -46.72 28.83 10.68
CA VAL G 93 -46.86 29.06 9.24
C VAL G 93 -48.20 28.50 8.78
N LYS G 94 -49.05 29.37 8.24
CA LYS G 94 -50.34 28.94 7.70
C LYS G 94 -50.15 28.74 6.22
N TRP G 95 -50.79 27.73 5.67
CA TRP G 95 -50.62 27.48 4.24
C TRP G 95 -51.67 28.23 3.47
N ASP G 96 -51.34 28.60 2.24
CA ASP G 96 -52.33 28.90 1.19
C ASP G 96 -52.31 27.68 0.29
N ARG G 97 -53.47 27.39 -0.31
CA ARG G 97 -53.54 26.29 -1.25
C ARG G 97 -52.71 26.76 -2.43
N ASP G 98 -52.44 28.06 -2.45
CA ASP G 98 -51.60 28.71 -3.45
C ASP G 98 -50.14 28.23 -3.41
N MET G 99 -49.83 27.37 -2.44
CA MET G 99 -48.47 26.81 -2.28
C MET G 99 -48.59 25.53 -1.48
N THR H 1 -28.62 -5.57 2.04
CA THR H 1 -28.56 -5.49 3.54
C THR H 1 -27.56 -4.44 3.98
N ALA H 2 -27.80 -3.85 5.14
CA ALA H 2 -26.99 -2.76 5.64
C ALA H 2 -25.56 -3.17 5.99
N PHE H 3 -24.69 -2.18 6.05
CA PHE H 3 -23.33 -2.31 6.53
C PHE H 3 -23.28 -2.39 8.03
N THR H 4 -22.22 -3.01 8.55
CA THR H 4 -21.95 -2.95 9.99
C THR H 4 -20.75 -2.09 10.24
N ILE H 5 -20.93 -1.00 10.95
CA ILE H 5 -19.83 -0.03 11.04
C ILE H 5 -18.70 -0.41 12.00
N PRO H 6 -17.50 0.09 11.69
CA PRO H 6 -16.27 -0.01 12.44
C PRO H 6 -16.35 0.72 13.73
N SER H 7 -15.26 0.68 14.49
CA SER H 7 -15.12 1.52 15.66
C SER H 7 -14.38 2.78 15.31
N ILE H 8 -14.70 3.80 16.09
CA ILE H 8 -13.86 4.99 16.33
C ILE H 8 -14.57 6.25 15.80
N GLY I 1 -15.70 -26.96 6.99
CA GLY I 1 -17.05 -26.36 7.15
C GLY I 1 -18.13 -27.21 7.82
N GLU I 2 -18.09 -28.53 7.63
CA GLU I 2 -19.13 -29.43 8.21
C GLU I 2 -18.53 -30.61 9.00
N GLU I 3 -17.78 -31.44 8.29
CA GLU I 3 -16.90 -32.42 8.87
C GLU I 3 -15.50 -31.89 8.60
N ASP I 4 -14.51 -32.69 8.94
CA ASP I 4 -13.11 -32.28 8.97
C ASP I 4 -12.42 -33.65 9.02
N PRO I 5 -11.09 -33.71 9.27
CA PRO I 5 -10.18 -32.70 8.72
C PRO I 5 -10.09 -32.76 7.17
N GLN I 6 -10.05 -33.93 6.51
CA GLN I 6 -9.44 -35.16 7.03
C GLN I 6 -8.03 -34.70 7.37
N ALA I 7 -7.34 -35.49 8.19
CA ALA I 7 -5.95 -35.19 8.50
C ALA I 7 -5.17 -35.10 7.20
N LEU I 8 -4.24 -34.16 7.14
CA LEU I 8 -3.28 -34.17 6.07
C LEU I 8 -1.91 -34.49 6.68
N SER I 9 -1.36 -35.63 6.28
CA SER I 9 0.05 -35.90 6.52
C SER I 9 0.77 -35.60 5.21
N ILE I 10 1.80 -34.73 5.22
CA ILE I 10 2.77 -34.70 4.11
C ILE I 10 4.26 -34.79 4.54
N GLN I 11 5.12 -35.17 3.60
CA GLN I 11 6.55 -35.16 3.86
C GLN I 11 7.13 -33.75 3.87
N GLU I 12 8.06 -33.52 4.79
CA GLU I 12 8.73 -32.24 4.96
C GLU I 12 9.37 -31.78 3.67
N GLY I 13 9.25 -30.48 3.37
CA GLY I 13 9.77 -29.88 2.14
C GLY I 13 8.76 -29.81 0.99
N GLU I 14 7.77 -30.69 1.02
CA GLU I 14 6.82 -30.73 -0.08
C GLU I 14 5.54 -29.89 0.20
N ASN I 15 4.67 -29.71 -0.79
CA ASN I 15 3.60 -28.72 -0.62
C ASN I 15 2.25 -29.19 -0.07
N ALA I 16 1.85 -28.59 1.04
CA ALA I 16 0.52 -28.82 1.61
C ALA I 16 -0.48 -27.84 1.01
N THR I 17 -1.69 -28.36 0.74
CA THR I 17 -2.82 -27.59 0.21
C THR I 17 -4.11 -27.96 0.93
N MET I 18 -4.57 -27.07 1.79
CA MET I 18 -5.89 -27.20 2.41
C MET I 18 -7.03 -26.35 1.75
N ASN I 19 -8.23 -26.92 1.74
CA ASN I 19 -9.40 -26.29 1.15
C ASN I 19 -10.53 -26.25 2.16
N CYS I 20 -11.31 -25.18 2.14
CA CYS I 20 -12.52 -25.19 2.93
C CYS I 20 -13.62 -24.56 2.08
N SER I 21 -14.87 -24.65 2.57
CA SER I 21 -15.99 -24.06 1.90
C SER I 21 -16.83 -23.31 2.93
N TYR I 22 -17.13 -22.04 2.65
CA TYR I 22 -18.14 -21.29 3.41
C TYR I 22 -19.53 -21.46 2.81
N LYS I 23 -20.56 -21.46 3.68
CA LYS I 23 -21.98 -21.63 3.30
C LYS I 23 -22.70 -20.30 3.04
N THR I 24 -22.57 -19.40 4.01
CA THR I 24 -23.20 -18.07 4.06
C THR I 24 -23.16 -17.28 2.77
N SER I 25 -24.24 -16.49 2.54
CA SER I 25 -24.37 -15.54 1.40
C SER I 25 -22.97 -14.97 1.07
N ILE I 26 -22.73 -13.68 0.93
CA ILE I 26 -21.28 -13.40 0.74
C ILE I 26 -20.51 -13.55 2.07
N ASN I 27 -19.21 -13.27 2.01
CA ASN I 27 -18.50 -12.77 3.17
C ASN I 27 -17.84 -11.52 2.70
N ASN I 28 -17.64 -10.59 3.62
CA ASN I 28 -16.81 -9.49 3.31
C ASN I 28 -15.43 -10.03 3.00
N LEU I 29 -14.96 -10.95 3.85
CA LEU I 29 -13.58 -11.43 3.80
C LEU I 29 -13.49 -12.91 4.26
N GLN I 30 -12.44 -13.59 3.82
CA GLN I 30 -12.20 -14.95 4.18
C GLN I 30 -10.77 -15.08 4.69
N TRP I 31 -10.54 -15.94 5.68
CA TRP I 31 -9.16 -16.09 6.02
C TRP I 31 -8.77 -17.34 6.82
N TYR I 32 -7.48 -17.50 7.10
CA TYR I 32 -7.00 -18.76 7.60
C TYR I 32 -6.34 -18.60 8.96
N ARG I 33 -6.80 -19.42 9.89
CA ARG I 33 -6.23 -19.43 11.23
C ARG I 33 -5.43 -20.73 11.54
N GLN I 34 -4.29 -20.55 12.21
CA GLN I 34 -3.46 -21.67 12.65
C GLN I 34 -3.81 -21.94 14.11
N ASN I 35 -4.05 -23.21 14.47
CA ASN I 35 -4.40 -23.59 15.86
C ASN I 35 -3.47 -24.72 16.16
N SER I 36 -2.69 -24.55 17.22
CA SER I 36 -1.65 -25.47 17.54
C SER I 36 -1.85 -25.84 19.00
N GLY I 37 -1.23 -26.95 19.43
CA GLY I 37 -1.21 -27.43 20.83
C GLY I 37 -2.50 -27.14 21.54
N ARG I 38 -2.41 -26.73 22.80
CA ARG I 38 -3.57 -26.22 23.52
C ARG I 38 -3.86 -24.77 23.12
N GLY I 39 -2.80 -23.98 22.98
CA GLY I 39 -2.88 -22.52 22.92
C GLY I 39 -3.69 -21.82 21.85
N LEU I 40 -2.99 -21.53 20.75
CA LEU I 40 -3.26 -20.46 19.73
C LEU I 40 -4.64 -20.45 19.07
N VAL I 41 -4.92 -19.38 18.35
CA VAL I 41 -5.40 -19.46 16.95
C VAL I 41 -4.89 -18.16 16.35
N HIS I 42 -4.56 -18.11 15.04
CA HIS I 42 -4.44 -16.81 14.24
C HIS I 42 -4.38 -16.79 12.68
N LEU I 43 -3.81 -15.72 12.08
CA LEU I 43 -4.33 -15.18 10.80
C LEU I 43 -3.59 -15.33 9.42
N ILE I 44 -4.36 -15.06 8.32
CA ILE I 44 -4.07 -14.26 7.03
C ILE I 44 -5.34 -14.16 6.09
N LEU I 45 -5.57 -13.00 5.41
CA LEU I 45 -6.94 -12.57 4.87
C LEU I 45 -7.14 -12.29 3.36
N ILE I 46 -8.26 -12.75 2.77
CA ILE I 46 -8.63 -12.34 1.39
C ILE I 46 -10.03 -11.74 1.23
N ARG I 47 -10.16 -10.77 0.35
CA ARG I 47 -11.42 -10.08 0.19
C ARG I 47 -12.29 -10.79 -0.86
N SER I 48 -13.61 -10.61 -0.80
CA SER I 48 -14.53 -11.35 -1.69
C SER I 48 -14.55 -10.84 -3.13
N ASN I 49 -14.00 -9.64 -3.34
CA ASN I 49 -13.67 -9.13 -4.66
C ASN I 49 -12.29 -9.66 -5.10
N GLU I 50 -11.84 -10.75 -4.51
CA GLU I 50 -10.42 -10.97 -4.62
C GLU I 50 -9.73 -12.19 -5.23
N ARG I 51 -10.31 -13.30 -5.63
CA ARG I 51 -9.44 -14.33 -6.27
C ARG I 51 -8.18 -14.82 -5.46
N GLU I 52 -7.11 -14.01 -5.34
CA GLU I 52 -5.80 -14.54 -4.98
C GLU I 52 -4.83 -13.62 -4.23
N LYS I 53 -4.23 -14.15 -3.15
CA LYS I 53 -3.24 -13.42 -2.34
C LYS I 53 -2.05 -14.28 -1.81
N HIS I 54 -0.85 -13.69 -1.88
CA HIS I 54 0.38 -14.29 -1.45
C HIS I 54 0.90 -13.59 -0.23
N SER I 55 1.20 -14.34 0.83
CA SER I 55 2.13 -13.84 1.85
C SER I 55 3.19 -14.89 2.19
N GLY I 56 4.43 -14.45 2.32
CA GLY I 56 5.52 -15.39 2.61
C GLY I 56 5.34 -16.73 1.90
N ARG I 57 5.34 -17.85 2.62
CA ARG I 57 5.13 -19.15 1.99
C ARG I 57 3.67 -19.48 1.66
N LEU I 58 2.77 -18.55 2.01
CA LEU I 58 1.33 -18.74 1.87
C LEU I 58 0.77 -18.19 0.57
N ARG I 59 -0.18 -18.93 0.01
CA ARG I 59 -0.99 -18.44 -1.09
C ARG I 59 -2.43 -18.82 -0.83
N VAL I 60 -3.27 -17.78 -0.67
CA VAL I 60 -4.74 -17.94 -0.55
C VAL I 60 -5.41 -17.77 -1.90
N THR I 61 -6.49 -18.53 -2.07
CA THR I 61 -7.27 -18.55 -3.28
C THR I 61 -8.72 -18.50 -2.88
N LEU I 62 -9.49 -17.58 -3.49
CA LEU I 62 -10.92 -17.44 -3.18
C LEU I 62 -11.73 -17.69 -4.40
N ASP I 63 -12.59 -18.71 -4.34
CA ASP I 63 -13.55 -18.94 -5.42
C ASP I 63 -14.97 -18.61 -5.00
N THR I 64 -15.48 -17.59 -5.68
CA THR I 64 -16.63 -16.84 -5.27
C THR I 64 -17.93 -17.56 -5.60
N SER I 65 -17.88 -18.43 -6.61
CA SER I 65 -19.07 -19.13 -7.13
C SER I 65 -19.16 -20.51 -6.52
N LYS I 66 -18.03 -20.96 -5.99
CA LYS I 66 -17.92 -22.29 -5.43
C LYS I 66 -17.85 -22.14 -3.91
N LYS I 67 -17.92 -20.87 -3.46
CA LYS I 67 -17.73 -20.53 -2.05
C LYS I 67 -16.79 -21.55 -1.40
N SER I 68 -15.62 -21.70 -2.02
CA SER I 68 -14.55 -22.49 -1.51
C SER I 68 -13.26 -21.71 -1.64
N SER I 69 -12.33 -21.97 -0.73
CA SER I 69 -11.02 -21.33 -0.73
C SER I 69 -9.86 -22.36 -0.66
N SER I 70 -8.64 -21.91 -0.96
CA SER I 70 -7.49 -22.79 -1.04
C SER I 70 -6.27 -22.19 -0.40
N LEU I 71 -5.86 -22.76 0.74
CA LEU I 71 -4.60 -22.37 1.34
C LEU I 71 -3.51 -23.27 0.87
N LEU I 72 -2.37 -22.68 0.50
CA LEU I 72 -1.22 -23.43 -0.03
C LEU I 72 0.03 -23.03 0.73
N ILE I 73 0.61 -23.99 1.44
CA ILE I 73 1.90 -23.75 2.05
C ILE I 73 2.89 -24.35 1.07
N THR I 74 3.91 -23.59 0.65
CA THR I 74 5.00 -24.16 -0.16
C THR I 74 6.24 -24.41 0.71
N ALA I 75 6.87 -25.57 0.45
CA ALA I 75 7.94 -26.18 1.30
C ALA I 75 7.65 -26.26 2.80
N SER I 76 6.62 -27.02 3.12
CA SER I 76 6.16 -27.22 4.48
C SER I 76 7.28 -27.72 5.41
N ARG I 77 7.39 -27.02 6.53
CA ARG I 77 8.42 -27.22 7.53
C ARG I 77 7.74 -27.85 8.74
N ALA I 78 8.52 -28.40 9.67
CA ALA I 78 7.98 -28.91 10.91
C ALA I 78 7.16 -27.86 11.65
N ALA I 79 7.68 -26.64 11.74
CA ALA I 79 6.96 -25.55 12.43
C ALA I 79 5.52 -25.43 11.94
N ASP I 80 5.30 -25.68 10.64
CA ASP I 80 3.98 -25.58 10.02
C ASP I 80 2.96 -26.62 10.46
N THR I 81 3.36 -27.55 11.31
CA THR I 81 2.40 -28.54 11.82
C THR I 81 1.48 -27.86 12.82
N ALA I 82 0.21 -27.75 12.43
CA ALA I 82 -0.85 -27.32 13.33
C ALA I 82 -2.18 -27.67 12.67
N SER I 83 -3.29 -27.42 13.36
CA SER I 83 -4.60 -27.44 12.69
C SER I 83 -4.94 -26.08 12.05
N TYR I 84 -5.58 -26.13 10.88
CA TYR I 84 -5.85 -24.93 10.07
C TYR I 84 -7.35 -24.69 9.87
N PHE I 85 -7.83 -23.52 10.29
CA PHE I 85 -9.26 -23.21 10.24
C PHE I 85 -9.55 -22.01 9.36
N CYS I 86 -10.62 -22.12 8.56
CA CYS I 86 -11.16 -20.97 7.82
C CYS I 86 -11.93 -20.13 8.76
N ALA I 87 -11.93 -18.84 8.50
CA ALA I 87 -12.93 -17.99 9.13
C ALA I 87 -13.48 -16.95 8.13
N THR I 88 -14.81 -16.81 8.15
CA THR I 88 -15.53 -15.97 7.22
C THR I 88 -16.31 -14.94 8.01
N ASP I 89 -16.42 -13.72 7.46
CA ASP I 89 -17.23 -12.61 8.02
C ASP I 89 -18.50 -12.51 7.20
N ASP I 90 -19.52 -13.23 7.62
CA ASP I 90 -20.73 -13.44 6.81
C ASP I 90 -21.59 -12.19 6.53
N ASP I 91 -21.73 -11.66 5.32
CA ASP I 91 -22.53 -10.43 5.19
C ASP I 91 -21.88 -9.23 5.84
N SER I 92 -20.63 -9.38 6.28
CA SER I 92 -19.81 -8.24 6.71
C SER I 92 -20.29 -7.63 8.01
N ALA I 93 -21.07 -8.40 8.77
CA ALA I 93 -21.56 -8.00 10.09
C ALA I 93 -20.52 -8.51 11.02
N ARG I 94 -19.65 -7.67 11.54
CA ARG I 94 -18.30 -8.16 11.88
C ARG I 94 -18.05 -9.49 12.69
N GLN I 95 -18.97 -10.46 12.63
CA GLN I 95 -18.83 -11.69 13.43
C GLN I 95 -18.16 -12.78 12.61
N LEU I 96 -17.07 -13.35 13.11
CA LEU I 96 -16.34 -14.34 12.32
C LEU I 96 -16.87 -15.74 12.55
N THR I 97 -17.17 -16.43 11.46
CA THR I 97 -17.69 -17.77 11.53
C THR I 97 -16.58 -18.72 11.15
N PHE I 98 -16.25 -19.65 12.05
CA PHE I 98 -15.18 -20.61 11.79
C PHE I 98 -15.68 -21.95 11.25
N GLY I 99 -14.91 -22.57 10.37
CA GLY I 99 -15.18 -23.96 9.90
C GLY I 99 -14.54 -25.08 10.72
N SER I 100 -14.69 -26.31 10.24
CA SER I 100 -14.16 -27.51 10.93
C SER I 100 -12.63 -27.54 10.95
N GLY I 101 -12.00 -28.66 11.24
CA GLY I 101 -10.53 -28.63 11.22
C GLY I 101 -9.94 -29.06 9.89
N THR I 102 -8.72 -28.65 9.62
CA THR I 102 -7.84 -29.47 8.79
C THR I 102 -6.56 -29.65 9.59
N GLN I 103 -6.27 -30.90 9.94
CA GLN I 103 -5.20 -31.21 10.85
C GLN I 103 -3.98 -31.53 10.01
N LEU I 104 -3.03 -30.60 9.98
CA LEU I 104 -1.85 -30.74 9.13
C LEU I 104 -0.69 -31.33 9.93
N THR I 105 -0.05 -32.35 9.35
CA THR I 105 1.13 -32.97 9.96
C THR I 105 2.25 -33.13 8.94
N VAL I 106 3.26 -32.29 9.05
CA VAL I 106 4.47 -32.38 8.23
C VAL I 106 5.48 -33.26 8.97
N LEU I 107 5.74 -34.43 8.39
CA LEU I 107 6.54 -35.47 9.01
C LEU I 107 7.95 -35.40 8.45
N PRO I 108 8.96 -35.75 9.27
CA PRO I 108 10.33 -35.70 8.75
C PRO I 108 10.56 -36.78 7.70
N ASP I 109 11.20 -36.43 6.58
CA ASP I 109 11.86 -37.47 5.77
C ASP I 109 13.05 -38.02 6.53
N ILE I 110 13.01 -39.31 6.90
CA ILE I 110 14.15 -39.97 7.60
C ILE I 110 15.04 -40.74 6.63
N GLN I 111 16.21 -40.18 6.34
CA GLN I 111 17.11 -40.75 5.34
C GLN I 111 17.78 -42.03 5.81
N ASN I 112 17.97 -42.15 7.13
CA ASN I 112 18.67 -43.28 7.71
C ASN I 112 17.84 -44.09 8.72
N PRO I 113 16.90 -44.92 8.24
CA PRO I 113 16.08 -45.74 9.14
C PRO I 113 16.86 -46.81 9.89
N ASP I 114 16.70 -46.81 11.22
CA ASP I 114 17.24 -47.84 12.10
C ASP I 114 16.12 -48.45 12.97
N PRO I 115 15.10 -49.10 12.35
CA PRO I 115 14.01 -49.60 13.18
C PRO I 115 14.58 -50.49 14.30
N ALA I 116 14.32 -50.15 15.56
CA ALA I 116 14.94 -50.84 16.68
C ALA I 116 14.14 -50.74 17.97
N VAL I 117 13.44 -51.83 18.30
CA VAL I 117 12.67 -51.93 19.54
C VAL I 117 13.58 -52.38 20.70
N TYR I 118 13.54 -51.63 21.80
CA TYR I 118 14.30 -51.97 23.01
C TYR I 118 13.39 -52.01 24.25
N GLN I 119 13.89 -52.64 25.31
CA GLN I 119 13.30 -52.46 26.63
C GLN I 119 13.94 -51.22 27.28
N LEU I 120 13.20 -50.55 28.15
CA LEU I 120 13.74 -49.49 29.00
C LEU I 120 13.36 -49.89 30.41
N ARG I 121 14.31 -49.87 31.35
CA ARG I 121 13.96 -50.07 32.75
C ARG I 121 13.95 -48.80 33.60
N ASP I 122 12.86 -48.70 34.34
CA ASP I 122 12.49 -47.55 35.16
C ASP I 122 13.43 -47.39 36.32
N SER I 123 14.05 -46.22 36.40
CA SER I 123 14.89 -45.89 37.54
C SER I 123 14.10 -46.19 38.82
N LYS I 124 14.83 -46.55 39.87
CA LYS I 124 14.28 -47.01 41.16
C LYS I 124 13.59 -48.38 41.06
N SER I 125 12.96 -48.61 39.91
CA SER I 125 11.74 -49.39 39.86
C SER I 125 11.83 -50.79 39.20
N SER I 126 10.97 -51.69 39.70
CA SER I 126 11.02 -53.12 39.33
C SER I 126 10.04 -53.63 38.25
N ASP I 127 8.84 -53.07 38.15
CA ASP I 127 7.89 -53.50 37.09
C ASP I 127 8.54 -53.26 35.72
N LYS I 128 9.11 -54.26 35.08
CA LYS I 128 10.06 -53.95 33.98
C LYS I 128 9.54 -53.16 32.74
N SER I 129 8.96 -53.89 31.79
CA SER I 129 9.00 -53.53 30.36
C SER I 129 8.25 -52.28 29.87
N VAL I 130 9.03 -51.40 29.25
CA VAL I 130 8.51 -50.35 28.37
C VAL I 130 9.28 -50.46 27.06
N CYS I 131 8.66 -51.05 26.04
CA CYS I 131 9.30 -51.21 24.73
C CYS I 131 9.27 -49.92 23.86
N LEU I 132 10.44 -49.55 23.33
CA LEU I 132 10.60 -48.30 22.58
C LEU I 132 10.90 -48.51 21.10
N PHE I 133 9.86 -48.51 20.28
CA PHE I 133 10.02 -48.43 18.82
C PHE I 133 10.51 -47.01 18.47
N THR I 134 11.74 -46.92 18.00
CA THR I 134 12.36 -45.65 17.64
C THR I 134 13.16 -45.79 16.33
N ASP I 135 13.65 -44.66 15.84
CA ASP I 135 14.48 -44.58 14.63
C ASP I 135 13.90 -45.23 13.37
N PHE I 136 12.60 -45.46 13.34
CA PHE I 136 11.99 -46.07 12.16
C PHE I 136 11.71 -45.03 11.08
N ASP I 137 11.41 -45.53 9.89
CA ASP I 137 11.08 -44.70 8.74
C ASP I 137 9.80 -43.91 9.01
N SER I 138 9.64 -42.79 8.30
CA SER I 138 8.46 -41.94 8.45
C SER I 138 7.25 -42.49 7.71
N GLN I 139 7.46 -43.57 6.96
CA GLN I 139 6.41 -44.23 6.20
C GLN I 139 5.88 -45.43 6.96
N THR I 140 6.33 -45.60 8.20
CA THR I 140 5.83 -46.64 9.08
C THR I 140 4.65 -46.09 9.91
N ASN I 141 3.50 -46.74 9.81
CA ASN I 141 2.33 -46.45 10.63
C ASN I 141 2.22 -47.39 11.81
N VAL I 142 1.96 -46.82 12.99
CA VAL I 142 1.77 -47.60 14.20
C VAL I 142 0.27 -47.79 14.41
N SER I 143 -0.14 -49.04 14.62
CA SER I 143 -1.56 -49.37 14.70
C SER I 143 -2.05 -49.67 16.11
N GLN I 144 -3.36 -49.89 16.23
CA GLN I 144 -4.02 -50.03 17.53
C GLN I 144 -3.85 -51.43 18.12
N SER I 145 -3.19 -51.50 19.28
CA SER I 145 -2.93 -52.76 19.99
C SER I 145 -4.22 -53.49 20.37
N LYS I 146 -4.12 -54.81 20.36
CA LYS I 146 -5.26 -55.71 20.25
C LYS I 146 -5.93 -56.15 21.57
N ASP I 147 -5.28 -55.89 22.70
CA ASP I 147 -5.76 -56.44 23.99
C ASP I 147 -5.65 -55.57 25.24
N SER I 148 -6.50 -55.89 26.23
CA SER I 148 -6.56 -55.22 27.53
C SER I 148 -5.22 -54.65 27.98
N ASP I 149 -4.26 -55.54 28.13
CA ASP I 149 -2.94 -55.21 28.63
C ASP I 149 -2.13 -54.35 27.66
N VAL I 150 -2.23 -54.66 26.38
CA VAL I 150 -1.41 -54.05 25.33
C VAL I 150 -1.91 -52.66 24.96
N TYR I 151 -1.17 -51.62 25.33
CA TYR I 151 -1.40 -50.34 24.67
C TYR I 151 -0.18 -49.53 24.36
N ILE I 152 -0.28 -48.88 23.21
CA ILE I 152 0.81 -48.21 22.52
C ILE I 152 0.50 -46.72 22.27
N THR I 153 1.41 -45.83 22.65
CA THR I 153 1.28 -44.45 22.20
C THR I 153 1.65 -44.35 20.72
N ASP I 154 0.97 -43.46 20.01
CA ASP I 154 1.17 -43.36 18.57
C ASP I 154 2.43 -42.58 18.22
N LYS I 155 2.86 -42.71 16.96
CA LYS I 155 4.20 -42.27 16.57
C LYS I 155 4.44 -40.80 16.83
N CYS I 156 5.70 -40.48 17.12
CA CYS I 156 6.07 -39.14 17.45
C CYS I 156 7.49 -38.79 17.04
N VAL I 157 7.71 -37.52 16.77
CA VAL I 157 8.95 -37.01 16.21
C VAL I 157 9.69 -36.17 17.26
N LEU I 158 11.00 -36.34 17.35
CA LEU I 158 11.84 -35.50 18.19
C LEU I 158 12.99 -34.94 17.36
N ASP I 159 13.42 -33.71 17.69
CA ASP I 159 14.40 -32.95 16.90
C ASP I 159 15.51 -32.44 17.81
N MET I 160 16.71 -33.00 17.66
CA MET I 160 17.87 -32.45 18.37
C MET I 160 18.56 -31.49 17.41
N ARG I 161 18.03 -30.29 17.28
CA ARG I 161 18.60 -29.42 16.26
C ARG I 161 19.99 -28.92 16.65
N SER I 162 20.49 -29.29 17.84
CA SER I 162 21.89 -29.01 18.17
C SER I 162 22.78 -29.84 17.26
N MET I 163 22.41 -31.11 17.09
CA MET I 163 23.09 -31.99 16.16
C MET I 163 22.18 -32.41 15.02
N ASP I 164 21.33 -31.49 14.56
CA ASP I 164 20.46 -31.68 13.38
C ASP I 164 19.99 -33.13 13.19
N PHE I 165 19.27 -33.63 14.16
CA PHE I 165 18.83 -35.02 14.14
C PHE I 165 17.34 -35.10 14.41
N LYS I 166 16.67 -36.01 13.71
CA LYS I 166 15.25 -36.23 13.89
C LYS I 166 14.97 -37.72 13.84
N SER I 167 14.26 -38.23 14.83
CA SER I 167 13.90 -39.65 14.87
C SER I 167 12.46 -39.86 15.34
N ASN I 168 11.77 -40.81 14.71
CA ASN I 168 10.39 -41.13 15.09
C ASN I 168 10.41 -42.12 16.25
N SER I 169 9.34 -42.16 17.05
CA SER I 169 9.30 -43.03 18.24
C SER I 169 7.95 -43.13 18.95
N ALA I 170 7.40 -44.35 18.96
CA ALA I 170 6.22 -44.71 19.76
C ALA I 170 6.66 -45.56 20.95
N VAL I 171 5.81 -45.66 21.97
CA VAL I 171 6.17 -46.37 23.21
C VAL I 171 5.14 -47.45 23.57
N ALA I 172 5.59 -48.47 24.31
CA ALA I 172 4.72 -49.57 24.72
C ALA I 172 4.93 -50.01 26.17
N TRP I 173 3.84 -50.09 26.92
CA TRP I 173 3.89 -50.55 28.30
C TRP I 173 2.76 -51.54 28.57
N SER I 174 2.85 -52.19 29.73
CA SER I 174 2.02 -53.32 30.14
C SER I 174 2.63 -53.89 31.41
N ASN I 175 1.81 -54.55 32.23
CA ASN I 175 2.28 -55.13 33.51
C ASN I 175 2.30 -56.65 33.45
N LYS I 176 2.06 -57.18 32.26
CA LYS I 176 1.94 -58.61 31.99
C LYS I 176 3.31 -59.19 31.69
N SER I 177 3.44 -60.48 31.96
CA SER I 177 4.60 -61.26 31.56
C SER I 177 4.32 -62.07 30.28
N ASP I 178 3.04 -62.19 29.92
CA ASP I 178 2.65 -62.68 28.59
C ASP I 178 3.00 -61.61 27.56
N PHE I 179 3.71 -60.58 28.02
CA PHE I 179 4.16 -59.47 27.20
C PHE I 179 5.70 -59.34 27.22
N ALA I 180 6.29 -59.41 26.02
CA ALA I 180 7.67 -59.01 25.78
C ALA I 180 7.71 -58.01 24.61
N CYS I 181 8.91 -57.58 24.20
CA CYS I 181 9.03 -56.62 23.11
C CYS I 181 8.68 -57.21 21.74
N ALA I 182 8.98 -58.50 21.58
CA ALA I 182 8.71 -59.23 20.34
C ALA I 182 7.23 -59.19 19.96
N ASN I 183 6.33 -59.29 20.92
CA ASN I 183 4.91 -59.19 20.60
C ASN I 183 4.38 -57.75 20.56
N ALA I 184 5.07 -56.84 21.26
CA ALA I 184 4.65 -55.43 21.35
C ALA I 184 3.96 -54.89 20.09
N PHE I 185 4.64 -54.94 18.94
CA PHE I 185 4.12 -54.35 17.71
C PHE I 185 3.68 -55.38 16.69
N ASN I 186 2.71 -56.21 17.09
CA ASN I 186 2.24 -57.30 16.24
C ASN I 186 1.02 -56.94 15.43
N ASN I 187 0.56 -55.70 15.59
CA ASN I 187 -0.52 -55.16 14.77
C ASN I 187 -0.06 -54.12 13.72
N SER I 188 0.90 -53.28 14.08
CA SER I 188 1.47 -52.27 13.16
C SER I 188 2.37 -52.90 12.10
N ILE I 189 2.20 -52.51 10.84
CA ILE I 189 3.07 -53.00 9.77
C ILE I 189 4.51 -52.55 10.08
N ILE I 190 5.44 -53.50 9.94
CA ILE I 190 6.75 -53.43 10.59
C ILE I 190 7.97 -53.49 9.63
N PRO I 191 8.97 -52.61 9.86
CA PRO I 191 10.33 -52.86 9.34
C PRO I 191 11.16 -53.70 10.33
N GLU I 192 11.80 -54.76 9.83
CA GLU I 192 12.52 -55.73 10.68
C GLU I 192 13.94 -55.30 11.09
N ASP I 193 14.13 -55.07 12.39
CA ASP I 193 15.45 -54.80 13.01
C ASP I 193 15.32 -54.88 14.54
N THR I 194 15.93 -55.89 15.17
CA THR I 194 15.82 -56.05 16.64
C THR I 194 16.81 -55.17 17.41
N GLY J 2 -0.15 -10.11 24.65
CA GLY J 2 -1.45 -10.06 23.91
C GLY J 2 -2.56 -10.32 24.89
N VAL J 3 -3.51 -11.14 24.46
CA VAL J 3 -4.74 -11.35 25.19
C VAL J 3 -4.56 -12.44 26.25
N SER J 4 -4.60 -12.06 27.51
CA SER J 4 -4.43 -13.03 28.56
C SER J 4 -5.80 -13.43 29.12
N GLN J 5 -6.19 -14.69 28.94
CA GLN J 5 -7.35 -15.21 29.65
C GLN J 5 -6.96 -15.97 30.92
N THR J 6 -7.94 -16.06 31.82
CA THR J 6 -7.78 -16.59 33.17
C THR J 6 -8.95 -17.48 33.56
N PRO J 7 -8.70 -18.59 34.28
CA PRO J 7 -7.39 -19.16 34.56
C PRO J 7 -7.24 -20.35 33.63
N SER J 8 -6.03 -20.63 33.15
CA SER J 8 -5.89 -21.48 31.97
C SER J 8 -6.65 -22.80 32.02
N ASN J 9 -6.77 -23.33 33.25
CA ASN J 9 -7.49 -24.59 33.52
C ASN J 9 -8.53 -24.45 34.63
N LYS J 10 -9.76 -24.90 34.36
CA LYS J 10 -10.77 -25.02 35.39
C LYS J 10 -11.40 -26.41 35.44
N VAL J 11 -11.37 -27.03 36.63
CA VAL J 11 -11.92 -28.37 36.85
C VAL J 11 -12.97 -28.34 37.97
N THR J 12 -14.20 -28.67 37.59
CA THR J 12 -15.39 -28.44 38.41
C THR J 12 -16.44 -29.55 38.31
N GLU J 13 -17.46 -29.52 39.17
CA GLU J 13 -18.61 -30.43 39.04
C GLU J 13 -19.94 -29.74 38.61
N LYS J 14 -20.98 -30.54 38.32
CA LYS J 14 -22.29 -29.99 37.96
C LYS J 14 -22.77 -28.99 38.98
N GLY J 15 -23.69 -28.15 38.54
CA GLY J 15 -24.38 -27.18 39.39
C GLY J 15 -23.55 -26.05 39.96
N LYS J 16 -22.38 -25.77 39.40
CA LYS J 16 -21.51 -24.74 39.99
C LYS J 16 -21.40 -23.48 39.13
N TYR J 17 -20.94 -22.40 39.76
CA TYR J 17 -20.77 -21.13 39.12
C TYR J 17 -19.34 -20.89 38.70
N VAL J 18 -19.08 -20.78 37.39
CA VAL J 18 -17.72 -20.48 36.89
C VAL J 18 -17.61 -19.16 36.14
N GLU J 19 -16.45 -18.54 36.29
CA GLU J 19 -16.21 -17.14 35.97
C GLU J 19 -14.85 -16.97 35.31
N LEU J 20 -14.82 -17.12 34.00
CA LEU J 20 -13.57 -17.02 33.27
C LEU J 20 -13.27 -15.57 32.84
N ARG J 21 -12.03 -15.14 33.05
CA ARG J 21 -11.61 -13.76 32.80
C ARG J 21 -10.76 -13.72 31.54
N CYS J 22 -10.61 -12.52 30.99
CA CYS J 22 -9.87 -12.25 29.75
C CYS J 22 -9.51 -10.76 29.63
N ASP J 23 -8.21 -10.49 29.45
CA ASP J 23 -7.70 -9.13 29.37
C ASP J 23 -7.19 -8.92 27.93
N PRO J 24 -7.89 -8.09 27.12
CA PRO J 24 -7.59 -8.00 25.69
C PRO J 24 -6.62 -6.87 25.41
N ILE J 25 -6.26 -6.71 24.14
CA ILE J 25 -5.24 -5.75 23.74
C ILE J 25 -5.75 -4.35 24.05
N SER J 26 -4.87 -3.41 24.39
CA SER J 26 -5.32 -2.09 24.72
C SER J 26 -5.72 -1.36 23.47
N GLY J 27 -6.78 -0.56 23.57
CA GLY J 27 -7.29 0.18 22.43
C GLY J 27 -8.00 -0.72 21.44
N HIS J 28 -8.12 -2.02 21.74
CA HIS J 28 -8.98 -2.84 20.89
C HIS J 28 -10.43 -2.70 21.37
N THR J 29 -11.34 -2.22 20.52
CA THR J 29 -12.74 -2.04 20.93
C THR J 29 -13.56 -3.33 20.91
N ALA J 30 -13.37 -4.16 19.90
CA ALA J 30 -14.18 -5.35 19.80
C ALA J 30 -13.50 -6.47 20.60
N LEU J 31 -14.27 -7.18 21.43
CA LEU J 31 -13.76 -8.32 22.18
C LEU J 31 -14.75 -9.45 22.04
N TYR J 32 -14.31 -10.56 21.46
CA TYR J 32 -15.19 -11.69 21.26
C TYR J 32 -14.93 -12.77 22.28
N TRP J 33 -15.92 -13.62 22.52
CA TRP J 33 -15.70 -14.90 23.17
C TRP J 33 -16.14 -15.93 22.15
N TYR J 34 -15.35 -17.00 22.01
CA TYR J 34 -15.74 -18.20 21.30
C TYR J 34 -15.57 -19.35 22.26
N ARG J 35 -16.00 -20.53 21.84
CA ARG J 35 -15.75 -21.71 22.60
C ARG J 35 -15.49 -22.85 21.64
N GLN J 36 -14.73 -23.86 22.07
CA GLN J 36 -14.28 -24.91 21.18
C GLN J 36 -14.00 -26.17 21.99
N SER J 37 -14.20 -27.32 21.37
CA SER J 37 -14.00 -28.58 22.01
C SER J 37 -13.35 -29.56 21.05
N LEU J 38 -12.77 -30.63 21.60
CA LEU J 38 -11.96 -31.62 20.87
C LEU J 38 -12.23 -31.68 19.36
N GLY J 39 -11.23 -31.28 18.59
CA GLY J 39 -11.24 -31.35 17.12
C GLY J 39 -12.52 -30.85 16.46
N GLN J 40 -12.76 -29.55 16.62
CA GLN J 40 -13.91 -28.86 16.03
C GLN J 40 -13.62 -27.36 15.90
N GLY J 41 -14.43 -26.67 15.09
CA GLY J 41 -14.25 -25.22 14.88
C GLY J 41 -14.53 -24.50 16.17
N PRO J 42 -13.91 -23.34 16.41
CA PRO J 42 -14.41 -22.57 17.52
C PRO J 42 -15.80 -22.08 17.14
N GLU J 43 -16.67 -21.90 18.13
CA GLU J 43 -18.03 -21.44 17.86
C GLU J 43 -18.28 -20.08 18.48
N PHE J 44 -19.00 -19.23 17.74
CA PHE J 44 -19.30 -17.87 18.22
C PHE J 44 -20.15 -17.88 19.50
N LEU J 45 -19.85 -16.99 20.43
CA LEU J 45 -20.66 -16.91 21.64
C LEU J 45 -21.13 -15.49 21.88
N ILE J 46 -20.17 -14.57 21.96
CA ILE J 46 -20.48 -13.20 22.27
C ILE J 46 -19.44 -12.27 21.62
N TYR J 47 -19.86 -11.04 21.34
CA TYR J 47 -19.01 -10.03 20.72
C TYR J 47 -19.34 -8.63 21.24
N PHE J 48 -18.33 -7.94 21.79
CA PHE J 48 -18.51 -6.66 22.49
C PHE J 48 -17.94 -5.52 21.67
N GLN J 49 -18.53 -4.34 21.79
CA GLN J 49 -17.95 -3.08 21.28
C GLN J 49 -18.05 -2.12 22.45
N GLY J 50 -16.88 -1.75 22.99
CA GLY J 50 -16.78 -1.00 24.25
C GLY J 50 -17.42 -1.81 25.35
N THR J 51 -18.19 -1.16 26.21
CA THR J 51 -18.63 -1.83 27.41
C THR J 51 -19.94 -2.60 27.23
N GLY J 52 -20.25 -3.08 26.05
CA GLY J 52 -21.56 -3.71 25.91
C GLY J 52 -21.65 -4.61 24.72
N ALA J 53 -22.55 -5.58 24.82
CA ALA J 53 -22.72 -6.58 23.79
C ALA J 53 -23.38 -5.98 22.54
N ALA J 54 -22.82 -6.36 21.40
CA ALA J 54 -23.24 -5.94 20.09
C ALA J 54 -23.96 -7.11 19.45
N ASP J 55 -23.67 -8.29 20.00
CA ASP J 55 -24.14 -9.57 19.51
C ASP J 55 -23.80 -10.66 20.53
N ASP J 56 -24.87 -11.35 20.93
CA ASP J 56 -24.80 -12.42 21.88
C ASP J 56 -25.62 -13.63 21.40
N SER J 57 -25.75 -13.78 20.08
CA SER J 57 -26.52 -14.90 19.48
C SER J 57 -25.77 -16.25 19.57
N GLY J 58 -24.48 -16.18 19.90
CA GLY J 58 -23.69 -17.36 20.24
C GLY J 58 -24.09 -18.00 21.56
N LEU J 59 -24.21 -17.22 22.63
CA LEU J 59 -24.65 -17.75 23.93
C LEU J 59 -25.71 -18.82 23.73
N PRO J 60 -25.50 -20.01 24.32
CA PRO J 60 -26.52 -21.05 24.10
C PRO J 60 -27.69 -20.98 25.10
N ASN J 61 -27.48 -20.21 26.17
CA ASN J 61 -28.24 -20.38 27.43
C ASN J 61 -28.31 -19.13 28.25
N ASP J 62 -29.46 -18.90 28.87
CA ASP J 62 -29.57 -17.87 29.89
C ASP J 62 -28.57 -18.09 31.02
N ARG J 63 -27.91 -19.27 31.01
CA ARG J 63 -26.84 -19.58 31.96
C ARG J 63 -25.54 -18.83 31.63
N PHE J 64 -25.40 -18.39 30.38
CA PHE J 64 -24.20 -17.75 29.92
C PHE J 64 -24.34 -16.23 29.89
N PHE J 65 -23.28 -15.52 30.27
CA PHE J 65 -23.34 -14.07 30.39
C PHE J 65 -21.95 -13.50 30.55
N ALA J 66 -21.50 -12.71 29.59
CA ALA J 66 -20.25 -11.96 29.70
C ALA J 66 -20.51 -10.56 30.22
N VAL J 67 -19.44 -9.81 30.40
CA VAL J 67 -19.53 -8.43 30.87
C VAL J 67 -18.19 -7.79 30.49
N ARG J 68 -18.19 -6.46 30.31
CA ARG J 68 -16.96 -5.77 30.01
C ARG J 68 -17.01 -4.35 30.53
N PRO J 69 -17.26 -4.19 31.85
CA PRO J 69 -17.70 -2.95 32.49
C PRO J 69 -16.94 -1.70 32.09
N GLU J 70 -15.63 -1.84 32.09
CA GLU J 70 -14.68 -0.80 31.83
C GLU J 70 -14.34 -0.72 30.34
N GLY J 71 -14.97 -1.56 29.52
CA GLY J 71 -14.59 -1.64 28.11
C GLY J 71 -13.40 -2.55 27.86
N SER J 72 -12.58 -2.78 28.88
CA SER J 72 -11.36 -3.55 28.67
C SER J 72 -11.62 -5.02 28.96
N VAL J 73 -11.58 -5.38 30.24
CA VAL J 73 -11.53 -6.77 30.68
C VAL J 73 -12.93 -7.36 30.70
N SER J 74 -13.11 -8.46 29.99
CA SER J 74 -14.37 -9.17 29.98
C SER J 74 -14.34 -10.36 30.97
N THR J 75 -15.53 -10.89 31.28
CA THR J 75 -15.68 -12.06 32.13
C THR J 75 -16.88 -12.85 31.67
N LEU J 76 -16.67 -14.12 31.32
CA LEU J 76 -17.79 -15.03 31.08
C LEU J 76 -18.24 -15.63 32.42
N LYS J 77 -19.53 -15.51 32.71
CA LYS J 77 -20.12 -16.12 33.86
C LYS J 77 -20.96 -17.27 33.34
N ILE J 78 -20.70 -18.44 33.91
CA ILE J 78 -21.46 -19.65 33.59
C ILE J 78 -22.13 -20.09 34.86
N GLN J 79 -23.40 -20.47 34.74
CA GLN J 79 -24.22 -20.76 35.89
C GLN J 79 -24.60 -22.20 35.88
N ARG J 80 -24.69 -22.80 37.07
CA ARG J 80 -25.16 -24.17 37.22
C ARG J 80 -24.60 -25.04 36.12
N THR J 81 -23.31 -25.35 36.29
CA THR J 81 -22.54 -25.95 35.23
C THR J 81 -23.04 -27.35 34.89
N GLU J 82 -22.77 -27.74 33.64
CA GLU J 82 -23.20 -29.03 33.10
C GLU J 82 -22.00 -29.70 32.43
N ARG J 83 -21.96 -31.03 32.41
CA ARG J 83 -20.90 -31.71 31.67
C ARG J 83 -20.87 -31.11 30.28
N GLY J 84 -22.06 -30.91 29.69
CA GLY J 84 -22.22 -30.35 28.34
C GLY J 84 -21.41 -29.09 28.04
N ASP J 85 -21.15 -28.27 29.05
CA ASP J 85 -20.46 -27.00 28.90
C ASP J 85 -18.95 -27.13 28.82
N SER J 86 -18.46 -28.36 28.88
CA SER J 86 -17.03 -28.60 28.93
C SER J 86 -16.36 -28.28 27.62
N ALA J 87 -15.49 -27.29 27.63
CA ALA J 87 -14.67 -27.00 26.46
C ALA J 87 -13.64 -25.94 26.77
N VAL J 88 -12.84 -25.59 25.78
CA VAL J 88 -12.02 -24.40 25.91
C VAL J 88 -12.68 -23.15 25.26
N TYR J 89 -12.57 -22.07 26.03
CA TYR J 89 -13.29 -20.88 25.85
C TYR J 89 -12.26 -19.86 25.44
N LEU J 90 -12.36 -19.45 24.19
CA LEU J 90 -11.41 -18.53 23.61
C LEU J 90 -11.80 -17.06 23.73
N CYS J 91 -10.88 -16.25 24.25
CA CYS J 91 -11.10 -14.81 24.25
C CYS J 91 -10.34 -14.25 23.07
N ALA J 92 -11.06 -13.56 22.17
CA ALA J 92 -10.40 -12.87 21.06
C ALA J 92 -10.57 -11.35 21.20
N SER J 93 -9.77 -10.57 20.49
CA SER J 93 -10.09 -9.14 20.35
C SER J 93 -9.56 -8.51 19.08
N SER J 94 -10.39 -7.66 18.47
CA SER J 94 -10.09 -6.97 17.21
C SER J 94 -9.93 -5.48 17.46
N LEU J 95 -9.29 -4.76 16.55
CA LEU J 95 -9.10 -3.34 16.76
C LEU J 95 -10.39 -2.49 16.55
N THR J 96 -11.20 -2.82 15.54
CA THR J 96 -12.34 -1.96 15.16
C THR J 96 -13.65 -2.75 15.09
N GLY J 97 -13.52 -4.00 14.67
CA GLY J 97 -14.66 -4.86 14.51
C GLY J 97 -14.33 -5.72 13.33
N GLY J 98 -14.36 -7.03 13.57
CA GLY J 98 -14.05 -8.00 12.51
C GLY J 98 -12.60 -7.89 12.11
N GLY J 99 -12.32 -8.10 10.83
CA GLY J 99 -10.91 -8.14 10.44
C GLY J 99 -10.14 -9.09 11.35
N GLU J 100 -8.85 -8.86 11.55
CA GLU J 100 -8.01 -9.86 12.25
C GLU J 100 -8.16 -9.99 13.74
N LEU J 101 -8.51 -11.20 14.15
CA LEU J 101 -8.71 -11.55 15.56
C LEU J 101 -7.43 -12.00 16.33
N PHE J 102 -7.11 -11.27 17.39
CA PHE J 102 -6.08 -11.65 18.28
C PHE J 102 -6.70 -12.44 19.42
N PHE J 103 -6.51 -13.75 19.39
CA PHE J 103 -6.97 -14.61 20.47
C PHE J 103 -6.03 -14.55 21.65
N GLY J 104 -6.56 -14.87 22.81
CA GLY J 104 -5.74 -15.25 23.96
C GLY J 104 -5.62 -16.75 23.97
N GLU J 105 -4.92 -17.27 24.98
CA GLU J 105 -4.43 -18.67 24.99
C GLU J 105 -5.51 -19.70 25.32
N GLY J 106 -6.44 -19.34 26.18
CA GLY J 106 -7.58 -20.19 26.41
C GLY J 106 -7.88 -20.41 27.87
N SER J 107 -8.95 -21.15 28.10
CA SER J 107 -9.32 -21.62 29.41
C SER J 107 -10.10 -22.90 29.18
N ARG J 108 -9.40 -24.02 29.49
CA ARG J 108 -9.89 -25.38 29.37
C ARG J 108 -10.71 -25.64 30.60
N LEU J 109 -11.98 -25.93 30.39
CA LEU J 109 -12.94 -26.07 31.46
C LEU J 109 -13.61 -27.41 31.30
N THR J 110 -13.44 -28.26 32.30
CA THR J 110 -13.96 -29.60 32.29
C THR J 110 -14.99 -29.67 33.42
N VAL J 111 -16.21 -30.11 33.10
CA VAL J 111 -17.25 -30.32 34.10
C VAL J 111 -17.56 -31.78 34.23
N LEU J 112 -17.41 -32.30 35.44
CA LEU J 112 -17.50 -33.71 35.71
C LEU J 112 -18.82 -34.04 36.37
N GLU J 113 -19.31 -35.25 36.16
CA GLU J 113 -20.51 -35.72 36.85
C GLU J 113 -20.32 -35.72 38.37
N ASP J 114 -19.12 -36.07 38.81
CA ASP J 114 -18.81 -36.08 40.24
C ASP J 114 -17.39 -35.59 40.48
N LEU J 115 -17.13 -35.19 41.71
CA LEU J 115 -15.79 -34.82 42.09
C LEU J 115 -14.98 -36.06 42.60
N LYS J 116 -15.63 -37.24 42.54
CA LYS J 116 -15.14 -38.48 43.17
C LYS J 116 -14.08 -39.26 42.36
N ASN J 117 -14.08 -39.09 41.05
CA ASN J 117 -13.19 -39.86 40.18
C ASN J 117 -11.88 -39.18 39.71
N VAL J 118 -11.65 -37.93 40.13
CA VAL J 118 -10.41 -37.21 39.83
C VAL J 118 -9.22 -37.91 40.46
N PHE J 119 -8.21 -38.22 39.65
CA PHE J 119 -6.92 -38.67 40.17
C PHE J 119 -5.80 -37.93 39.46
N PRO J 120 -4.80 -37.49 40.22
CA PRO J 120 -3.55 -37.02 39.63
C PRO J 120 -2.79 -38.21 39.07
N PRO J 121 -1.72 -37.98 38.29
CA PRO J 121 -0.93 -39.09 37.77
C PRO J 121 0.10 -39.68 38.75
N GLU J 122 0.46 -40.95 38.53
CA GLU J 122 1.69 -41.57 39.04
C GLU J 122 2.78 -41.26 37.99
N VAL J 123 4.01 -41.03 38.42
CA VAL J 123 5.07 -40.64 37.47
C VAL J 123 6.33 -41.50 37.63
N ALA J 124 6.95 -41.81 36.50
CA ALA J 124 7.89 -42.91 36.38
C ALA J 124 8.88 -42.64 35.24
N VAL J 125 10.10 -42.26 35.57
CA VAL J 125 11.16 -42.20 34.55
C VAL J 125 11.83 -43.59 34.37
N PHE J 126 12.04 -43.95 33.11
CA PHE J 126 12.69 -45.19 32.70
C PHE J 126 13.97 -44.78 32.02
N GLU J 127 15.03 -45.53 32.29
CA GLU J 127 16.38 -45.23 31.83
C GLU J 127 16.61 -45.74 30.40
N PRO J 128 17.64 -45.23 29.70
CA PRO J 128 17.89 -45.70 28.34
C PRO J 128 18.55 -47.08 28.23
N SER J 129 18.43 -47.65 27.04
CA SER J 129 18.92 -48.97 26.68
C SER J 129 20.40 -48.88 26.32
N GLU J 130 21.17 -49.90 26.70
CA GLU J 130 22.55 -49.99 26.24
C GLU J 130 22.55 -50.50 24.81
N ALA J 131 21.67 -51.45 24.52
CA ALA J 131 21.41 -51.86 23.14
C ALA J 131 21.09 -50.65 22.20
N GLU J 132 20.52 -49.58 22.74
CA GLU J 132 20.46 -48.29 22.04
C GLU J 132 21.79 -47.53 22.12
N ILE J 133 22.45 -47.61 23.27
CA ILE J 133 23.69 -46.85 23.52
C ILE J 133 24.87 -47.40 22.72
N SER J 134 24.66 -48.58 22.14
CA SER J 134 25.65 -49.15 21.24
C SER J 134 25.27 -48.87 19.80
N HIS J 135 24.08 -49.30 19.41
CA HIS J 135 23.63 -49.28 18.01
C HIS J 135 23.31 -47.88 17.47
N THR J 136 23.16 -46.90 18.37
CA THR J 136 22.90 -45.52 17.95
C THR J 136 23.78 -44.51 18.67
N GLN J 137 24.38 -44.96 19.76
CA GLN J 137 25.26 -44.12 20.60
C GLN J 137 24.55 -42.97 21.31
N LYS J 138 23.23 -42.93 21.22
CA LYS J 138 22.43 -41.94 21.95
C LYS J 138 21.50 -42.57 23.01
N ALA J 139 21.16 -41.78 24.03
CA ALA J 139 20.34 -42.23 25.15
C ALA J 139 18.95 -41.59 25.17
N THR J 140 17.92 -42.40 24.99
CA THR J 140 16.52 -41.96 25.08
C THR J 140 15.96 -42.28 26.46
N LEU J 141 15.30 -41.30 27.08
CA LEU J 141 14.51 -41.60 28.27
C LEU J 141 13.04 -41.57 27.90
N VAL J 142 12.21 -42.33 28.61
CA VAL J 142 10.77 -42.33 28.39
C VAL J 142 10.10 -42.04 29.72
N CYS J 143 9.08 -41.20 29.67
CA CYS J 143 8.32 -40.85 30.86
C CYS J 143 6.89 -41.35 30.76
N LEU J 144 6.48 -42.17 31.72
CA LEU J 144 5.10 -42.64 31.73
C LEU J 144 4.31 -42.01 32.89
N ALA J 145 3.26 -41.26 32.55
CA ALA J 145 2.39 -40.70 33.56
C ALA J 145 1.11 -41.47 33.48
N THR J 146 0.73 -42.13 34.57
CA THR J 146 -0.40 -43.04 34.49
C THR J 146 -1.52 -42.78 35.48
N GLY J 147 -2.69 -43.36 35.19
CA GLY J 147 -3.88 -43.33 36.06
C GLY J 147 -4.26 -41.95 36.55
N PHE J 148 -4.33 -40.99 35.65
CA PHE J 148 -4.68 -39.61 36.01
C PHE J 148 -6.02 -39.18 35.40
N TYR J 149 -6.73 -38.27 36.10
CA TYR J 149 -8.05 -37.77 35.68
C TYR J 149 -8.37 -36.34 36.18
N PRO J 150 -8.83 -35.44 35.28
CA PRO J 150 -9.12 -35.66 33.87
C PRO J 150 -7.87 -35.45 33.05
N ASP J 151 -8.01 -35.35 31.73
CA ASP J 151 -6.82 -35.28 30.88
C ASP J 151 -6.16 -33.89 30.86
N HIS J 152 -6.21 -33.19 31.99
CA HIS J 152 -5.53 -31.91 32.19
C HIS J 152 -4.11 -32.10 32.75
N VAL J 153 -3.13 -32.29 31.86
CA VAL J 153 -1.73 -32.31 32.27
C VAL J 153 -0.81 -31.65 31.23
N GLU J 154 0.28 -31.04 31.70
CA GLU J 154 1.41 -30.71 30.83
C GLU J 154 2.73 -31.31 31.34
N LEU J 155 3.46 -31.94 30.44
CA LEU J 155 4.70 -32.54 30.84
C LEU J 155 5.87 -31.71 30.38
N SER J 156 6.62 -31.18 31.34
CA SER J 156 7.87 -30.49 31.06
C SER J 156 9.04 -31.39 31.45
N TRP J 157 10.01 -31.57 30.56
CA TRP J 157 11.28 -32.20 30.91
C TRP J 157 12.27 -31.14 31.44
N TRP J 158 13.18 -31.57 32.32
CA TRP J 158 14.16 -30.68 32.95
C TRP J 158 15.52 -31.35 33.07
N VAL J 159 16.51 -30.76 32.41
CA VAL J 159 17.88 -31.25 32.52
C VAL J 159 18.64 -30.44 33.57
N ASN J 160 18.87 -31.07 34.72
CA ASN J 160 19.82 -30.57 35.72
C ASN J 160 19.39 -29.27 36.45
N GLY J 161 18.12 -28.90 36.34
CA GLY J 161 17.64 -27.68 36.99
C GLY J 161 17.27 -26.59 35.99
N LYS J 162 17.43 -26.89 34.71
CA LYS J 162 16.91 -26.04 33.65
C LYS J 162 16.09 -26.85 32.65
N GLU J 163 15.02 -26.22 32.14
CA GLU J 163 14.04 -26.87 31.27
C GLU J 163 14.56 -26.91 29.86
N VAL J 164 14.45 -28.09 29.25
CA VAL J 164 14.99 -28.33 27.90
C VAL J 164 13.88 -28.57 26.87
N HIS J 165 13.84 -27.76 25.80
CA HIS J 165 12.82 -27.93 24.77
C HIS J 165 13.15 -28.91 23.61
N SER J 166 14.43 -29.11 23.32
CA SER J 166 14.83 -29.97 22.18
C SER J 166 15.37 -31.35 22.57
N GLY J 167 15.09 -32.32 21.69
CA GLY J 167 15.30 -33.74 21.98
C GLY J 167 13.99 -34.33 22.46
N VAL J 168 13.11 -33.45 22.92
CA VAL J 168 11.90 -33.82 23.61
C VAL J 168 10.73 -34.01 22.66
N CYS J 169 9.96 -35.07 22.90
CA CYS J 169 8.57 -35.18 22.40
C CYS J 169 7.64 -35.72 23.49
N THR J 170 6.38 -35.30 23.43
CA THR J 170 5.35 -35.92 24.23
C THR J 170 4.26 -36.27 23.24
N ASP J 171 3.32 -37.12 23.64
CA ASP J 171 2.19 -37.46 22.75
C ASP J 171 1.23 -36.28 22.72
N PRO J 172 0.64 -35.97 21.55
CA PRO J 172 -0.33 -34.87 21.53
C PRO J 172 -1.48 -35.07 22.52
N GLN J 173 -2.16 -36.20 22.41
CA GLN J 173 -3.33 -36.52 23.22
C GLN J 173 -3.03 -37.74 24.06
N PRO J 174 -3.35 -37.69 25.37
CA PRO J 174 -3.30 -38.93 26.16
C PRO J 174 -4.37 -39.88 25.64
N LEU J 175 -4.26 -41.18 25.93
CA LEU J 175 -5.38 -42.09 25.61
C LEU J 175 -5.77 -43.07 26.71
N LYS J 176 -7.06 -43.44 26.64
CA LYS J 176 -7.80 -44.13 27.69
C LYS J 176 -7.26 -45.50 28.06
N GLU J 177 -7.14 -45.74 29.36
CA GLU J 177 -6.76 -47.05 29.89
C GLU J 177 -7.91 -48.06 29.77
N GLN J 178 -9.12 -47.69 30.22
CA GLN J 178 -10.31 -48.54 29.99
C GLN J 178 -11.15 -47.84 28.94
N PRO J 179 -10.84 -48.06 27.66
CA PRO J 179 -11.37 -47.23 26.59
C PRO J 179 -12.80 -47.55 26.18
N ALA J 180 -13.49 -48.41 26.94
CA ALA J 180 -14.90 -48.69 26.68
C ALA J 180 -15.86 -47.62 27.24
N LEU J 181 -15.45 -46.91 28.30
CA LEU J 181 -16.25 -45.84 28.95
C LEU J 181 -15.67 -44.41 28.83
N ASN J 182 -16.55 -43.42 28.88
CA ASN J 182 -16.18 -42.01 28.71
C ASN J 182 -15.41 -41.43 29.89
N ASP J 183 -15.80 -41.90 31.07
CA ASP J 183 -14.98 -41.73 32.26
C ASP J 183 -13.99 -42.90 32.29
N SER J 184 -12.77 -42.62 31.85
CA SER J 184 -11.66 -43.55 31.91
C SER J 184 -10.40 -42.79 32.27
N ARG J 185 -9.60 -43.34 33.17
CA ARG J 185 -8.33 -42.73 33.58
C ARG J 185 -7.39 -42.71 32.40
N TYR J 186 -6.49 -41.75 32.40
CA TYR J 186 -5.78 -41.40 31.19
C TYR J 186 -4.33 -41.85 31.20
N ALA J 187 -3.75 -41.97 30.01
CA ALA J 187 -2.36 -42.37 29.87
C ALA J 187 -1.61 -41.56 28.82
N LEU J 188 -0.61 -40.81 29.29
CA LEU J 188 0.29 -40.03 28.44
C LEU J 188 1.78 -40.27 28.75
N SER J 189 2.59 -40.48 27.69
CA SER J 189 4.07 -40.70 27.80
C SER J 189 4.90 -39.64 27.05
N SER J 190 6.23 -39.69 27.18
CA SER J 190 7.12 -38.68 26.57
C SER J 190 8.58 -39.11 26.54
N ARG J 191 9.25 -38.82 25.42
CA ARG J 191 10.67 -39.12 25.29
C ARG J 191 11.55 -37.89 25.32
N LEU J 192 12.83 -38.11 25.55
CA LEU J 192 13.91 -37.13 25.47
C LEU J 192 15.21 -37.91 25.21
N ARG J 193 16.01 -37.40 24.29
CA ARG J 193 17.13 -38.11 23.76
C ARG J 193 18.32 -37.19 23.77
N VAL J 194 19.48 -37.71 24.15
CA VAL J 194 20.67 -36.88 24.17
C VAL J 194 21.88 -37.69 23.73
N SER J 195 23.08 -37.12 23.79
CA SER J 195 24.30 -37.87 23.50
C SER J 195 24.55 -39.00 24.53
N ALA J 196 25.16 -40.10 24.08
CA ALA J 196 25.68 -41.10 25.01
C ALA J 196 26.73 -40.45 25.90
N THR J 197 27.44 -39.48 25.33
CA THR J 197 28.37 -38.62 26.06
C THR J 197 27.67 -37.98 27.25
N PHE J 198 26.42 -37.58 27.04
CA PHE J 198 25.71 -36.77 28.01
C PHE J 198 25.20 -37.58 29.20
N TRP J 199 24.39 -38.61 28.93
CA TRP J 199 23.92 -39.53 29.98
C TRP J 199 25.07 -40.24 30.77
N GLN J 200 26.09 -40.68 30.05
CA GLN J 200 27.15 -41.47 30.65
C GLN J 200 27.97 -40.70 31.68
N ASP J 201 28.16 -39.40 31.47
CA ASP J 201 28.89 -38.56 32.43
C ASP J 201 28.07 -38.37 33.71
N PRO J 202 28.45 -39.11 34.77
CA PRO J 202 27.52 -39.42 35.86
C PRO J 202 26.87 -38.20 36.53
N ARG J 203 27.58 -37.07 36.55
CA ARG J 203 27.17 -35.91 37.36
C ARG J 203 26.01 -35.07 36.77
N ASN J 204 25.40 -35.58 35.69
CA ASN J 204 24.22 -34.98 35.03
C ASN J 204 22.89 -35.48 35.60
N HIS J 205 21.90 -34.58 35.73
CA HIS J 205 20.63 -34.91 36.39
C HIS J 205 19.39 -34.71 35.50
N PHE J 206 18.45 -35.64 35.60
CA PHE J 206 17.29 -35.76 34.72
C PHE J 206 15.99 -35.71 35.51
N ARG J 207 15.10 -34.79 35.16
CA ARG J 207 13.79 -34.78 35.82
C ARG J 207 12.64 -34.78 34.86
N CYS J 208 11.84 -35.85 34.89
CA CYS J 208 10.54 -35.78 34.24
C CYS J 208 9.56 -35.21 35.22
N GLN J 209 8.88 -34.14 34.78
CA GLN J 209 7.99 -33.34 35.61
C GLN J 209 6.61 -33.19 34.96
N VAL J 210 5.55 -33.54 35.68
CA VAL J 210 4.17 -33.49 35.14
C VAL J 210 3.20 -32.68 36.01
N GLN J 211 2.73 -31.56 35.48
CA GLN J 211 1.82 -30.67 36.20
C GLN J 211 0.34 -31.06 36.02
N PHE J 212 -0.28 -31.48 37.12
CA PHE J 212 -1.71 -31.81 37.14
C PHE J 212 -2.64 -30.57 37.17
N TYR J 213 -3.85 -30.68 36.60
CA TYR J 213 -4.89 -29.71 36.92
C TYR J 213 -6.13 -30.36 37.52
N GLY J 214 -6.32 -30.15 38.83
CA GLY J 214 -7.34 -30.90 39.52
C GLY J 214 -8.29 -30.07 40.33
N LEU J 215 -7.96 -29.89 41.60
CA LEU J 215 -8.90 -29.19 42.48
C LEU J 215 -8.24 -28.01 43.19
N SER J 216 -9.09 -27.09 43.60
CA SER J 216 -8.66 -25.84 44.19
C SER J 216 -9.34 -25.63 45.55
N GLU J 217 -8.80 -24.72 46.36
CA GLU J 217 -9.25 -24.50 47.74
C GLU J 217 -10.77 -24.33 47.94
N ASN J 218 -11.46 -23.82 46.93
CA ASN J 218 -12.92 -23.78 46.96
C ASN J 218 -13.62 -25.11 46.64
N ASP J 219 -12.94 -26.24 46.80
CA ASP J 219 -13.56 -27.55 46.58
C ASP J 219 -13.51 -28.46 47.80
N GLU J 220 -14.54 -29.30 47.93
CA GLU J 220 -14.71 -30.10 49.15
C GLU J 220 -13.86 -31.38 49.24
N TRP J 221 -13.64 -31.84 50.47
CA TRP J 221 -12.98 -33.11 50.71
C TRP J 221 -13.81 -34.02 51.63
N THR J 222 -14.51 -34.97 51.01
CA THR J 222 -15.39 -35.91 51.72
C THR J 222 -14.82 -37.33 51.69
N GLN J 223 -13.60 -37.46 51.19
CA GLN J 223 -13.10 -38.76 50.83
C GLN J 223 -12.14 -39.29 51.87
N ASP J 224 -11.58 -40.46 51.57
CA ASP J 224 -10.51 -41.02 52.33
C ASP J 224 -9.16 -40.69 51.68
N ARG J 225 -9.03 -40.92 50.38
CA ARG J 225 -7.73 -40.67 49.71
C ARG J 225 -7.29 -39.20 49.81
N ALA J 226 -6.02 -38.95 49.58
CA ALA J 226 -5.51 -37.59 49.56
C ALA J 226 -6.24 -36.81 48.44
N LYS J 227 -6.89 -35.70 48.82
CA LYS J 227 -7.71 -34.93 47.86
C LYS J 227 -6.87 -34.30 46.74
N PRO J 228 -7.20 -34.62 45.47
CA PRO J 228 -6.37 -34.32 44.31
C PRO J 228 -6.44 -32.84 43.89
N VAL J 229 -5.69 -32.05 44.66
CA VAL J 229 -5.44 -30.64 44.37
C VAL J 229 -4.61 -30.56 43.09
N THR J 230 -4.47 -29.35 42.58
CA THR J 230 -3.50 -29.11 41.55
C THR J 230 -2.12 -29.31 42.17
N GLN J 231 -1.32 -30.19 41.57
CA GLN J 231 0.07 -30.33 42.00
C GLN J 231 0.97 -30.72 40.84
N ILE J 232 2.27 -30.74 41.12
CA ILE J 232 3.28 -31.34 40.25
C ILE J 232 3.83 -32.70 40.77
N VAL J 233 3.87 -33.69 39.87
CA VAL J 233 4.37 -35.04 40.15
C VAL J 233 5.58 -35.38 39.27
N SER J 234 6.78 -35.40 39.87
CA SER J 234 8.02 -35.62 39.14
C SER J 234 8.60 -36.98 39.45
N ALA J 235 9.54 -37.45 38.62
CA ALA J 235 10.37 -38.66 38.86
C ALA J 235 11.79 -38.43 38.29
N GLU J 236 12.82 -38.73 39.07
CA GLU J 236 14.20 -38.33 38.74
C GLU J 236 15.12 -39.52 38.38
N ALA J 237 16.24 -39.23 37.71
CA ALA J 237 17.30 -40.19 37.37
C ALA J 237 18.63 -39.46 37.19
N TRP J 238 19.75 -40.17 37.45
CA TRP J 238 21.10 -39.64 37.19
C TRP J 238 21.81 -40.32 36.03
N GLY J 239 23.13 -40.11 35.94
CA GLY J 239 23.98 -40.77 34.96
C GLY J 239 24.61 -42.09 35.42
N ARG J 240 24.39 -43.13 34.61
CA ARG J 240 25.03 -44.43 34.76
C ARG J 240 26.31 -44.56 33.91
N ALA J 241 27.45 -44.75 34.58
CA ALA J 241 28.69 -45.16 33.93
C ALA J 241 28.65 -46.67 33.68
N ASP J 242 28.09 -47.40 34.63
CA ASP J 242 28.04 -48.87 34.62
C ASP J 242 27.44 -49.46 33.35
#